data_1EY3
#
_entry.id   1EY3
#
_cell.length_a   141.748
_cell.length_b   145.286
_cell.length_c   78.562
_cell.angle_alpha   90.00
_cell.angle_beta   90.00
_cell.angle_gamma   90.00
#
_symmetry.space_group_name_H-M   'P 21 21 21'
#
loop_
_entity.id
_entity.type
_entity.pdbx_description
1 polymer 'ENOYL-COA HYDRATASE'
2 non-polymer 4-(N,N-DIMETHYLAMINO)CINNAMOYL-COA
3 water water
#
_entity_poly.entity_id   1
_entity_poly.type   'polypeptide(L)'
_entity_poly.pdbx_seq_one_letter_code
;FQYIITEKKGKNSSVGLIQLNRPKALNALCNGLIEELNQALETFEEDPAVGAIVLTGGEKAFAAGADIKEMQNRTFQDCY
SGKFLSHWDHITRIKKPVIAAVNGYALGGGCELAMMCDIIYAGEKAQFGQPEILLGTIPGAGGTQRLTRAVGKSLAMEMV
LTGDRISAQDAKQAGLVSKIFPVETLVEEAIQCAEKIANNSKIIVAMAKESVNAAFEMTLTEGNKLEKKLFYSTFATDDR
REGMSAFVEKRKANFKDH
;
_entity_poly.pdbx_strand_id   A,B,C,D,E,F
#
# COMPACT_ATOMS: atom_id res chain seq x y z
N PHE A 1 -9.76 -1.92 -42.16
CA PHE A 1 -8.50 -1.76 -41.36
C PHE A 1 -7.27 -1.52 -42.23
N GLN A 2 -6.62 -0.39 -42.01
CA GLN A 2 -5.44 -0.01 -42.78
C GLN A 2 -4.09 -0.42 -42.18
N TYR A 3 -4.07 -0.84 -40.93
CA TYR A 3 -2.82 -1.24 -40.29
C TYR A 3 -2.81 -2.62 -39.64
N ILE A 4 -3.99 -3.21 -39.43
CA ILE A 4 -4.04 -4.53 -38.82
C ILE A 4 -4.92 -5.50 -39.59
N ILE A 5 -4.98 -6.73 -39.11
CA ILE A 5 -5.76 -7.78 -39.73
C ILE A 5 -6.36 -8.63 -38.62
N THR A 6 -7.68 -8.80 -38.63
CA THR A 6 -8.33 -9.61 -37.61
C THR A 6 -8.79 -10.94 -38.17
N GLU A 7 -8.87 -11.96 -37.31
CA GLU A 7 -9.28 -13.29 -37.71
C GLU A 7 -9.77 -14.16 -36.55
N LYS A 8 -10.65 -15.10 -36.86
CA LYS A 8 -11.15 -16.04 -35.87
C LYS A 8 -10.37 -17.31 -36.18
N LYS A 9 -9.69 -17.87 -35.19
CA LYS A 9 -8.87 -19.05 -35.46
C LYS A 9 -9.09 -20.27 -34.55
N GLY A 10 -10.02 -20.16 -33.60
CA GLY A 10 -10.26 -21.28 -32.70
C GLY A 10 -10.61 -22.58 -33.40
N LYS A 11 -10.77 -23.64 -32.62
CA LYS A 11 -11.15 -24.94 -33.17
C LYS A 11 -12.65 -24.84 -33.37
N ASN A 12 -13.22 -23.80 -32.76
CA ASN A 12 -14.64 -23.51 -32.85
C ASN A 12 -14.72 -22.04 -33.24
N SER A 13 -13.60 -21.52 -33.73
CA SER A 13 -13.50 -20.12 -34.13
C SER A 13 -13.62 -19.28 -32.86
N SER A 14 -13.22 -19.88 -31.75
CA SER A 14 -13.28 -19.27 -30.42
C SER A 14 -12.07 -18.40 -30.05
N VAL A 15 -11.13 -18.27 -30.98
CA VAL A 15 -9.94 -17.47 -30.72
C VAL A 15 -9.85 -16.29 -31.68
N GLY A 16 -9.74 -15.09 -31.12
CA GLY A 16 -9.63 -13.90 -31.95
C GLY A 16 -8.15 -13.55 -32.17
N LEU A 17 -7.74 -13.46 -33.43
CA LEU A 17 -6.36 -13.15 -33.76
C LEU A 17 -6.24 -11.75 -34.34
N ILE A 18 -5.32 -10.96 -33.79
CA ILE A 18 -5.09 -9.61 -34.28
C ILE A 18 -3.63 -9.55 -34.67
N GLN A 19 -3.35 -9.10 -35.90
CA GLN A 19 -1.99 -9.03 -36.39
C GLN A 19 -1.60 -7.61 -36.80
N LEU A 20 -0.62 -7.02 -36.11
CA LEU A 20 -0.16 -5.68 -36.45
C LEU A 20 0.44 -5.81 -37.84
N ASN A 21 -0.04 -4.99 -38.78
CA ASN A 21 0.42 -5.10 -40.16
C ASN A 21 0.95 -3.83 -40.80
N ARG A 22 2.03 -3.29 -40.25
CA ARG A 22 2.65 -2.11 -40.81
C ARG A 22 4.15 -2.40 -40.91
N PRO A 23 4.52 -3.27 -41.85
CA PRO A 23 5.85 -3.77 -42.19
C PRO A 23 6.94 -2.73 -42.40
N LYS A 24 6.60 -1.65 -43.09
CA LYS A 24 7.56 -0.60 -43.39
C LYS A 24 8.21 0.08 -42.18
N ALA A 25 7.41 0.35 -41.14
CA ALA A 25 7.95 0.99 -39.94
C ALA A 25 8.17 -0.02 -38.83
N LEU A 26 8.50 -1.25 -39.21
CA LEU A 26 8.72 -2.32 -38.25
C LEU A 26 7.58 -2.34 -37.23
N ASN A 27 6.36 -2.15 -37.73
CA ASN A 27 5.17 -2.13 -36.90
C ASN A 27 5.13 -1.00 -35.87
N ALA A 28 5.82 0.10 -36.16
CA ALA A 28 5.82 1.24 -35.24
C ALA A 28 4.35 1.57 -34.96
N LEU A 29 4.00 1.64 -33.68
CA LEU A 29 2.64 1.91 -33.28
C LEU A 29 2.22 3.37 -33.34
N CYS A 30 1.78 3.82 -34.51
CA CYS A 30 1.33 5.20 -34.66
C CYS A 30 -0.10 5.32 -34.13
N ASN A 31 -0.56 6.55 -33.96
CA ASN A 31 -1.89 6.80 -33.43
C ASN A 31 -3.01 6.07 -34.16
N GLY A 32 -2.91 6.01 -35.48
CA GLY A 32 -3.93 5.32 -36.26
C GLY A 32 -3.97 3.84 -35.97
N LEU A 33 -2.79 3.24 -35.83
CA LEU A 33 -2.70 1.82 -35.54
C LEU A 33 -3.36 1.52 -34.19
N ILE A 34 -3.04 2.31 -33.17
CA ILE A 34 -3.64 2.12 -31.85
C ILE A 34 -5.16 2.22 -31.95
N GLU A 35 -5.64 3.17 -32.77
CA GLU A 35 -7.07 3.36 -32.96
C GLU A 35 -7.73 2.05 -33.37
N GLU A 36 -7.19 1.45 -34.43
CA GLU A 36 -7.73 0.20 -34.96
C GLU A 36 -7.59 -0.94 -33.96
N LEU A 37 -6.43 -1.03 -33.33
CA LEU A 37 -6.17 -2.07 -32.36
C LEU A 37 -7.24 -2.10 -31.28
N ASN A 38 -7.60 -0.93 -30.76
CA ASN A 38 -8.64 -0.85 -29.73
C ASN A 38 -9.99 -1.27 -30.28
N GLN A 39 -10.23 -0.99 -31.57
CA GLN A 39 -11.48 -1.39 -32.20
C GLN A 39 -11.54 -2.91 -32.28
N ALA A 40 -10.47 -3.49 -32.83
CA ALA A 40 -10.37 -4.93 -32.98
C ALA A 40 -10.59 -5.60 -31.62
N LEU A 41 -9.92 -5.08 -30.59
CA LEU A 41 -10.05 -5.62 -29.24
C LEU A 41 -11.49 -5.55 -28.76
N GLU A 42 -12.12 -4.40 -28.95
CA GLU A 42 -13.51 -4.26 -28.54
C GLU A 42 -14.45 -5.23 -29.22
N THR A 43 -14.30 -5.43 -30.53
CA THR A 43 -15.17 -6.34 -31.25
C THR A 43 -15.05 -7.75 -30.69
N PHE A 44 -13.82 -8.22 -30.52
CA PHE A 44 -13.58 -9.56 -29.98
C PHE A 44 -14.10 -9.68 -28.56
N GLU A 45 -13.98 -8.59 -27.80
CA GLU A 45 -14.44 -8.58 -26.43
C GLU A 45 -15.95 -8.75 -26.39
N GLU A 46 -16.62 -8.18 -27.38
CA GLU A 46 -18.08 -8.23 -27.47
C GLU A 46 -18.62 -9.49 -28.11
N ASP A 47 -17.80 -10.14 -28.94
CA ASP A 47 -18.20 -11.38 -29.61
C ASP A 47 -18.28 -12.52 -28.59
N PRO A 48 -19.49 -13.03 -28.32
CA PRO A 48 -19.69 -14.12 -27.37
C PRO A 48 -19.15 -15.48 -27.82
N ALA A 49 -18.58 -15.53 -29.01
CA ALA A 49 -18.01 -16.77 -29.55
C ALA A 49 -16.52 -16.83 -29.23
N VAL A 50 -15.91 -15.65 -29.06
CA VAL A 50 -14.49 -15.55 -28.76
C VAL A 50 -14.22 -15.63 -27.25
N GLY A 51 -13.36 -16.55 -26.85
CA GLY A 51 -13.06 -16.71 -25.44
C GLY A 51 -11.67 -16.22 -25.06
N ALA A 52 -10.84 -15.97 -26.06
CA ALA A 52 -9.47 -15.50 -25.83
C ALA A 52 -8.97 -14.77 -27.08
N ILE A 53 -7.99 -13.88 -26.88
CA ILE A 53 -7.46 -13.10 -27.97
C ILE A 53 -5.95 -13.29 -28.10
N VAL A 54 -5.46 -13.41 -29.34
CA VAL A 54 -4.04 -13.56 -29.59
C VAL A 54 -3.57 -12.32 -30.35
N LEU A 55 -2.48 -11.73 -29.87
CA LEU A 55 -1.94 -10.53 -30.49
C LEU A 55 -0.52 -10.83 -30.97
N THR A 56 -0.28 -10.55 -32.25
CA THR A 56 1.05 -10.78 -32.81
C THR A 56 1.34 -9.77 -33.90
N GLY A 57 2.57 -9.76 -34.38
CA GLY A 57 2.94 -8.84 -35.44
C GLY A 57 3.58 -9.59 -36.59
N GLY A 58 4.68 -9.05 -37.11
CA GLY A 58 5.37 -9.70 -38.21
C GLY A 58 6.38 -10.72 -37.71
N GLU A 59 7.11 -11.36 -38.62
CA GLU A 59 8.12 -12.34 -38.22
C GLU A 59 9.39 -11.64 -37.78
N LYS A 60 9.65 -10.47 -38.37
CA LYS A 60 10.84 -9.69 -38.06
C LYS A 60 10.61 -8.72 -36.90
N ALA A 61 9.36 -8.34 -36.68
CA ALA A 61 9.04 -7.41 -35.61
C ALA A 61 7.62 -7.49 -35.08
N PHE A 62 7.49 -7.45 -33.77
CA PHE A 62 6.20 -7.45 -33.09
C PHE A 62 5.77 -5.99 -33.15
N ALA A 63 6.71 -5.11 -32.78
CA ALA A 63 6.49 -3.66 -32.78
C ALA A 63 7.78 -2.99 -32.31
N ALA A 64 8.28 -2.03 -33.08
CA ALA A 64 9.51 -1.34 -32.73
C ALA A 64 9.28 -0.17 -31.77
N GLY A 65 8.05 -0.04 -31.28
CA GLY A 65 7.74 1.04 -30.36
C GLY A 65 6.66 1.93 -30.93
N ALA A 66 6.40 3.06 -30.26
CA ALA A 66 5.41 3.99 -30.75
C ALA A 66 6.10 4.71 -31.92
N ASP A 67 5.34 5.44 -32.71
CA ASP A 67 5.94 6.14 -33.84
C ASP A 67 6.73 7.34 -33.37
N ILE A 68 8.05 7.25 -33.48
CA ILE A 68 8.94 8.32 -33.05
C ILE A 68 8.70 9.61 -33.82
N LYS A 69 8.39 9.49 -35.11
CA LYS A 69 8.14 10.67 -35.93
C LYS A 69 6.87 11.41 -35.53
N GLU A 70 5.92 10.72 -34.92
CA GLU A 70 4.67 11.37 -34.50
C GLU A 70 4.81 12.13 -33.18
N MET A 71 5.87 11.86 -32.43
CA MET A 71 6.05 12.55 -31.16
C MET A 71 7.28 13.44 -31.15
N GLN A 72 8.02 13.45 -32.27
CA GLN A 72 9.22 14.27 -32.40
C GLN A 72 9.00 15.74 -32.09
N ASN A 73 7.94 16.32 -32.63
CA ASN A 73 7.65 17.72 -32.39
C ASN A 73 6.43 17.94 -31.53
N ARG A 74 6.53 17.49 -30.29
CA ARG A 74 5.44 17.65 -29.33
C ARG A 74 5.99 18.36 -28.11
N THR A 75 5.11 19.07 -27.42
CA THR A 75 5.51 19.84 -26.24
C THR A 75 5.06 19.23 -24.93
N PHE A 76 5.61 19.74 -23.83
CA PHE A 76 5.26 19.29 -22.49
C PHE A 76 3.76 19.51 -22.31
N GLN A 77 3.29 20.65 -22.81
CA GLN A 77 1.88 20.99 -22.72
C GLN A 77 1.07 20.09 -23.64
N ASP A 78 1.72 19.55 -24.66
CA ASP A 78 1.03 18.65 -25.58
C ASP A 78 0.65 17.41 -24.80
N CYS A 79 1.44 17.11 -23.77
CA CYS A 79 1.20 15.96 -22.93
C CYS A 79 -0.05 16.17 -22.09
N TYR A 80 -0.15 17.34 -21.48
CA TYR A 80 -1.29 17.67 -20.65
C TYR A 80 -2.44 18.20 -21.50
N SER A 81 -2.28 18.11 -22.82
CA SER A 81 -3.31 18.59 -23.74
C SER A 81 -4.54 17.73 -23.53
N GLY A 82 -4.31 16.44 -23.51
CA GLY A 82 -5.40 15.50 -23.32
C GLY A 82 -5.43 14.42 -24.38
N LYS A 83 -4.79 14.68 -25.52
CA LYS A 83 -4.80 13.69 -26.58
C LYS A 83 -3.49 13.45 -27.31
N PHE A 84 -2.45 13.12 -26.54
CA PHE A 84 -1.14 12.79 -27.08
C PHE A 84 -0.83 11.40 -26.52
N LEU A 85 -0.67 10.43 -27.40
CA LEU A 85 -0.41 9.06 -26.97
C LEU A 85 -1.54 8.66 -26.03
N SER A 86 -2.76 8.89 -26.48
CA SER A 86 -3.93 8.55 -25.70
C SER A 86 -4.44 7.15 -26.07
N HIS A 87 -5.20 6.56 -25.16
CA HIS A 87 -5.80 5.24 -25.37
C HIS A 87 -4.79 4.11 -25.52
N TRP A 88 -3.65 4.20 -24.85
CA TRP A 88 -2.67 3.14 -24.98
C TRP A 88 -2.91 1.96 -24.05
N ASP A 89 -3.70 2.16 -23.00
CA ASP A 89 -3.95 1.09 -22.05
C ASP A 89 -5.36 0.50 -22.10
N HIS A 90 -6.04 0.69 -23.22
CA HIS A 90 -7.38 0.15 -23.38
C HIS A 90 -7.32 -1.36 -23.21
N ILE A 91 -6.21 -1.95 -23.65
CA ILE A 91 -6.02 -3.39 -23.56
C ILE A 91 -6.07 -3.92 -22.11
N THR A 92 -5.73 -3.07 -21.14
CA THR A 92 -5.74 -3.49 -19.75
C THR A 92 -7.17 -3.54 -19.21
N ARG A 93 -8.12 -3.06 -20.02
CA ARG A 93 -9.54 -3.06 -19.62
C ARG A 93 -10.30 -4.27 -20.17
N ILE A 94 -9.72 -4.95 -21.16
CA ILE A 94 -10.35 -6.12 -21.74
C ILE A 94 -10.49 -7.20 -20.66
N LYS A 95 -11.70 -7.73 -20.47
CA LYS A 95 -11.92 -8.76 -19.46
C LYS A 95 -11.43 -10.15 -19.88
N LYS A 96 -11.44 -10.42 -21.19
CA LYS A 96 -11.01 -11.71 -21.72
C LYS A 96 -9.49 -11.80 -21.78
N PRO A 97 -8.95 -13.02 -21.65
CA PRO A 97 -7.49 -13.22 -21.69
C PRO A 97 -6.91 -12.78 -23.03
N VAL A 98 -5.69 -12.22 -22.99
CA VAL A 98 -5.00 -11.78 -24.19
C VAL A 98 -3.58 -12.34 -24.18
N ILE A 99 -3.24 -13.11 -25.20
CA ILE A 99 -1.91 -13.69 -25.33
C ILE A 99 -1.12 -12.92 -26.38
N ALA A 100 0.12 -12.58 -26.06
CA ALA A 100 0.97 -11.87 -26.99
C ALA A 100 1.93 -12.90 -27.57
N ALA A 101 1.95 -13.01 -28.89
CA ALA A 101 2.83 -13.94 -29.58
C ALA A 101 3.91 -13.05 -30.17
N VAL A 102 5.07 -13.02 -29.53
CA VAL A 102 6.13 -12.14 -29.97
C VAL A 102 7.26 -12.74 -30.79
N ASN A 103 7.35 -12.30 -32.05
CA ASN A 103 8.41 -12.72 -32.94
C ASN A 103 9.25 -11.48 -33.23
N GLY A 104 10.56 -11.65 -33.30
CA GLY A 104 11.42 -10.52 -33.58
C GLY A 104 11.40 -9.40 -32.55
N TYR A 105 11.59 -8.18 -33.04
CA TYR A 105 11.64 -6.98 -32.22
C TYR A 105 10.37 -6.61 -31.45
N ALA A 106 10.56 -6.34 -30.17
CA ALA A 106 9.51 -5.90 -29.25
C ALA A 106 10.23 -4.86 -28.41
N LEU A 107 10.26 -3.64 -28.93
CA LEU A 107 10.97 -2.55 -28.27
C LEU A 107 10.08 -1.40 -27.84
N GLY A 108 10.48 -0.73 -26.77
CA GLY A 108 9.73 0.40 -26.25
C GLY A 108 8.25 0.10 -26.11
N GLY A 109 7.43 0.90 -26.78
CA GLY A 109 5.98 0.69 -26.72
C GLY A 109 5.59 -0.72 -27.11
N GLY A 110 6.43 -1.37 -27.92
CA GLY A 110 6.14 -2.71 -28.36
C GLY A 110 6.30 -3.68 -27.21
N CYS A 111 7.39 -3.52 -26.47
CA CYS A 111 7.67 -4.36 -25.33
C CYS A 111 6.58 -4.12 -24.27
N GLU A 112 6.22 -2.85 -24.09
CA GLU A 112 5.20 -2.48 -23.12
C GLU A 112 3.82 -3.02 -23.49
N LEU A 113 3.55 -3.12 -24.78
CA LEU A 113 2.26 -3.64 -25.24
C LEU A 113 2.20 -5.12 -24.89
N ALA A 114 3.31 -5.82 -25.12
CA ALA A 114 3.39 -7.24 -24.81
C ALA A 114 3.19 -7.48 -23.31
N MET A 115 3.82 -6.65 -22.48
CA MET A 115 3.70 -6.81 -21.03
C MET A 115 2.29 -6.50 -20.50
N MET A 116 1.51 -5.77 -21.30
CA MET A 116 0.14 -5.45 -20.90
C MET A 116 -0.76 -6.67 -21.09
N CYS A 117 -0.33 -7.58 -21.96
CA CYS A 117 -1.09 -8.78 -22.21
C CYS A 117 -0.95 -9.69 -21.00
N ASP A 118 -1.81 -10.69 -20.89
CA ASP A 118 -1.77 -11.59 -19.76
C ASP A 118 -0.67 -12.64 -19.85
N ILE A 119 -0.44 -13.13 -21.06
CA ILE A 119 0.58 -14.15 -21.27
C ILE A 119 1.43 -13.79 -22.47
N ILE A 120 2.72 -14.11 -22.40
CA ILE A 120 3.61 -13.81 -23.51
C ILE A 120 4.35 -15.07 -24.00
N TYR A 121 4.26 -15.32 -25.30
CA TYR A 121 4.96 -16.44 -25.92
C TYR A 121 5.95 -15.76 -26.86
N ALA A 122 7.21 -16.18 -26.83
CA ALA A 122 8.21 -15.57 -27.68
C ALA A 122 8.81 -16.55 -28.67
N GLY A 123 9.13 -16.05 -29.87
CA GLY A 123 9.76 -16.89 -30.89
C GLY A 123 11.23 -16.97 -30.54
N GLU A 124 11.91 -18.02 -30.99
CA GLU A 124 13.33 -18.19 -30.69
C GLU A 124 14.20 -16.96 -30.99
N LYS A 125 13.78 -16.14 -31.95
CA LYS A 125 14.56 -14.96 -32.34
C LYS A 125 14.01 -13.64 -31.82
N ALA A 126 13.06 -13.71 -30.90
CA ALA A 126 12.47 -12.49 -30.36
C ALA A 126 13.50 -11.72 -29.53
N GLN A 127 13.31 -10.41 -29.46
CA GLN A 127 14.19 -9.56 -28.69
C GLN A 127 13.36 -8.51 -27.96
N PHE A 128 13.63 -8.33 -26.68
CA PHE A 128 12.91 -7.34 -25.88
C PHE A 128 13.85 -6.25 -25.42
N GLY A 129 13.32 -5.04 -25.33
CA GLY A 129 14.13 -3.92 -24.88
C GLY A 129 13.34 -2.64 -24.66
N GLN A 130 13.93 -1.73 -23.91
CA GLN A 130 13.34 -0.42 -23.61
C GLN A 130 14.42 0.59 -23.95
N PRO A 131 14.53 0.96 -25.23
CA PRO A 131 15.54 1.92 -25.68
C PRO A 131 15.18 3.39 -25.55
N GLU A 132 14.09 3.68 -24.85
CA GLU A 132 13.65 5.06 -24.67
C GLU A 132 14.81 5.97 -24.23
N ILE A 133 15.62 5.47 -23.32
CA ILE A 133 16.75 6.26 -22.81
C ILE A 133 17.66 6.79 -23.93
N LEU A 134 17.78 6.03 -25.02
CA LEU A 134 18.64 6.42 -26.14
C LEU A 134 18.03 7.59 -26.92
N LEU A 135 16.73 7.81 -26.76
CA LEU A 135 16.05 8.90 -27.44
C LEU A 135 15.89 10.12 -26.51
N GLY A 136 16.53 10.05 -25.35
CA GLY A 136 16.42 11.14 -24.41
C GLY A 136 15.08 11.20 -23.69
N THR A 137 14.46 10.03 -23.47
CA THR A 137 13.20 9.97 -22.76
C THR A 137 13.17 8.65 -21.93
N ILE A 138 12.07 8.37 -21.25
CA ILE A 138 11.97 7.15 -20.45
C ILE A 138 10.72 6.39 -20.84
N PRO A 139 10.63 5.11 -20.44
CA PRO A 139 9.44 4.30 -20.75
C PRO A 139 8.21 5.01 -20.18
N GLY A 140 7.13 5.09 -20.96
CA GLY A 140 5.95 5.78 -20.48
C GLY A 140 4.68 4.98 -20.58
N ALA A 141 4.82 3.66 -20.75
CA ALA A 141 3.65 2.80 -20.84
C ALA A 141 3.86 1.54 -20.02
N GLY A 142 4.50 1.69 -18.86
CA GLY A 142 4.72 0.56 -17.96
C GLY A 142 6.07 -0.11 -18.02
N GLY A 143 6.96 0.40 -18.85
CA GLY A 143 8.29 -0.20 -18.96
C GLY A 143 9.15 -0.20 -17.72
N THR A 144 8.89 0.70 -16.78
CA THR A 144 9.69 0.74 -15.56
C THR A 144 8.93 0.07 -14.43
N GLN A 145 7.68 -0.29 -14.69
CA GLN A 145 6.84 -0.93 -13.69
C GLN A 145 6.61 -2.42 -13.90
N ARG A 146 5.99 -2.78 -15.01
CA ARG A 146 5.71 -4.20 -15.29
C ARG A 146 7.00 -4.98 -15.53
N LEU A 147 7.99 -4.33 -16.14
CA LEU A 147 9.25 -4.98 -16.42
C LEU A 147 9.95 -5.32 -15.11
N THR A 148 10.10 -4.32 -14.26
CA THR A 148 10.75 -4.48 -12.97
C THR A 148 10.10 -5.56 -12.10
N ARG A 149 8.77 -5.59 -12.08
CA ARG A 149 8.06 -6.56 -11.27
C ARG A 149 8.24 -8.00 -11.77
N ALA A 150 8.53 -8.16 -13.04
CA ALA A 150 8.70 -9.50 -13.60
C ALA A 150 10.15 -9.98 -13.59
N VAL A 151 11.02 -9.08 -13.98
CA VAL A 151 12.44 -9.37 -14.15
C VAL A 151 13.41 -9.09 -12.99
N GLY A 152 13.00 -8.26 -12.03
CA GLY A 152 13.89 -7.96 -10.92
C GLY A 152 14.57 -6.62 -11.14
N LYS A 153 15.00 -5.98 -10.06
CA LYS A 153 15.63 -4.66 -10.16
C LYS A 153 16.90 -4.56 -11.01
N SER A 154 17.83 -5.50 -10.84
CA SER A 154 19.09 -5.43 -11.57
C SER A 154 18.93 -5.46 -13.08
N LEU A 155 18.21 -6.45 -13.60
CA LEU A 155 18.04 -6.53 -15.04
C LEU A 155 17.17 -5.37 -15.57
N ALA A 156 16.15 -4.97 -14.81
CA ALA A 156 15.29 -3.88 -15.24
C ALA A 156 16.08 -2.57 -15.31
N MET A 157 16.91 -2.33 -14.31
CA MET A 157 17.75 -1.12 -14.29
C MET A 157 18.73 -1.14 -15.46
N GLU A 158 19.34 -2.30 -15.70
CA GLU A 158 20.30 -2.40 -16.78
C GLU A 158 19.62 -2.13 -18.12
N MET A 159 18.45 -2.73 -18.32
CA MET A 159 17.72 -2.56 -19.57
C MET A 159 17.27 -1.12 -19.80
N VAL A 160 16.66 -0.53 -18.79
CA VAL A 160 16.17 0.85 -18.91
C VAL A 160 17.25 1.92 -18.97
N LEU A 161 18.36 1.73 -18.26
CA LEU A 161 19.42 2.74 -18.26
C LEU A 161 20.43 2.64 -19.40
N THR A 162 20.56 1.47 -20.02
CA THR A 162 21.50 1.31 -21.12
C THR A 162 20.80 1.23 -22.46
N GLY A 163 19.60 0.66 -22.47
CA GLY A 163 18.87 0.53 -23.71
C GLY A 163 19.15 -0.80 -24.38
N ASP A 164 20.00 -1.63 -23.76
CA ASP A 164 20.35 -2.94 -24.32
C ASP A 164 19.15 -3.88 -24.41
N ARG A 165 19.17 -4.72 -25.43
CA ARG A 165 18.09 -5.67 -25.67
C ARG A 165 18.46 -6.99 -25.00
N ILE A 166 17.45 -7.83 -24.77
CA ILE A 166 17.70 -9.15 -24.20
C ILE A 166 17.04 -10.15 -25.12
N SER A 167 17.58 -11.37 -25.14
CA SER A 167 17.06 -12.42 -26.00
C SER A 167 15.82 -13.07 -25.41
N ALA A 168 15.18 -13.94 -26.20
CA ALA A 168 13.99 -14.65 -25.78
C ALA A 168 14.34 -15.56 -24.61
N GLN A 169 15.52 -16.18 -24.70
CA GLN A 169 16.00 -17.08 -23.66
C GLN A 169 16.12 -16.33 -22.34
N ASP A 170 16.72 -15.14 -22.38
CA ASP A 170 16.89 -14.33 -21.19
C ASP A 170 15.52 -13.96 -20.63
N ALA A 171 14.60 -13.60 -21.52
CA ALA A 171 13.27 -13.21 -21.12
C ALA A 171 12.52 -14.33 -20.42
N LYS A 172 12.72 -15.56 -20.91
CA LYS A 172 12.04 -16.70 -20.31
C LYS A 172 12.65 -17.01 -18.94
N GLN A 173 13.98 -16.97 -18.87
CA GLN A 173 14.66 -17.24 -17.61
C GLN A 173 14.27 -16.23 -16.53
N ALA A 174 14.15 -14.96 -16.91
CA ALA A 174 13.80 -13.91 -15.98
C ALA A 174 12.31 -13.85 -15.62
N GLY A 175 11.49 -14.60 -16.35
CA GLY A 175 10.06 -14.62 -16.08
C GLY A 175 9.22 -13.64 -16.88
N LEU A 176 9.84 -12.94 -17.84
CA LEU A 176 9.13 -11.97 -18.66
C LEU A 176 8.13 -12.69 -19.56
N VAL A 177 8.57 -13.81 -20.14
CA VAL A 177 7.73 -14.61 -21.03
C VAL A 177 7.66 -16.02 -20.43
N SER A 178 6.58 -16.74 -20.69
CA SER A 178 6.45 -18.07 -20.11
C SER A 178 6.79 -19.23 -21.01
N LYS A 179 6.92 -18.98 -22.32
CA LYS A 179 7.28 -20.05 -23.25
C LYS A 179 7.93 -19.55 -24.54
N ILE A 180 8.89 -20.33 -25.02
CA ILE A 180 9.61 -20.02 -26.25
C ILE A 180 9.30 -21.10 -27.28
N PHE A 181 9.03 -20.68 -28.50
CA PHE A 181 8.72 -21.62 -29.59
C PHE A 181 9.44 -21.20 -30.85
N PRO A 182 9.58 -22.15 -31.80
CA PRO A 182 10.25 -21.85 -33.07
C PRO A 182 9.50 -20.72 -33.79
N VAL A 183 10.23 -19.88 -34.50
CA VAL A 183 9.61 -18.76 -35.20
C VAL A 183 8.36 -19.16 -36.01
N GLU A 184 8.42 -20.30 -36.69
CA GLU A 184 7.31 -20.76 -37.54
C GLU A 184 6.06 -21.28 -36.83
N THR A 185 6.22 -21.82 -35.64
CA THR A 185 5.10 -22.41 -34.91
C THR A 185 4.59 -21.54 -33.77
N LEU A 186 5.25 -20.39 -33.55
CA LEU A 186 4.86 -19.48 -32.47
C LEU A 186 3.37 -19.15 -32.44
N VAL A 187 2.92 -18.41 -33.44
CA VAL A 187 1.52 -18.02 -33.50
C VAL A 187 0.57 -19.20 -33.35
N GLU A 188 0.95 -20.36 -33.87
CA GLU A 188 0.11 -21.54 -33.78
C GLU A 188 0.05 -22.05 -32.34
N GLU A 189 1.19 -22.06 -31.67
CA GLU A 189 1.24 -22.50 -30.28
C GLU A 189 0.42 -21.54 -29.41
N ALA A 190 0.49 -20.25 -29.75
CA ALA A 190 -0.25 -19.24 -29.01
C ALA A 190 -1.75 -19.49 -29.15
N ILE A 191 -2.17 -19.80 -30.37
CA ILE A 191 -3.58 -20.07 -30.65
C ILE A 191 -4.05 -21.30 -29.88
N GLN A 192 -3.20 -22.32 -29.80
CA GLN A 192 -3.56 -23.53 -29.07
C GLN A 192 -3.76 -23.19 -27.61
N CYS A 193 -2.94 -22.29 -27.09
CA CYS A 193 -3.06 -21.88 -25.69
C CYS A 193 -4.38 -21.14 -25.53
N ALA A 194 -4.65 -20.22 -26.44
CA ALA A 194 -5.88 -19.45 -26.40
C ALA A 194 -7.08 -20.41 -26.42
N GLU A 195 -6.95 -21.47 -27.21
CA GLU A 195 -8.00 -22.47 -27.33
C GLU A 195 -8.31 -23.12 -25.97
N LYS A 196 -7.28 -23.60 -25.27
CA LYS A 196 -7.51 -24.24 -23.97
C LYS A 196 -8.29 -23.31 -23.05
N ILE A 197 -7.93 -22.03 -23.06
CA ILE A 197 -8.59 -21.05 -22.22
C ILE A 197 -10.03 -20.84 -22.68
N ALA A 198 -10.23 -20.73 -23.99
CA ALA A 198 -11.56 -20.52 -24.55
C ALA A 198 -12.53 -21.63 -24.19
N ASN A 199 -12.00 -22.82 -23.91
CA ASN A 199 -12.83 -23.97 -23.55
C ASN A 199 -13.41 -23.89 -22.14
N ASN A 200 -12.81 -23.07 -21.29
CA ASN A 200 -13.30 -22.94 -19.92
C ASN A 200 -14.41 -21.91 -19.85
N SER A 201 -15.11 -21.89 -18.72
CA SER A 201 -16.19 -20.93 -18.53
C SER A 201 -15.67 -19.50 -18.66
N LYS A 202 -16.29 -18.72 -19.54
CA LYS A 202 -15.92 -17.34 -19.77
C LYS A 202 -16.03 -16.51 -18.49
N ILE A 203 -17.08 -16.74 -17.72
CA ILE A 203 -17.29 -15.98 -16.49
C ILE A 203 -16.29 -16.35 -15.39
N ILE A 204 -15.91 -17.61 -15.33
CA ILE A 204 -14.96 -18.03 -14.32
C ILE A 204 -13.56 -17.55 -14.71
N VAL A 205 -13.25 -17.63 -16.00
CA VAL A 205 -11.96 -17.19 -16.50
C VAL A 205 -11.74 -15.71 -16.20
N ALA A 206 -12.78 -14.91 -16.41
CA ALA A 206 -12.69 -13.48 -16.17
C ALA A 206 -12.38 -13.18 -14.70
N MET A 207 -12.95 -13.99 -13.81
CA MET A 207 -12.72 -13.82 -12.38
C MET A 207 -11.29 -14.20 -12.01
N ALA A 208 -10.81 -15.30 -12.57
CA ALA A 208 -9.45 -15.76 -12.28
C ALA A 208 -8.44 -14.70 -12.73
N LYS A 209 -8.68 -14.12 -13.90
CA LYS A 209 -7.81 -13.08 -14.45
C LYS A 209 -7.77 -11.85 -13.55
N GLU A 210 -8.92 -11.48 -12.98
CA GLU A 210 -8.96 -10.33 -12.09
C GLU A 210 -8.17 -10.59 -10.82
N SER A 211 -8.30 -11.82 -10.31
CA SER A 211 -7.62 -12.21 -9.08
C SER A 211 -6.10 -12.16 -9.25
N VAL A 212 -5.61 -12.65 -10.38
CA VAL A 212 -4.17 -12.65 -10.63
C VAL A 212 -3.65 -11.20 -10.76
N ASN A 213 -4.39 -10.38 -11.50
CA ASN A 213 -3.99 -8.99 -11.69
C ASN A 213 -3.97 -8.23 -10.35
N ALA A 214 -4.83 -8.64 -9.41
CA ALA A 214 -4.88 -7.98 -8.12
C ALA A 214 -3.60 -8.19 -7.30
N ALA A 215 -2.79 -9.16 -7.69
CA ALA A 215 -1.55 -9.44 -6.97
C ALA A 215 -0.57 -8.28 -7.01
N PHE A 216 -0.73 -7.39 -7.97
CA PHE A 216 0.17 -6.24 -8.09
C PHE A 216 -0.46 -4.96 -7.56
N GLU A 217 -1.65 -5.07 -6.98
CA GLU A 217 -2.38 -3.89 -6.51
C GLU A 217 -2.69 -3.85 -5.02
N MET A 218 -2.19 -4.81 -4.26
CA MET A 218 -2.47 -4.81 -2.84
C MET A 218 -1.55 -5.78 -2.09
N THR A 219 -1.56 -5.68 -0.76
CA THR A 219 -0.73 -6.54 0.07
C THR A 219 -1.21 -7.99 -0.07
N LEU A 220 -0.34 -8.93 0.27
CA LEU A 220 -0.69 -10.34 0.18
C LEU A 220 -1.91 -10.68 1.05
N THR A 221 -1.93 -10.14 2.26
CA THR A 221 -3.04 -10.39 3.17
C THR A 221 -4.39 -10.02 2.54
N GLU A 222 -4.47 -8.82 1.96
CA GLU A 222 -5.71 -8.39 1.34
C GLU A 222 -5.95 -9.09 0.00
N GLY A 223 -4.86 -9.41 -0.69
CA GLY A 223 -5.01 -10.09 -1.96
C GLY A 223 -5.70 -11.44 -1.74
N ASN A 224 -5.32 -12.12 -0.67
CA ASN A 224 -5.91 -13.42 -0.35
C ASN A 224 -7.38 -13.29 0.06
N LYS A 225 -7.73 -12.21 0.73
CA LYS A 225 -9.11 -12.01 1.14
C LYS A 225 -9.96 -11.73 -0.08
N LEU A 226 -9.42 -10.96 -1.03
CA LEU A 226 -10.14 -10.66 -2.25
C LEU A 226 -10.37 -11.95 -3.03
N GLU A 227 -9.29 -12.71 -3.19
CA GLU A 227 -9.35 -13.97 -3.92
C GLU A 227 -10.42 -14.88 -3.33
N LYS A 228 -10.50 -14.92 -2.00
CA LYS A 228 -11.46 -15.78 -1.31
C LYS A 228 -12.89 -15.36 -1.61
N LYS A 229 -13.13 -14.04 -1.74
CA LYS A 229 -14.46 -13.54 -2.05
C LYS A 229 -14.84 -13.95 -3.48
N LEU A 230 -13.87 -13.87 -4.38
CA LEU A 230 -14.09 -14.25 -5.77
C LEU A 230 -14.40 -15.74 -5.85
N PHE A 231 -13.66 -16.53 -5.07
CA PHE A 231 -13.85 -17.97 -5.04
C PHE A 231 -15.26 -18.32 -4.56
N TYR A 232 -15.70 -17.63 -3.51
CA TYR A 232 -17.02 -17.84 -2.96
C TYR A 232 -18.06 -17.54 -4.03
N SER A 233 -17.87 -16.42 -4.71
CA SER A 233 -18.82 -15.98 -5.73
C SER A 233 -18.97 -16.96 -6.89
N THR A 234 -17.96 -17.80 -7.14
CA THR A 234 -18.06 -18.76 -8.24
C THR A 234 -19.12 -19.80 -7.90
N PHE A 235 -19.42 -19.95 -6.62
CA PHE A 235 -20.43 -20.91 -6.18
C PHE A 235 -21.84 -20.46 -6.50
N ALA A 236 -21.96 -19.30 -7.12
CA ALA A 236 -23.25 -18.76 -7.49
C ALA A 236 -23.45 -18.94 -9.00
N THR A 237 -22.53 -19.66 -9.64
CA THR A 237 -22.64 -19.89 -11.08
C THR A 237 -23.03 -21.33 -11.34
N ASP A 238 -23.52 -21.60 -12.54
CA ASP A 238 -23.91 -22.95 -12.91
C ASP A 238 -22.70 -23.74 -13.35
N ASP A 239 -21.80 -23.09 -14.08
CA ASP A 239 -20.59 -23.75 -14.56
C ASP A 239 -19.76 -24.37 -13.45
N ARG A 240 -19.84 -23.80 -12.25
CA ARG A 240 -19.10 -24.33 -11.11
C ARG A 240 -19.63 -25.71 -10.75
N ARG A 241 -20.95 -25.85 -10.71
CA ARG A 241 -21.59 -27.14 -10.40
C ARG A 241 -21.32 -28.10 -11.56
N GLU A 242 -21.57 -27.62 -12.76
CA GLU A 242 -21.34 -28.41 -13.97
C GLU A 242 -19.92 -28.94 -13.97
N GLY A 243 -18.98 -28.10 -13.56
CA GLY A 243 -17.58 -28.48 -13.54
C GLY A 243 -17.18 -29.46 -12.45
N MET A 244 -17.72 -29.27 -11.25
CA MET A 244 -17.40 -30.14 -10.12
C MET A 244 -18.13 -31.48 -10.17
N SER A 245 -19.26 -31.51 -10.86
CA SER A 245 -20.02 -32.74 -11.00
C SER A 245 -19.38 -33.55 -12.10
N ALA A 246 -18.88 -32.87 -13.12
CA ALA A 246 -18.24 -33.52 -14.25
C ALA A 246 -17.00 -34.31 -13.82
N PHE A 247 -16.37 -33.90 -12.72
CA PHE A 247 -15.19 -34.61 -12.24
C PHE A 247 -15.64 -35.82 -11.44
N VAL A 248 -16.58 -35.59 -10.52
CA VAL A 248 -17.12 -36.63 -9.66
C VAL A 248 -17.84 -37.70 -10.50
N GLU A 249 -18.52 -37.25 -11.56
CA GLU A 249 -19.23 -38.15 -12.46
C GLU A 249 -18.32 -38.60 -13.60
N LYS A 250 -17.02 -38.50 -13.35
CA LYS A 250 -15.99 -38.90 -14.32
C LYS A 250 -16.33 -38.61 -15.79
N ARG A 251 -16.93 -37.46 -16.07
CA ARG A 251 -17.28 -37.10 -17.44
C ARG A 251 -16.60 -35.78 -17.82
N LYS A 252 -16.63 -35.44 -19.12
CA LYS A 252 -16.02 -34.20 -19.58
C LYS A 252 -16.84 -32.98 -19.20
N ALA A 253 -16.16 -31.90 -18.86
CA ALA A 253 -16.79 -30.65 -18.45
C ALA A 253 -17.83 -30.11 -19.43
N ASN A 254 -18.91 -29.58 -18.87
CA ASN A 254 -20.02 -29.01 -19.64
C ASN A 254 -20.16 -27.52 -19.28
N PHE A 255 -19.70 -26.62 -20.15
CA PHE A 255 -19.79 -25.19 -19.85
C PHE A 255 -20.77 -24.38 -20.68
N LYS A 256 -21.40 -23.40 -20.01
CA LYS A 256 -22.38 -22.55 -20.68
C LYS A 256 -22.14 -21.05 -20.45
N ASP A 257 -20.97 -20.72 -19.89
CA ASP A 257 -20.59 -19.34 -19.61
C ASP A 257 -21.53 -18.63 -18.64
N HIS A 258 -21.90 -19.30 -17.56
CA HIS A 258 -22.78 -18.70 -16.55
C HIS A 258 -22.99 -19.64 -15.38
N PHE B 1 42.20 8.39 1.95
CA PHE B 1 41.37 7.30 2.55
C PHE B 1 42.24 6.11 2.95
N GLN B 2 41.90 5.47 4.07
CA GLN B 2 42.64 4.31 4.55
C GLN B 2 41.91 3.03 4.18
N TYR B 3 40.63 3.14 3.89
CA TYR B 3 39.83 1.97 3.57
C TYR B 3 39.37 1.90 2.12
N ILE B 4 39.40 3.02 1.40
CA ILE B 4 38.94 2.97 0.02
C ILE B 4 39.84 3.65 -0.99
N ILE B 5 39.75 3.18 -2.22
CA ILE B 5 40.52 3.72 -3.33
C ILE B 5 39.56 4.21 -4.40
N THR B 6 39.65 5.48 -4.76
CA THR B 6 38.79 6.02 -5.80
C THR B 6 39.63 6.57 -6.93
N GLU B 7 39.17 6.33 -8.15
CA GLU B 7 39.86 6.78 -9.35
C GLU B 7 38.87 6.78 -10.49
N LYS B 8 38.87 7.84 -11.27
CA LYS B 8 37.98 7.96 -12.41
C LYS B 8 38.43 7.08 -13.58
N LYS B 9 38.43 5.76 -13.39
CA LYS B 9 38.87 4.88 -14.47
C LYS B 9 37.92 4.93 -15.67
N GLY B 10 36.96 5.82 -15.65
CA GLY B 10 36.06 5.93 -16.78
C GLY B 10 36.91 6.37 -17.95
N LYS B 11 36.36 6.39 -19.17
CA LYS B 11 37.17 6.83 -20.31
C LYS B 11 37.15 8.34 -20.42
N ASN B 12 36.00 8.94 -20.76
CA ASN B 12 35.95 10.39 -20.82
C ASN B 12 35.99 10.89 -19.38
N SER B 13 36.44 10.00 -18.50
CA SER B 13 36.55 10.25 -17.07
C SER B 13 35.14 10.48 -16.52
N SER B 14 34.17 9.81 -17.15
CA SER B 14 32.77 9.93 -16.78
C SER B 14 32.29 8.81 -15.86
N VAL B 15 33.18 7.90 -15.50
CA VAL B 15 32.84 6.80 -14.62
C VAL B 15 33.67 6.83 -13.35
N GLY B 16 32.99 6.86 -12.21
CA GLY B 16 33.67 6.90 -10.92
C GLY B 16 33.81 5.50 -10.36
N LEU B 17 35.04 5.13 -10.02
CA LEU B 17 35.28 3.80 -9.48
C LEU B 17 35.68 3.87 -8.00
N ILE B 18 35.01 3.09 -7.17
CA ILE B 18 35.30 3.05 -5.75
C ILE B 18 35.65 1.59 -5.41
N GLN B 19 36.80 1.40 -4.78
CA GLN B 19 37.22 0.06 -4.42
C GLN B 19 37.45 -0.10 -2.93
N LEU B 20 36.68 -0.97 -2.30
CA LEU B 20 36.82 -1.22 -0.87
C LEU B 20 38.20 -1.86 -0.73
N ASN B 21 39.04 -1.26 0.12
CA ASN B 21 40.40 -1.75 0.28
C ASN B 21 40.84 -2.05 1.71
N ARG B 22 40.25 -3.08 2.29
CA ARG B 22 40.60 -3.52 3.64
C ARG B 22 40.71 -5.05 3.58
N PRO B 23 41.74 -5.54 2.89
CA PRO B 23 42.11 -6.94 2.65
C PRO B 23 42.13 -7.84 3.87
N LYS B 24 42.72 -7.34 4.96
CA LYS B 24 42.83 -8.10 6.19
C LYS B 24 41.52 -8.67 6.74
N ALA B 25 40.49 -7.83 6.83
CA ALA B 25 39.20 -8.29 7.36
C ALA B 25 38.22 -8.64 6.25
N LEU B 26 38.74 -9.15 5.14
CA LEU B 26 37.90 -9.52 4.01
C LEU B 26 36.93 -8.39 3.70
N ASN B 27 37.44 -7.16 3.75
CA ASN B 27 36.65 -5.97 3.48
C ASN B 27 35.49 -5.75 4.44
N ALA B 28 35.61 -6.26 5.66
CA ALA B 28 34.57 -6.06 6.67
C ALA B 28 34.29 -4.57 6.74
N LEU B 29 33.02 -4.19 6.60
CA LEU B 29 32.63 -2.79 6.59
C LEU B 29 32.50 -2.12 7.96
N CYS B 30 33.62 -1.67 8.50
CA CYS B 30 33.62 -1.00 9.80
C CYS B 30 33.11 0.42 9.62
N ASN B 31 32.82 1.08 10.74
CA ASN B 31 32.29 2.44 10.73
C ASN B 31 33.14 3.43 9.94
N GLY B 32 34.46 3.30 10.06
CA GLY B 32 35.35 4.20 9.34
C GLY B 32 35.24 4.01 7.84
N LEU B 33 35.14 2.76 7.42
CA LEU B 33 35.02 2.44 6.00
C LEU B 33 33.75 3.07 5.40
N ILE B 34 32.62 2.88 6.09
CA ILE B 34 31.35 3.44 5.64
C ILE B 34 31.46 4.97 5.50
N GLU B 35 32.14 5.56 6.47
CA GLU B 35 32.43 7.00 6.57
C GLU B 35 33.05 7.49 5.23
N GLU B 36 34.12 6.82 4.82
CA GLU B 36 34.82 7.18 3.58
C GLU B 36 33.99 6.88 2.34
N LEU B 37 33.32 5.72 2.35
CA LEU B 37 32.48 5.30 1.23
C LEU B 37 31.47 6.39 0.91
N ASN B 38 30.80 6.90 1.94
CA ASN B 38 29.81 7.93 1.74
C ASN B 38 30.44 9.22 1.18
N GLN B 39 31.69 9.48 1.56
CA GLN B 39 32.40 10.67 1.08
C GLN B 39 32.68 10.49 -0.40
N ALA B 40 33.25 9.34 -0.74
CA ALA B 40 33.57 9.02 -2.12
C ALA B 40 32.30 9.16 -2.98
N LEU B 41 31.21 8.57 -2.51
CA LEU B 41 29.95 8.62 -3.23
C LEU B 41 29.53 10.06 -3.46
N GLU B 42 29.57 10.87 -2.40
CA GLU B 42 29.19 12.27 -2.53
C GLU B 42 30.03 13.04 -3.53
N THR B 43 31.35 12.84 -3.51
CA THR B 43 32.20 13.56 -4.45
C THR B 43 31.81 13.22 -5.91
N PHE B 44 31.66 11.94 -6.20
CA PHE B 44 31.29 11.52 -7.55
C PHE B 44 29.90 12.03 -7.91
N GLU B 45 29.01 12.04 -6.93
CA GLU B 45 27.66 12.52 -7.16
C GLU B 45 27.67 13.99 -7.55
N GLU B 46 28.63 14.73 -7.00
CA GLU B 46 28.76 16.16 -7.24
C GLU B 46 29.58 16.51 -8.48
N ASP B 47 30.45 15.59 -8.88
CA ASP B 47 31.29 15.78 -10.05
C ASP B 47 30.43 15.70 -11.33
N PRO B 48 30.27 16.82 -12.03
CA PRO B 48 29.47 16.86 -13.27
C PRO B 48 30.06 16.11 -14.46
N ALA B 49 31.23 15.52 -14.29
CA ALA B 49 31.89 14.76 -15.36
C ALA B 49 31.54 13.28 -15.22
N VAL B 50 31.22 12.87 -14.00
CA VAL B 50 30.86 11.49 -13.71
C VAL B 50 29.38 11.24 -13.94
N GLY B 51 29.07 10.23 -14.75
CA GLY B 51 27.68 9.92 -15.05
C GLY B 51 27.20 8.63 -14.40
N ALA B 52 28.14 7.83 -13.89
CA ALA B 52 27.81 6.57 -13.25
C ALA B 52 28.94 6.17 -12.31
N ILE B 53 28.61 5.34 -11.33
CA ILE B 53 29.58 4.92 -10.34
C ILE B 53 29.68 3.41 -10.24
N VAL B 54 30.91 2.90 -10.17
CA VAL B 54 31.13 1.47 -10.06
C VAL B 54 31.71 1.18 -8.69
N LEU B 55 31.15 0.20 -8.01
CA LEU B 55 31.58 -0.17 -6.67
C LEU B 55 32.05 -1.61 -6.65
N THR B 56 33.28 -1.82 -6.21
CA THR B 56 33.83 -3.16 -6.15
C THR B 56 34.78 -3.30 -4.97
N GLY B 57 35.22 -4.53 -4.71
CA GLY B 57 36.13 -4.77 -3.62
C GLY B 57 37.34 -5.53 -4.12
N GLY B 58 37.76 -6.53 -3.36
CA GLY B 58 38.90 -7.32 -3.75
C GLY B 58 38.51 -8.48 -4.63
N GLU B 59 39.48 -9.29 -5.02
CA GLU B 59 39.21 -10.43 -5.88
C GLU B 59 38.64 -11.59 -5.07
N LYS B 60 39.04 -11.68 -3.80
CA LYS B 60 38.56 -12.76 -2.94
C LYS B 60 37.31 -12.37 -2.18
N ALA B 61 37.10 -11.06 -2.00
CA ALA B 61 35.93 -10.59 -1.26
C ALA B 61 35.47 -9.19 -1.63
N PHE B 62 34.17 -9.05 -1.78
CA PHE B 62 33.54 -7.76 -2.06
C PHE B 62 33.43 -7.12 -0.67
N ALA B 63 32.90 -7.88 0.27
CA ALA B 63 32.73 -7.45 1.67
C ALA B 63 32.14 -8.61 2.45
N ALA B 64 32.77 -8.97 3.56
CA ALA B 64 32.29 -10.08 4.38
C ALA B 64 31.20 -9.68 5.36
N GLY B 65 30.75 -8.42 5.25
CA GLY B 65 29.70 -7.93 6.13
C GLY B 65 30.19 -6.75 6.93
N ALA B 66 29.39 -6.31 7.89
CA ALA B 66 29.79 -5.20 8.74
C ALA B 66 30.83 -5.78 9.69
N ASP B 67 31.56 -4.91 10.38
CA ASP B 67 32.57 -5.41 11.31
C ASP B 67 31.94 -6.00 12.56
N ILE B 68 31.98 -7.33 12.66
CA ILE B 68 31.42 -8.04 13.80
C ILE B 68 32.04 -7.59 15.13
N LYS B 69 33.35 -7.31 15.12
CA LYS B 69 34.05 -6.88 16.33
C LYS B 69 33.49 -5.56 16.84
N GLU B 70 33.11 -4.67 15.94
CA GLU B 70 32.58 -3.36 16.32
C GLU B 70 31.18 -3.37 16.92
N MET B 71 30.44 -4.46 16.72
CA MET B 71 29.08 -4.50 17.26
C MET B 71 28.87 -5.55 18.36
N GLN B 72 29.94 -6.24 18.73
CA GLN B 72 29.85 -7.27 19.76
C GLN B 72 29.44 -6.74 21.13
N ASN B 73 29.92 -5.55 21.49
CA ASN B 73 29.61 -4.99 22.79
C ASN B 73 28.67 -3.80 22.77
N ARG B 74 27.59 -3.92 22.01
CA ARG B 74 26.62 -2.85 21.94
C ARG B 74 25.36 -3.36 22.64
N THR B 75 24.40 -2.48 22.83
CA THR B 75 23.17 -2.84 23.52
C THR B 75 21.94 -2.32 22.82
N PHE B 76 20.78 -2.68 23.35
CA PHE B 76 19.52 -2.23 22.79
C PHE B 76 19.48 -0.71 22.78
N GLN B 77 19.75 -0.11 23.94
CA GLN B 77 19.74 1.35 24.05
C GLN B 77 20.69 1.98 23.04
N ASP B 78 21.82 1.33 22.82
CA ASP B 78 22.80 1.83 21.86
C ASP B 78 22.16 1.98 20.49
N CYS B 79 21.35 1.01 20.10
CA CYS B 79 20.67 1.04 18.81
C CYS B 79 19.81 2.29 18.67
N TYR B 80 19.19 2.71 19.77
CA TYR B 80 18.32 3.88 19.76
C TYR B 80 19.06 5.15 20.20
N SER B 81 20.39 5.14 20.13
CA SER B 81 21.16 6.32 20.51
C SER B 81 21.06 7.31 19.38
N GLY B 82 20.58 6.84 18.22
CA GLY B 82 20.46 7.68 17.06
C GLY B 82 21.61 7.48 16.10
N LYS B 83 22.74 6.99 16.61
CA LYS B 83 23.92 6.75 15.79
C LYS B 83 24.79 5.58 16.28
N PHE B 84 24.52 4.41 15.73
CA PHE B 84 25.24 3.16 16.04
C PHE B 84 25.77 2.60 14.73
N LEU B 85 24.86 2.22 13.85
CA LEU B 85 25.21 1.70 12.53
C LEU B 85 24.49 2.63 11.56
N SER B 86 24.87 3.91 11.64
CA SER B 86 24.27 4.94 10.81
C SER B 86 24.92 5.16 9.46
N HIS B 87 24.19 5.89 8.62
CA HIS B 87 24.65 6.24 7.28
C HIS B 87 24.92 5.02 6.41
N TRP B 88 24.24 3.92 6.71
CA TRP B 88 24.42 2.70 5.94
C TRP B 88 23.57 2.66 4.68
N ASP B 89 22.68 3.64 4.52
CA ASP B 89 21.83 3.68 3.33
C ASP B 89 21.96 5.00 2.57
N HIS B 90 23.10 5.66 2.75
CA HIS B 90 23.34 6.92 2.06
C HIS B 90 23.37 6.64 0.56
N ILE B 91 23.85 5.45 0.20
CA ILE B 91 23.92 5.04 -1.19
C ILE B 91 22.56 5.02 -1.88
N THR B 92 21.48 4.80 -1.12
CA THR B 92 20.15 4.78 -1.72
C THR B 92 19.66 6.19 -2.03
N ARG B 93 20.44 7.19 -1.63
CA ARG B 93 20.06 8.59 -1.89
C ARG B 93 20.82 9.20 -3.07
N ILE B 94 21.80 8.47 -3.59
CA ILE B 94 22.57 8.93 -4.73
C ILE B 94 21.66 8.91 -5.96
N LYS B 95 21.58 10.01 -6.69
CA LYS B 95 20.72 10.07 -7.87
C LYS B 95 21.31 9.42 -9.13
N LYS B 96 22.63 9.36 -9.21
CA LYS B 96 23.28 8.74 -10.36
C LYS B 96 23.28 7.22 -10.19
N PRO B 97 23.36 6.48 -11.30
CA PRO B 97 23.37 5.02 -11.27
C PRO B 97 24.61 4.49 -10.57
N VAL B 98 24.46 3.38 -9.86
CA VAL B 98 25.58 2.75 -9.17
C VAL B 98 25.59 1.25 -9.50
N ILE B 99 26.71 0.79 -10.05
CA ILE B 99 26.86 -0.62 -10.41
C ILE B 99 27.78 -1.30 -9.41
N ALA B 100 27.37 -2.45 -8.91
CA ALA B 100 28.19 -3.20 -7.98
C ALA B 100 28.87 -4.31 -8.77
N ALA B 101 30.20 -4.37 -8.71
CA ALA B 101 30.96 -5.39 -9.40
C ALA B 101 31.42 -6.32 -8.29
N VAL B 102 30.74 -7.44 -8.15
CA VAL B 102 31.03 -8.38 -7.08
C VAL B 102 31.89 -9.60 -7.38
N ASN B 103 33.09 -9.61 -6.80
CA ASN B 103 33.99 -10.75 -6.93
C ASN B 103 34.09 -11.38 -5.55
N GLY B 104 34.10 -12.71 -5.51
CA GLY B 104 34.22 -13.40 -4.24
C GLY B 104 33.07 -13.19 -3.27
N TYR B 105 33.41 -13.19 -1.99
CA TYR B 105 32.44 -13.04 -0.91
C TYR B 105 31.66 -11.72 -0.85
N ALA B 106 30.35 -11.87 -0.72
CA ALA B 106 29.42 -10.75 -0.57
C ALA B 106 28.45 -11.31 0.47
N LEU B 107 28.80 -11.14 1.75
CA LEU B 107 28.00 -11.66 2.84
C LEU B 107 27.46 -10.59 3.78
N GLY B 108 26.30 -10.89 4.36
CA GLY B 108 25.66 -9.96 5.27
C GLY B 108 25.60 -8.55 4.72
N GLY B 109 26.16 -7.61 5.47
CA GLY B 109 26.15 -6.23 5.03
C GLY B 109 26.76 -6.06 3.65
N GLY B 110 27.62 -6.99 3.26
CA GLY B 110 28.24 -6.91 1.95
C GLY B 110 27.22 -7.22 0.86
N CYS B 111 26.44 -8.27 1.08
CA CYS B 111 25.40 -8.65 0.15
C CYS B 111 24.36 -7.52 0.10
N GLU B 112 24.04 -6.98 1.27
CA GLU B 112 23.05 -5.91 1.36
C GLU B 112 23.52 -4.63 0.67
N LEU B 113 24.82 -4.38 0.70
CA LEU B 113 25.36 -3.20 0.06
C LEU B 113 25.23 -3.36 -1.45
N ALA B 114 25.49 -4.58 -1.92
CA ALA B 114 25.38 -4.88 -3.35
C ALA B 114 23.93 -4.69 -3.80
N MET B 115 22.99 -5.17 -3.01
CA MET B 115 21.56 -5.05 -3.36
C MET B 115 21.05 -3.62 -3.36
N MET B 116 21.76 -2.74 -2.66
CA MET B 116 21.36 -1.34 -2.60
C MET B 116 21.73 -0.64 -3.89
N CYS B 117 22.69 -1.21 -4.62
CA CYS B 117 23.11 -0.64 -5.88
C CYS B 117 22.02 -0.93 -6.89
N ASP B 118 22.07 -0.23 -8.02
CA ASP B 118 21.07 -0.38 -9.06
C ASP B 118 21.26 -1.64 -9.90
N ILE B 119 22.52 -1.96 -10.18
CA ILE B 119 22.84 -3.11 -11.00
C ILE B 119 23.96 -3.91 -10.36
N ILE B 120 23.89 -5.23 -10.50
CA ILE B 120 24.94 -6.08 -9.95
C ILE B 120 25.55 -7.00 -11.00
N TYR B 121 26.86 -6.96 -11.09
CA TYR B 121 27.60 -7.84 -11.99
C TYR B 121 28.41 -8.72 -11.05
N ALA B 122 28.41 -10.03 -11.29
CA ALA B 122 29.14 -10.93 -10.42
C ALA B 122 30.23 -11.69 -11.16
N GLY B 123 31.33 -11.96 -10.46
CA GLY B 123 32.43 -12.70 -11.03
C GLY B 123 32.04 -14.18 -10.96
N GLU B 124 32.64 -15.01 -11.80
CA GLU B 124 32.32 -16.43 -11.82
C GLU B 124 32.42 -17.11 -10.45
N LYS B 125 33.27 -16.58 -9.57
CA LYS B 125 33.44 -17.19 -8.26
C LYS B 125 32.77 -16.44 -7.11
N ALA B 126 31.93 -15.47 -7.45
CA ALA B 126 31.24 -14.70 -6.44
C ALA B 126 30.30 -15.58 -5.63
N GLN B 127 30.09 -15.19 -4.38
CA GLN B 127 29.18 -15.91 -3.50
C GLN B 127 28.38 -14.94 -2.68
N PHE B 128 27.07 -15.14 -2.65
CA PHE B 128 26.18 -14.28 -1.89
C PHE B 128 25.56 -15.05 -0.74
N GLY B 129 25.29 -14.34 0.35
CA GLY B 129 24.68 -14.97 1.51
C GLY B 129 24.34 -13.99 2.63
N GLN B 130 23.46 -14.44 3.52
CA GLN B 130 23.03 -13.64 4.66
C GLN B 130 23.21 -14.57 5.86
N PRO B 131 24.44 -14.62 6.41
CA PRO B 131 24.74 -15.47 7.56
C PRO B 131 24.43 -14.88 8.93
N GLU B 132 23.74 -13.74 8.96
CA GLU B 132 23.40 -13.11 10.22
C GLU B 132 22.82 -14.11 11.23
N ILE B 133 21.95 -14.99 10.75
CA ILE B 133 21.31 -15.97 11.60
C ILE B 133 22.30 -16.80 12.41
N LEU B 134 23.47 -17.04 11.84
CA LEU B 134 24.49 -17.84 12.51
C LEU B 134 25.14 -17.09 13.66
N LEU B 135 24.99 -15.76 13.67
CA LEU B 135 25.56 -14.91 14.72
C LEU B 135 24.49 -14.56 15.74
N GLY B 136 23.33 -15.21 15.64
CA GLY B 136 22.27 -14.90 16.58
C GLY B 136 21.59 -13.55 16.32
N THR B 137 21.52 -13.14 15.06
CA THR B 137 20.86 -11.89 14.71
C THR B 137 20.21 -12.06 13.33
N ILE B 138 19.62 -11.00 12.79
CA ILE B 138 18.98 -11.09 11.48
C ILE B 138 19.50 -9.95 10.59
N PRO B 139 19.28 -10.05 9.28
CA PRO B 139 19.74 -9.02 8.34
C PRO B 139 19.10 -7.69 8.77
N GLY B 140 19.88 -6.63 8.79
CA GLY B 140 19.36 -5.34 9.22
C GLY B 140 19.61 -4.21 8.27
N ALA B 141 19.93 -4.55 7.02
CA ALA B 141 20.17 -3.54 5.99
C ALA B 141 19.50 -3.92 4.68
N GLY B 142 18.33 -4.54 4.78
CA GLY B 142 17.56 -4.92 3.59
C GLY B 142 17.63 -6.37 3.17
N GLY B 143 18.41 -7.17 3.89
CA GLY B 143 18.55 -8.57 3.55
C GLY B 143 17.29 -9.41 3.52
N THR B 144 16.25 -9.00 4.24
CA THR B 144 15.01 -9.77 4.22
C THR B 144 14.00 -9.11 3.30
N GLN B 145 14.34 -7.91 2.80
CA GLN B 145 13.44 -7.18 1.93
C GLN B 145 13.84 -7.18 0.44
N ARG B 146 15.02 -6.64 0.14
CA ARG B 146 15.49 -6.59 -1.24
C ARG B 146 15.74 -8.00 -1.78
N LEU B 147 16.30 -8.87 -0.94
CA LEU B 147 16.59 -10.24 -1.34
C LEU B 147 15.33 -10.98 -1.75
N THR B 148 14.35 -10.96 -0.86
CA THR B 148 13.07 -11.60 -1.09
C THR B 148 12.37 -11.10 -2.34
N ARG B 149 12.39 -9.78 -2.56
CA ARG B 149 11.72 -9.21 -3.73
C ARG B 149 12.40 -9.59 -5.05
N ALA B 150 13.66 -9.99 -5.00
CA ALA B 150 14.38 -10.36 -6.22
C ALA B 150 14.39 -11.85 -6.46
N VAL B 151 14.66 -12.58 -5.40
CA VAL B 151 14.80 -14.03 -5.44
C VAL B 151 13.59 -14.93 -5.16
N GLY B 152 12.53 -14.38 -4.57
CA GLY B 152 11.37 -15.21 -4.28
C GLY B 152 11.39 -15.66 -2.84
N LYS B 153 10.23 -15.99 -2.28
CA LYS B 153 10.17 -16.39 -0.88
C LYS B 153 10.99 -17.62 -0.49
N SER B 154 10.84 -18.72 -1.24
CA SER B 154 11.54 -19.96 -0.91
C SER B 154 13.04 -19.81 -0.77
N LEU B 155 13.70 -19.26 -1.80
CA LEU B 155 15.14 -19.11 -1.73
C LEU B 155 15.55 -18.09 -0.65
N ALA B 156 14.76 -17.02 -0.50
CA ALA B 156 15.09 -16.00 0.50
C ALA B 156 14.98 -16.61 1.89
N MET B 157 13.92 -17.37 2.14
CA MET B 157 13.73 -18.01 3.43
C MET B 157 14.87 -18.98 3.73
N GLU B 158 15.22 -19.78 2.72
CA GLU B 158 16.30 -20.75 2.90
C GLU B 158 17.61 -20.04 3.22
N MET B 159 17.92 -18.99 2.47
CA MET B 159 19.15 -18.24 2.69
C MET B 159 19.23 -17.59 4.06
N VAL B 160 18.16 -16.91 4.45
CA VAL B 160 18.11 -16.21 5.73
C VAL B 160 18.00 -17.09 6.97
N LEU B 161 17.30 -18.22 6.88
CA LEU B 161 17.15 -19.10 8.02
C LEU B 161 18.28 -20.11 8.23
N THR B 162 19.00 -20.46 7.16
CA THR B 162 20.09 -21.42 7.29
C THR B 162 21.45 -20.75 7.28
N GLY B 163 21.56 -19.65 6.54
CA GLY B 163 22.81 -18.93 6.44
C GLY B 163 23.64 -19.40 5.27
N ASP B 164 23.14 -20.39 4.53
CA ASP B 164 23.84 -20.94 3.37
C ASP B 164 24.10 -19.90 2.28
N ARG B 165 25.21 -20.08 1.58
CA ARG B 165 25.61 -19.18 0.51
C ARG B 165 25.15 -19.72 -0.83
N ILE B 166 25.01 -18.84 -1.81
CA ILE B 166 24.60 -19.28 -3.14
C ILE B 166 25.67 -18.78 -4.11
N SER B 167 25.81 -19.51 -5.22
CA SER B 167 26.79 -19.17 -6.23
C SER B 167 26.34 -18.03 -7.14
N ALA B 168 27.27 -17.54 -7.96
CA ALA B 168 26.97 -16.46 -8.90
C ALA B 168 25.92 -16.96 -9.90
N GLN B 169 26.04 -18.23 -10.28
CA GLN B 169 25.11 -18.83 -11.23
C GLN B 169 23.72 -18.84 -10.65
N ASP B 170 23.59 -19.24 -9.39
CA ASP B 170 22.29 -19.26 -8.72
C ASP B 170 21.73 -17.85 -8.63
N ALA B 171 22.60 -16.89 -8.32
CA ALA B 171 22.19 -15.50 -8.19
C ALA B 171 21.65 -14.94 -9.50
N LYS B 172 22.27 -15.31 -10.61
CA LYS B 172 21.80 -14.80 -11.90
C LYS B 172 20.49 -15.45 -12.28
N GLN B 173 20.40 -16.74 -12.02
CA GLN B 173 19.20 -17.52 -12.32
C GLN B 173 17.99 -17.00 -11.55
N ALA B 174 18.22 -16.58 -10.31
CA ALA B 174 17.13 -16.08 -9.46
C ALA B 174 16.85 -14.59 -9.67
N GLY B 175 17.70 -13.91 -10.44
CA GLY B 175 17.48 -12.50 -10.71
C GLY B 175 18.14 -11.53 -9.75
N LEU B 176 19.00 -12.04 -8.87
CA LEU B 176 19.70 -11.19 -7.92
C LEU B 176 20.73 -10.32 -8.65
N VAL B 177 21.41 -10.94 -9.61
CA VAL B 177 22.42 -10.24 -10.41
C VAL B 177 22.00 -10.38 -11.88
N SER B 178 22.38 -9.43 -12.73
CA SER B 178 21.98 -9.51 -14.12
C SER B 178 23.03 -10.03 -15.07
N LYS B 179 24.27 -10.15 -14.63
CA LYS B 179 25.34 -10.64 -15.51
C LYS B 179 26.54 -11.23 -14.77
N ILE B 180 27.07 -12.31 -15.33
CA ILE B 180 28.24 -13.00 -14.76
C ILE B 180 29.41 -12.85 -15.73
N PHE B 181 30.58 -12.53 -15.21
CA PHE B 181 31.77 -12.37 -16.02
C PHE B 181 32.97 -13.03 -15.34
N PRO B 182 34.03 -13.33 -16.13
CA PRO B 182 35.23 -13.95 -15.57
C PRO B 182 35.81 -13.04 -14.51
N VAL B 183 36.38 -13.64 -13.48
CA VAL B 183 36.96 -12.90 -12.37
C VAL B 183 37.84 -11.74 -12.84
N GLU B 184 38.68 -11.98 -13.84
CA GLU B 184 39.57 -10.92 -14.28
C GLU B 184 39.04 -9.82 -15.20
N THR B 185 37.87 -10.01 -15.78
CA THR B 185 37.29 -8.99 -16.65
C THR B 185 36.07 -8.32 -16.03
N LEU B 186 35.65 -8.82 -14.87
CA LEU B 186 34.48 -8.28 -14.18
C LEU B 186 34.47 -6.76 -14.07
N VAL B 187 35.42 -6.21 -13.32
CA VAL B 187 35.46 -4.77 -13.13
C VAL B 187 35.43 -3.99 -14.45
N GLU B 188 36.09 -4.50 -15.50
CA GLU B 188 36.09 -3.80 -16.78
C GLU B 188 34.72 -3.84 -17.41
N GLU B 189 34.08 -5.01 -17.35
CA GLU B 189 32.75 -5.13 -17.93
C GLU B 189 31.82 -4.17 -17.22
N ALA B 190 31.99 -4.05 -15.90
CA ALA B 190 31.16 -3.14 -15.12
C ALA B 190 31.38 -1.72 -15.57
N ILE B 191 32.65 -1.35 -15.77
CA ILE B 191 32.99 -0.01 -16.22
C ILE B 191 32.38 0.28 -17.61
N GLN B 192 32.41 -0.72 -18.50
CA GLN B 192 31.85 -0.53 -19.83
C GLN B 192 30.36 -0.27 -19.72
N CYS B 193 29.71 -0.95 -18.78
CA CYS B 193 28.28 -0.75 -18.57
C CYS B 193 28.07 0.68 -18.05
N ALA B 194 28.88 1.08 -17.08
CA ALA B 194 28.77 2.42 -16.53
C ALA B 194 28.95 3.45 -17.66
N GLU B 195 29.86 3.15 -18.59
CA GLU B 195 30.13 4.03 -19.70
C GLU B 195 28.89 4.25 -20.58
N LYS B 196 28.20 3.17 -20.93
CA LYS B 196 27.00 3.28 -21.76
C LYS B 196 26.00 4.20 -21.08
N ILE B 197 25.85 4.05 -19.78
CA ILE B 197 24.91 4.86 -19.01
C ILE B 197 25.37 6.32 -18.98
N ALA B 198 26.66 6.52 -18.74
CA ALA B 198 27.23 7.87 -18.67
C ALA B 198 27.05 8.65 -19.96
N ASN B 199 26.90 7.94 -21.07
CA ASN B 199 26.71 8.60 -22.37
C ASN B 199 25.32 9.17 -22.57
N ASN B 200 24.36 8.72 -21.77
CA ASN B 200 23.00 9.25 -21.90
C ASN B 200 22.83 10.51 -21.07
N SER B 201 21.75 11.23 -21.31
CA SER B 201 21.49 12.46 -20.56
C SER B 201 21.43 12.14 -19.07
N LYS B 202 22.19 12.90 -18.27
CA LYS B 202 22.20 12.68 -16.83
C LYS B 202 20.84 12.95 -16.20
N ILE B 203 20.15 13.97 -16.69
CA ILE B 203 18.86 14.31 -16.12
C ILE B 203 17.79 13.27 -16.49
N ILE B 204 17.86 12.70 -17.68
CA ILE B 204 16.89 11.70 -18.10
C ILE B 204 17.17 10.38 -17.36
N VAL B 205 18.45 10.05 -17.22
CA VAL B 205 18.85 8.84 -16.53
C VAL B 205 18.37 8.87 -15.07
N ALA B 206 18.48 10.02 -14.42
CA ALA B 206 18.07 10.16 -13.03
C ALA B 206 16.57 9.92 -12.88
N MET B 207 15.80 10.36 -13.86
CA MET B 207 14.35 10.18 -13.86
C MET B 207 14.00 8.71 -14.07
N ALA B 208 14.70 8.05 -14.98
CA ALA B 208 14.45 6.64 -15.27
C ALA B 208 14.72 5.79 -14.03
N LYS B 209 15.80 6.13 -13.33
CA LYS B 209 16.19 5.41 -12.12
C LYS B 209 15.12 5.56 -11.03
N GLU B 210 14.57 6.75 -10.89
CA GLU B 210 13.54 7.00 -9.89
C GLU B 210 12.30 6.18 -10.21
N SER B 211 11.94 6.14 -11.49
CA SER B 211 10.75 5.43 -11.92
C SER B 211 10.84 3.93 -11.64
N VAL B 212 12.01 3.35 -11.88
CA VAL B 212 12.21 1.93 -11.64
C VAL B 212 12.14 1.64 -10.13
N ASN B 213 12.79 2.49 -9.33
CA ASN B 213 12.79 2.31 -7.89
C ASN B 213 11.38 2.39 -7.33
N ALA B 214 10.53 3.19 -7.96
CA ALA B 214 9.16 3.36 -7.50
C ALA B 214 8.35 2.07 -7.59
N ALA B 215 8.81 1.13 -8.41
CA ALA B 215 8.11 -0.13 -8.60
C ALA B 215 7.98 -0.93 -7.31
N PHE B 216 8.81 -0.62 -6.33
CA PHE B 216 8.77 -1.34 -5.04
C PHE B 216 8.14 -0.51 -3.94
N GLU B 217 7.57 0.64 -4.30
CA GLU B 217 6.98 1.52 -3.29
C GLU B 217 5.50 1.83 -3.48
N MET B 218 4.87 1.24 -4.49
CA MET B 218 3.46 1.51 -4.72
C MET B 218 2.80 0.48 -5.61
N THR B 219 1.48 0.52 -5.68
CA THR B 219 0.74 -0.42 -6.51
C THR B 219 1.07 -0.18 -7.99
N LEU B 220 0.84 -1.18 -8.83
CA LEU B 220 1.12 -1.05 -10.25
C LEU B 220 0.33 0.11 -10.88
N THR B 221 -0.93 0.24 -10.51
CA THR B 221 -1.78 1.31 -11.04
C THR B 221 -1.17 2.69 -10.80
N GLU B 222 -0.73 2.93 -9.57
CA GLU B 222 -0.13 4.22 -9.24
C GLU B 222 1.27 4.33 -9.78
N GLY B 223 1.98 3.20 -9.84
CA GLY B 223 3.33 3.22 -10.37
C GLY B 223 3.29 3.70 -11.81
N ASN B 224 2.29 3.24 -12.57
CA ASN B 224 2.16 3.63 -13.97
C ASN B 224 1.78 5.10 -14.11
N LYS B 225 1.01 5.62 -13.17
CA LYS B 225 0.62 7.03 -13.22
C LYS B 225 1.83 7.92 -12.97
N LEU B 226 2.64 7.50 -12.01
CA LEU B 226 3.84 8.23 -11.67
C LEU B 226 4.79 8.24 -12.87
N GLU B 227 5.01 7.06 -13.44
CA GLU B 227 5.88 6.89 -14.59
C GLU B 227 5.46 7.81 -15.73
N LYS B 228 4.16 7.91 -15.94
CA LYS B 228 3.60 8.73 -17.01
C LYS B 228 3.92 10.20 -16.79
N LYS B 229 3.86 10.65 -15.55
CA LYS B 229 4.15 12.03 -15.20
C LYS B 229 5.63 12.33 -15.48
N LEU B 230 6.49 11.38 -15.15
CA LEU B 230 7.92 11.55 -15.36
C LEU B 230 8.19 11.60 -16.87
N PHE B 231 7.48 10.75 -17.61
CA PHE B 231 7.65 10.69 -19.06
C PHE B 231 7.30 12.05 -19.66
N TYR B 232 6.14 12.57 -19.26
CA TYR B 232 5.67 13.87 -19.72
C TYR B 232 6.72 14.93 -19.41
N SER B 233 7.25 14.90 -18.19
CA SER B 233 8.22 15.90 -17.78
C SER B 233 9.51 15.90 -18.62
N THR B 234 9.82 14.78 -19.27
CA THR B 234 11.03 14.73 -20.10
C THR B 234 10.87 15.63 -21.31
N PHE B 235 9.62 15.91 -21.65
CA PHE B 235 9.33 16.76 -22.80
C PHE B 235 9.62 18.22 -22.53
N ALA B 236 10.12 18.50 -21.32
CA ALA B 236 10.45 19.86 -20.94
C ALA B 236 11.96 20.03 -20.99
N THR B 237 12.67 19.00 -21.44
CA THR B 237 14.13 19.06 -21.51
C THR B 237 14.59 19.22 -22.95
N ASP B 238 15.83 19.64 -23.12
CA ASP B 238 16.37 19.82 -24.46
C ASP B 238 16.87 18.49 -25.00
N ASP B 239 17.49 17.70 -24.13
CA ASP B 239 18.02 16.40 -24.52
C ASP B 239 16.96 15.48 -25.14
N ARG B 240 15.70 15.65 -24.74
CA ARG B 240 14.66 14.80 -25.29
C ARG B 240 14.38 15.17 -26.74
N ARG B 241 14.57 16.44 -27.07
CA ARG B 241 14.36 16.91 -28.43
C ARG B 241 15.52 16.43 -29.29
N GLU B 242 16.73 16.63 -28.78
CA GLU B 242 17.94 16.21 -29.48
C GLU B 242 17.93 14.70 -29.75
N GLY B 243 17.53 13.93 -28.75
CA GLY B 243 17.48 12.48 -28.86
C GLY B 243 16.53 11.93 -29.92
N MET B 244 15.33 12.48 -30.00
CA MET B 244 14.40 11.99 -31.01
C MET B 244 14.75 12.53 -32.40
N SER B 245 15.32 13.73 -32.45
CA SER B 245 15.72 14.30 -33.73
C SER B 245 16.89 13.52 -34.32
N ALA B 246 17.77 13.04 -33.46
CA ALA B 246 18.92 12.25 -33.91
C ALA B 246 18.51 10.92 -34.57
N PHE B 247 17.38 10.37 -34.15
CA PHE B 247 16.89 9.11 -34.72
C PHE B 247 16.30 9.33 -36.11
N VAL B 248 15.44 10.34 -36.23
CA VAL B 248 14.83 10.63 -37.52
C VAL B 248 15.89 11.07 -38.52
N GLU B 249 16.86 11.84 -38.04
CA GLU B 249 17.94 12.33 -38.89
C GLU B 249 19.01 11.28 -39.05
N LYS B 250 18.73 10.09 -38.52
CA LYS B 250 19.67 8.97 -38.59
C LYS B 250 21.10 9.38 -38.27
N ARG B 251 21.29 10.13 -37.19
CA ARG B 251 22.63 10.54 -36.76
C ARG B 251 22.80 10.30 -35.26
N LYS B 252 24.01 10.56 -34.77
CA LYS B 252 24.33 10.38 -33.37
C LYS B 252 23.83 11.59 -32.55
N ALA B 253 23.23 11.31 -31.39
CA ALA B 253 22.72 12.37 -30.54
C ALA B 253 23.77 12.89 -29.57
N ASN B 254 23.77 14.20 -29.39
CA ASN B 254 24.70 14.85 -28.48
C ASN B 254 23.91 15.44 -27.32
N PHE B 255 23.96 14.74 -26.19
CA PHE B 255 23.23 15.17 -25.00
C PHE B 255 24.01 16.22 -24.22
N LYS B 256 23.31 17.27 -23.82
CA LYS B 256 23.92 18.39 -23.09
C LYS B 256 23.52 18.38 -21.61
N ASP B 257 22.74 17.37 -21.22
CA ASP B 257 22.27 17.21 -19.84
C ASP B 257 21.28 18.29 -19.39
N HIS B 258 20.29 18.57 -20.23
CA HIS B 258 19.26 19.53 -19.91
C HIS B 258 18.23 19.51 -21.04
N PHE C 1 -4.16 -40.58 14.67
CA PHE C 1 -4.56 -39.82 13.45
C PHE C 1 -5.04 -40.75 12.35
N GLN C 2 -6.18 -40.42 11.74
CA GLN C 2 -6.73 -41.22 10.66
C GLN C 2 -5.96 -41.02 9.35
N TYR C 3 -5.82 -39.77 8.92
CA TYR C 3 -5.11 -39.47 7.68
C TYR C 3 -3.85 -38.61 7.93
N ILE C 4 -2.98 -39.07 8.81
CA ILE C 4 -1.75 -38.33 9.13
C ILE C 4 -0.74 -39.19 9.89
N ILE C 5 0.53 -38.83 9.76
CA ILE C 5 1.61 -39.53 10.43
C ILE C 5 2.59 -38.47 10.93
N THR C 6 2.99 -38.58 12.19
CA THR C 6 3.92 -37.61 12.77
C THR C 6 5.02 -38.30 13.56
N GLU C 7 6.21 -37.73 13.52
CA GLU C 7 7.36 -38.27 14.25
C GLU C 7 8.54 -37.31 14.26
N LYS C 8 9.17 -37.15 15.42
CA LYS C 8 10.32 -36.27 15.55
C LYS C 8 11.45 -36.98 14.81
N LYS C 9 11.99 -36.33 13.78
CA LYS C 9 13.04 -36.95 12.98
C LYS C 9 14.41 -36.30 13.09
N GLY C 10 14.53 -35.27 13.92
CA GLY C 10 15.83 -34.64 14.05
C GLY C 10 16.79 -35.59 14.76
N LYS C 11 18.05 -35.22 14.81
CA LYS C 11 19.05 -36.04 15.49
C LYS C 11 18.95 -35.75 16.98
N ASN C 12 17.97 -34.94 17.33
CA ASN C 12 17.71 -34.54 18.71
C ASN C 12 16.23 -34.31 18.86
N SER C 13 15.48 -34.77 17.85
CA SER C 13 14.03 -34.60 17.79
C SER C 13 13.73 -33.13 17.53
N SER C 14 14.75 -32.42 17.06
CA SER C 14 14.64 -31.00 16.77
C SER C 14 13.80 -30.77 15.52
N VAL C 15 13.44 -31.84 14.81
CA VAL C 15 12.65 -31.73 13.60
C VAL C 15 11.33 -32.48 13.66
N GLY C 16 10.23 -31.79 13.37
CA GLY C 16 8.92 -32.42 13.39
C GLY C 16 8.51 -32.77 11.97
N LEU C 17 8.19 -34.03 11.74
CA LEU C 17 7.79 -34.48 10.41
C LEU C 17 6.32 -34.84 10.36
N ILE C 18 5.61 -34.27 9.39
CA ILE C 18 4.20 -34.57 9.23
C ILE C 18 4.03 -35.13 7.82
N GLN C 19 3.37 -36.28 7.72
CA GLN C 19 3.17 -36.91 6.43
C GLN C 19 1.69 -37.14 6.13
N LEU C 20 1.19 -36.50 5.07
CA LEU C 20 -0.21 -36.67 4.70
C LEU C 20 -0.32 -38.13 4.26
N ASN C 21 -1.24 -38.86 4.86
CA ASN C 21 -1.38 -40.27 4.56
C ASN C 21 -2.78 -40.75 4.15
N ARG C 22 -3.23 -40.28 3.00
CA ARG C 22 -4.53 -40.71 2.46
C ARG C 22 -4.31 -41.06 0.99
N PRO C 23 -3.57 -42.15 0.75
CA PRO C 23 -3.18 -42.74 -0.54
C PRO C 23 -4.29 -42.87 -1.57
N LYS C 24 -5.45 -43.36 -1.14
CA LYS C 24 -6.58 -43.58 -2.04
C LYS C 24 -7.05 -42.37 -2.85
N ALA C 25 -7.16 -41.21 -2.20
CA ALA C 25 -7.60 -40.01 -2.89
C ALA C 25 -6.43 -39.10 -3.26
N LEU C 26 -5.27 -39.71 -3.54
CA LEU C 26 -4.08 -38.95 -3.89
C LEU C 26 -3.86 -37.82 -2.88
N ASN C 27 -4.09 -38.14 -1.61
CA ASN C 27 -3.95 -37.18 -0.52
C ASN C 27 -4.90 -36.00 -0.59
N ALA C 28 -6.05 -36.18 -1.22
CA ALA C 28 -7.03 -35.12 -1.32
C ALA C 28 -7.26 -34.60 0.10
N LEU C 29 -7.13 -33.29 0.29
CA LEU C 29 -7.27 -32.68 1.60
C LEU C 29 -8.71 -32.45 2.04
N CYS C 30 -9.33 -33.48 2.61
CA CYS C 30 -10.70 -33.37 3.11
C CYS C 30 -10.69 -32.65 4.45
N ASN C 31 -11.86 -32.21 4.89
CA ASN C 31 -11.99 -31.48 6.15
C ASN C 31 -11.33 -32.18 7.34
N GLY C 32 -11.50 -33.50 7.41
CA GLY C 32 -10.92 -34.25 8.51
C GLY C 32 -9.40 -34.20 8.50
N LEU C 33 -8.83 -34.32 7.30
CA LEU C 33 -7.39 -34.28 7.15
C LEU C 33 -6.86 -32.92 7.64
N ILE C 34 -7.50 -31.83 7.20
CA ILE C 34 -7.07 -30.49 7.62
C ILE C 34 -7.12 -30.37 9.15
N GLU C 35 -8.16 -30.95 9.75
CA GLU C 35 -8.29 -30.93 11.20
C GLU C 35 -7.06 -31.51 11.90
N GLU C 36 -6.65 -32.70 11.48
CA GLU C 36 -5.51 -33.36 12.07
C GLU C 36 -4.24 -32.58 11.79
N LEU C 37 -4.11 -32.10 10.56
CA LEU C 37 -2.93 -31.34 10.16
C LEU C 37 -2.70 -30.16 11.11
N ASN C 38 -3.77 -29.42 11.40
CA ASN C 38 -3.66 -28.27 12.29
C ASN C 38 -3.29 -28.70 13.71
N GLN C 39 -3.72 -29.89 14.10
CA GLN C 39 -3.39 -30.41 15.42
C GLN C 39 -1.91 -30.74 15.47
N ALA C 40 -1.46 -31.49 14.46
CA ALA C 40 -0.06 -31.88 14.36
C ALA C 40 0.80 -30.63 14.42
N LEU C 41 0.45 -29.63 13.61
CA LEU C 41 1.20 -28.38 13.57
C LEU C 41 1.27 -27.73 14.94
N GLU C 42 0.13 -27.64 15.62
CA GLU C 42 0.07 -27.03 16.94
C GLU C 42 0.95 -27.76 17.96
N THR C 43 0.93 -29.09 17.95
CA THR C 43 1.75 -29.83 18.91
C THR C 43 3.23 -29.53 18.69
N PHE C 44 3.69 -29.59 17.45
CA PHE C 44 5.10 -29.31 17.14
C PHE C 44 5.45 -27.87 17.46
N GLU C 45 4.51 -26.97 17.25
CA GLU C 45 4.73 -25.55 17.53
C GLU C 45 4.93 -25.36 19.03
N GLU C 46 4.24 -26.17 19.82
CA GLU C 46 4.30 -26.08 21.28
C GLU C 46 5.48 -26.84 21.88
N ASP C 47 5.95 -27.87 21.18
CA ASP C 47 7.07 -28.68 21.65
C ASP C 47 8.37 -27.86 21.58
N PRO C 48 8.95 -27.52 22.75
CA PRO C 48 10.18 -26.74 22.80
C PRO C 48 11.43 -27.45 22.31
N ALA C 49 11.29 -28.71 21.88
CA ALA C 49 12.41 -29.48 21.37
C ALA C 49 12.48 -29.35 19.85
N VAL C 50 11.33 -29.10 19.24
CA VAL C 50 11.23 -28.96 17.79
C VAL C 50 11.53 -27.54 17.37
N GLY C 51 12.44 -27.39 16.41
CA GLY C 51 12.81 -26.07 15.93
C GLY C 51 12.35 -25.80 14.52
N ALA C 52 11.93 -26.84 13.82
CA ALA C 52 11.47 -26.71 12.45
C ALA C 52 10.53 -27.86 12.12
N ILE C 53 9.67 -27.65 11.13
CA ILE C 53 8.70 -28.68 10.75
C ILE C 53 8.79 -29.01 9.27
N VAL C 54 8.72 -30.29 8.94
CA VAL C 54 8.77 -30.73 7.56
C VAL C 54 7.43 -31.34 7.20
N LEU C 55 6.87 -30.90 6.08
CA LEU C 55 5.58 -31.39 5.63
C LEU C 55 5.74 -32.08 4.28
N THR C 56 5.27 -33.32 4.21
CA THR C 56 5.37 -34.08 2.97
C THR C 56 4.19 -35.04 2.83
N GLY C 57 4.04 -35.62 1.65
CA GLY C 57 2.96 -36.55 1.42
C GLY C 57 3.51 -37.88 0.93
N GLY C 58 2.87 -38.45 -0.07
CA GLY C 58 3.33 -39.71 -0.63
C GLY C 58 4.37 -39.50 -1.72
N GLU C 59 4.83 -40.58 -2.33
CA GLU C 59 5.83 -40.49 -3.38
C GLU C 59 5.16 -40.11 -4.69
N LYS C 60 3.90 -40.52 -4.86
CA LYS C 60 3.17 -40.22 -6.08
C LYS C 60 2.38 -38.92 -5.99
N ALA C 61 2.09 -38.49 -4.77
CA ALA C 61 1.33 -37.26 -4.59
C ALA C 61 1.55 -36.58 -3.25
N PHE C 62 1.70 -35.27 -3.29
CA PHE C 62 1.87 -34.45 -2.09
C PHE C 62 0.42 -34.23 -1.65
N ALA C 63 -0.41 -33.81 -2.59
CA ALA C 63 -1.84 -33.58 -2.37
C ALA C 63 -2.46 -33.14 -3.69
N ALA C 64 -3.54 -33.81 -4.08
CA ALA C 64 -4.21 -33.52 -5.34
C ALA C 64 -5.22 -32.36 -5.22
N GLY C 65 -5.23 -31.72 -4.06
CA GLY C 65 -6.13 -30.61 -3.85
C GLY C 65 -7.06 -30.87 -2.69
N ALA C 66 -8.07 -30.03 -2.53
CA ALA C 66 -9.05 -30.21 -1.47
C ALA C 66 -9.95 -31.32 -1.98
N ASP C 67 -10.80 -31.88 -1.12
CA ASP C 67 -11.66 -32.96 -1.56
C ASP C 67 -12.81 -32.40 -2.39
N ILE C 68 -12.76 -32.67 -3.69
CA ILE C 68 -13.78 -32.20 -4.62
C ILE C 68 -15.18 -32.72 -4.27
N LYS C 69 -15.23 -33.96 -3.78
CA LYS C 69 -16.51 -34.56 -3.42
C LYS C 69 -17.17 -33.85 -2.24
N GLU C 70 -16.36 -33.30 -1.34
CA GLU C 70 -16.89 -32.61 -0.17
C GLU C 70 -17.43 -31.22 -0.46
N MET C 71 -17.08 -30.65 -1.60
CA MET C 71 -17.57 -29.30 -1.92
C MET C 71 -18.49 -29.28 -3.12
N GLN C 72 -18.78 -30.45 -3.67
CA GLN C 72 -19.65 -30.56 -4.82
C GLN C 72 -21.08 -30.03 -4.67
N ASN C 73 -21.71 -30.27 -3.53
CA ASN C 73 -23.09 -29.82 -3.33
C ASN C 73 -23.27 -28.53 -2.56
N ARG C 74 -22.19 -28.02 -1.97
CA ARG C 74 -22.25 -26.78 -1.19
C ARG C 74 -22.59 -25.60 -2.11
N THR C 75 -23.12 -24.53 -1.53
CA THR C 75 -23.49 -23.35 -2.33
C THR C 75 -23.03 -22.02 -1.77
N PHE C 76 -23.43 -20.94 -2.44
CA PHE C 76 -23.06 -19.60 -2.02
C PHE C 76 -23.35 -19.39 -0.53
N GLN C 77 -24.56 -19.72 -0.12
CA GLN C 77 -24.96 -19.58 1.28
C GLN C 77 -23.93 -20.21 2.21
N ASP C 78 -23.61 -21.47 1.94
CA ASP C 78 -22.65 -22.24 2.72
C ASP C 78 -21.32 -21.54 2.90
N CYS C 79 -20.98 -20.68 1.95
CA CYS C 79 -19.71 -19.96 1.97
C CYS C 79 -19.57 -18.86 3.03
N TYR C 80 -20.63 -18.10 3.30
CA TYR C 80 -20.52 -17.04 4.28
C TYR C 80 -20.67 -17.54 5.72
N SER C 81 -21.87 -17.86 6.13
CA SER C 81 -22.05 -18.38 7.48
C SER C 81 -21.63 -19.85 7.48
N GLY C 82 -20.34 -20.09 7.28
CA GLY C 82 -19.92 -21.47 7.23
C GLY C 82 -18.51 -21.82 7.67
N LYS C 83 -18.42 -23.02 8.24
CA LYS C 83 -17.15 -23.57 8.69
C LYS C 83 -16.75 -24.46 7.52
N PHE C 84 -17.25 -24.05 6.36
CA PHE C 84 -17.01 -24.70 5.07
C PHE C 84 -15.62 -24.29 4.60
N LEU C 85 -14.74 -25.28 4.41
CA LEU C 85 -13.37 -24.99 3.97
C LEU C 85 -12.73 -23.97 4.89
N SER C 86 -12.86 -24.19 6.20
CA SER C 86 -12.28 -23.28 7.17
C SER C 86 -10.99 -23.83 7.75
N HIS C 87 -10.23 -22.97 8.40
CA HIS C 87 -8.97 -23.35 9.03
C HIS C 87 -7.92 -23.83 8.02
N TRP C 88 -7.97 -23.32 6.80
CA TRP C 88 -6.99 -23.74 5.81
C TRP C 88 -5.68 -22.96 5.89
N ASP C 89 -5.70 -21.83 6.57
CA ASP C 89 -4.48 -21.04 6.68
C ASP C 89 -3.88 -20.99 8.08
N HIS C 90 -4.20 -21.98 8.90
CA HIS C 90 -3.67 -22.04 10.25
C HIS C 90 -2.14 -22.12 10.15
N ILE C 91 -1.67 -22.79 9.12
CA ILE C 91 -0.24 -22.96 8.89
C ILE C 91 0.51 -21.62 8.74
N THR C 92 -0.18 -20.58 8.31
CA THR C 92 0.47 -19.27 8.14
C THR C 92 0.63 -18.60 9.48
N ARG C 93 0.06 -19.19 10.53
CA ARG C 93 0.14 -18.64 11.88
C ARG C 93 1.27 -19.27 12.70
N ILE C 94 1.80 -20.40 12.23
CA ILE C 94 2.89 -21.07 12.91
C ILE C 94 4.14 -20.18 12.90
N LYS C 95 4.72 -19.92 14.06
CA LYS C 95 5.92 -19.09 14.16
C LYS C 95 7.20 -19.80 13.71
N LYS C 96 7.25 -21.11 13.91
CA LYS C 96 8.42 -21.89 13.52
C LYS C 96 8.46 -22.14 12.02
N PRO C 97 9.66 -22.28 11.44
CA PRO C 97 9.81 -22.52 9.99
C PRO C 97 9.16 -23.83 9.59
N VAL C 98 8.57 -23.85 8.39
CA VAL C 98 7.92 -25.04 7.87
C VAL C 98 8.42 -25.30 6.45
N ILE C 99 9.00 -26.47 6.23
CA ILE C 99 9.51 -26.85 4.92
C ILE C 99 8.56 -27.85 4.27
N ALA C 100 8.23 -27.62 3.01
CA ALA C 100 7.35 -28.55 2.30
C ALA C 100 8.24 -29.39 1.41
N ALA C 101 8.14 -30.72 1.56
CA ALA C 101 8.92 -31.65 0.74
C ALA C 101 7.91 -32.20 -0.24
N VAL C 102 7.97 -31.73 -1.47
CA VAL C 102 7.00 -32.13 -2.48
C VAL C 102 7.42 -33.18 -3.50
N ASN C 103 6.79 -34.35 -3.40
CA ASN C 103 7.04 -35.42 -4.37
C ASN C 103 5.75 -35.59 -5.13
N GLY C 104 5.86 -35.84 -6.42
CA GLY C 104 4.67 -36.04 -7.23
C GLY C 104 3.73 -34.86 -7.30
N TYR C 105 2.44 -35.17 -7.44
CA TYR C 105 1.40 -34.16 -7.57
C TYR C 105 1.20 -33.20 -6.40
N ALA C 106 1.11 -31.92 -6.75
CA ALA C 106 0.86 -30.83 -5.81
C ALA C 106 -0.07 -29.93 -6.63
N LEU C 107 -1.37 -30.25 -6.58
CA LEU C 107 -2.36 -29.52 -7.37
C LEU C 107 -3.41 -28.81 -6.51
N GLY C 108 -3.92 -27.71 -7.04
CA GLY C 108 -4.92 -26.92 -6.34
C GLY C 108 -4.53 -26.66 -4.90
N GLY C 109 -5.40 -27.06 -3.98
CA GLY C 109 -5.13 -26.86 -2.57
C GLY C 109 -3.80 -27.44 -2.15
N GLY C 110 -3.32 -28.44 -2.88
CA GLY C 110 -2.04 -29.04 -2.56
C GLY C 110 -0.92 -28.08 -2.88
N CYS C 111 -1.00 -27.47 -4.05
CA CYS C 111 0.01 -26.51 -4.48
C CYS C 111 -0.02 -25.33 -3.52
N GLU C 112 -1.24 -24.91 -3.18
CA GLU C 112 -1.43 -23.77 -2.28
C GLU C 112 -0.91 -24.05 -0.89
N LEU C 113 -1.00 -25.30 -0.45
CA LEU C 113 -0.53 -25.66 0.88
C LEU C 113 0.99 -25.55 0.90
N ALA C 114 1.61 -26.00 -0.20
CA ALA C 114 3.06 -25.96 -0.33
C ALA C 114 3.55 -24.51 -0.31
N MET C 115 2.85 -23.64 -1.04
CA MET C 115 3.24 -22.22 -1.11
C MET C 115 3.07 -21.50 0.22
N MET C 116 2.24 -22.05 1.10
CA MET C 116 2.02 -21.45 2.41
C MET C 116 3.22 -21.71 3.30
N CYS C 117 3.96 -22.77 2.99
CA CYS C 117 5.15 -23.10 3.76
C CYS C 117 6.23 -22.09 3.44
N ASP C 118 7.24 -22.03 4.28
CA ASP C 118 8.32 -21.08 4.11
C ASP C 118 9.31 -21.47 3.01
N ILE C 119 9.58 -22.76 2.92
CA ILE C 119 10.52 -23.28 1.93
C ILE C 119 9.95 -24.50 1.24
N ILE C 120 10.25 -24.64 -0.05
CA ILE C 120 9.77 -25.79 -0.77
C ILE C 120 10.91 -26.52 -1.45
N TYR C 121 10.94 -27.84 -1.25
CA TYR C 121 11.92 -28.71 -1.87
C TYR C 121 11.07 -29.62 -2.75
N ALA C 122 11.48 -29.83 -3.99
CA ALA C 122 10.69 -30.70 -4.87
C ALA C 122 11.47 -31.91 -5.35
N GLY C 123 10.76 -33.02 -5.52
CA GLY C 123 11.38 -34.23 -6.01
C GLY C 123 11.48 -34.10 -7.52
N GLU C 124 12.43 -34.80 -8.14
CA GLU C 124 12.62 -34.71 -9.58
C GLU C 124 11.34 -34.90 -10.38
N LYS C 125 10.38 -35.64 -9.84
CA LYS C 125 9.14 -35.90 -10.58
C LYS C 125 7.93 -35.14 -10.06
N ALA C 126 8.17 -34.13 -9.23
CA ALA C 126 7.08 -33.34 -8.70
C ALA C 126 6.42 -32.54 -9.81
N GLN C 127 5.14 -32.24 -9.63
CA GLN C 127 4.39 -31.46 -10.60
C GLN C 127 3.49 -30.48 -9.86
N PHE C 128 3.53 -29.22 -10.27
CA PHE C 128 2.69 -28.21 -9.63
C PHE C 128 1.65 -27.70 -10.61
N GLY C 129 0.48 -27.32 -10.08
CA GLY C 129 -0.58 -26.81 -10.93
C GLY C 129 -1.78 -26.31 -10.17
N GLN C 130 -2.58 -25.49 -10.84
CA GLN C 130 -3.79 -24.92 -10.28
C GLN C 130 -4.88 -25.21 -11.30
N PRO C 131 -5.47 -26.42 -11.23
CA PRO C 131 -6.51 -26.84 -12.17
C PRO C 131 -7.94 -26.43 -11.80
N GLU C 132 -8.07 -25.56 -10.81
CA GLU C 132 -9.38 -25.12 -10.39
C GLU C 132 -10.24 -24.67 -11.57
N ILE C 133 -9.63 -23.97 -12.52
CA ILE C 133 -10.36 -23.46 -13.68
C ILE C 133 -11.08 -24.57 -14.46
N LEU C 134 -10.52 -25.79 -14.43
CA LEU C 134 -11.12 -26.92 -15.13
C LEU C 134 -12.39 -27.42 -14.43
N LEU C 135 -12.53 -27.09 -13.16
CA LEU C 135 -13.70 -27.50 -12.38
C LEU C 135 -14.71 -26.36 -12.32
N GLY C 136 -14.48 -25.31 -13.08
CA GLY C 136 -15.41 -24.19 -13.09
C GLY C 136 -15.30 -23.31 -11.86
N THR C 137 -14.12 -23.24 -11.28
CA THR C 137 -13.90 -22.38 -10.11
C THR C 137 -12.49 -21.77 -10.22
N ILE C 138 -12.06 -21.02 -9.21
CA ILE C 138 -10.73 -20.42 -9.23
C ILE C 138 -9.99 -20.77 -7.95
N PRO C 139 -8.67 -20.58 -7.92
CA PRO C 139 -7.90 -20.89 -6.71
C PRO C 139 -8.45 -20.06 -5.56
N GLY C 140 -8.62 -20.67 -4.39
CA GLY C 140 -9.19 -19.94 -3.29
C GLY C 140 -8.38 -20.01 -2.02
N ALA C 141 -7.12 -20.41 -2.14
CA ALA C 141 -6.24 -20.50 -1.00
C ALA C 141 -4.86 -19.90 -1.32
N GLY C 142 -4.85 -18.82 -2.10
CA GLY C 142 -3.61 -18.14 -2.44
C GLY C 142 -2.99 -18.47 -3.78
N GLY C 143 -3.64 -19.33 -4.55
CA GLY C 143 -3.10 -19.71 -5.85
C GLY C 143 -2.95 -18.59 -6.87
N THR C 144 -3.70 -17.50 -6.70
CA THR C 144 -3.57 -16.39 -7.64
C THR C 144 -2.70 -15.29 -7.03
N GLN C 145 -2.35 -15.46 -5.76
CA GLN C 145 -1.53 -14.46 -5.06
C GLN C 145 -0.08 -14.87 -4.83
N ARG C 146 0.11 -15.97 -4.09
CA ARG C 146 1.46 -16.44 -3.81
C ARG C 146 2.15 -16.90 -5.09
N LEU C 147 1.41 -17.60 -5.94
CA LEU C 147 1.98 -18.10 -7.19
C LEU C 147 2.51 -16.95 -8.06
N THR C 148 1.66 -15.96 -8.27
CA THR C 148 2.00 -14.80 -9.08
C THR C 148 3.21 -14.05 -8.56
N ARG C 149 3.28 -13.88 -7.24
CA ARG C 149 4.39 -13.16 -6.64
C ARG C 149 5.72 -13.89 -6.74
N ALA C 150 5.67 -15.20 -6.93
CA ALA C 150 6.90 -15.99 -7.04
C ALA C 150 7.31 -16.25 -8.47
N VAL C 151 6.33 -16.57 -9.29
CA VAL C 151 6.55 -16.95 -10.67
C VAL C 151 6.45 -15.89 -11.77
N GLY C 152 5.78 -14.78 -11.50
CA GLY C 152 5.65 -13.76 -12.52
C GLY C 152 4.26 -13.83 -13.13
N LYS C 153 3.79 -12.74 -13.71
CA LYS C 153 2.46 -12.70 -14.29
C LYS C 153 2.19 -13.67 -15.44
N SER C 154 3.11 -13.74 -16.41
CA SER C 154 2.90 -14.62 -17.56
C SER C 154 2.67 -16.08 -17.20
N LEU C 155 3.58 -16.66 -16.43
CA LEU C 155 3.44 -18.06 -16.06
C LEU C 155 2.25 -18.30 -15.12
N ALA C 156 1.99 -17.35 -14.23
CA ALA C 156 0.88 -17.51 -13.30
C ALA C 156 -0.44 -17.47 -14.07
N MET C 157 -0.56 -16.54 -15.02
CA MET C 157 -1.76 -16.44 -15.82
C MET C 157 -1.96 -17.71 -16.63
N GLU C 158 -0.89 -18.19 -17.26
CA GLU C 158 -0.97 -19.40 -18.05
C GLU C 158 -1.41 -20.60 -17.21
N MET C 159 -0.82 -20.75 -16.04
CA MET C 159 -1.17 -21.84 -15.14
C MET C 159 -2.60 -21.79 -14.65
N VAL C 160 -3.03 -20.61 -14.21
CA VAL C 160 -4.37 -20.44 -13.68
C VAL C 160 -5.50 -20.48 -14.72
N LEU C 161 -5.24 -19.94 -15.91
CA LEU C 161 -6.28 -19.91 -16.95
C LEU C 161 -6.38 -21.19 -17.80
N THR C 162 -5.30 -21.96 -17.88
CA THR C 162 -5.34 -23.18 -18.68
C THR C 162 -5.46 -24.42 -17.80
N GLY C 163 -4.84 -24.36 -16.63
CA GLY C 163 -4.88 -25.49 -15.72
C GLY C 163 -3.69 -26.40 -15.93
N ASP C 164 -2.83 -26.04 -16.87
CA ASP C 164 -1.64 -26.84 -17.16
C ASP C 164 -0.70 -26.96 -15.97
N ARG C 165 -0.03 -28.10 -15.86
CA ARG C 165 0.91 -28.36 -14.79
C ARG C 165 2.32 -28.00 -15.24
N ILE C 166 3.20 -27.72 -14.28
CA ILE C 166 4.57 -27.43 -14.62
C ILE C 166 5.44 -28.42 -13.87
N SER C 167 6.63 -28.68 -14.40
CA SER C 167 7.55 -29.64 -13.79
C SER C 167 8.32 -29.03 -12.63
N ALA C 168 9.09 -29.86 -11.94
CA ALA C 168 9.90 -29.43 -10.81
C ALA C 168 10.98 -28.47 -11.33
N GLN C 169 11.52 -28.77 -12.49
CA GLN C 169 12.56 -27.95 -13.11
C GLN C 169 12.02 -26.56 -13.41
N ASP C 170 10.81 -26.49 -13.95
CA ASP C 170 10.20 -25.21 -14.26
C ASP C 170 9.96 -24.42 -12.99
N ALA C 171 9.51 -25.13 -11.96
CA ALA C 171 9.21 -24.51 -10.68
C ALA C 171 10.47 -23.92 -10.05
N LYS C 172 11.60 -24.61 -10.18
CA LYS C 172 12.85 -24.12 -9.61
C LYS C 172 13.34 -22.90 -10.39
N GLN C 173 13.25 -22.98 -11.71
CA GLN C 173 13.68 -21.91 -12.59
C GLN C 173 12.86 -20.65 -12.33
N ALA C 174 11.57 -20.81 -12.10
CA ALA C 174 10.68 -19.68 -11.85
C ALA C 174 10.75 -19.14 -10.42
N GLY C 175 11.40 -19.89 -9.52
CA GLY C 175 11.52 -19.43 -8.14
C GLY C 175 10.44 -19.91 -7.19
N LEU C 176 9.59 -20.83 -7.66
CA LEU C 176 8.52 -21.37 -6.83
C LEU C 176 9.12 -22.27 -5.76
N VAL C 177 10.12 -23.06 -6.14
CA VAL C 177 10.79 -23.95 -5.18
C VAL C 177 12.28 -23.59 -5.23
N SER C 178 13.00 -23.85 -4.14
CA SER C 178 14.41 -23.47 -4.10
C SER C 178 15.40 -24.60 -4.32
N LYS C 179 14.92 -25.84 -4.28
CA LYS C 179 15.81 -27.00 -4.46
C LYS C 179 15.09 -28.23 -5.03
N ILE C 180 15.79 -28.95 -5.91
CA ILE C 180 15.26 -30.17 -6.49
C ILE C 180 16.17 -31.33 -6.07
N PHE C 181 15.56 -32.42 -5.62
CA PHE C 181 16.33 -33.59 -5.20
C PHE C 181 15.69 -34.86 -5.74
N PRO C 182 16.47 -35.96 -5.78
CA PRO C 182 15.95 -37.24 -6.27
C PRO C 182 14.77 -37.67 -5.42
N VAL C 183 13.80 -38.32 -6.05
CA VAL C 183 12.61 -38.77 -5.34
C VAL C 183 12.91 -39.48 -4.01
N GLU C 184 13.93 -40.33 -3.98
CA GLU C 184 14.29 -41.10 -2.77
C GLU C 184 14.92 -40.31 -1.64
N THR C 185 15.66 -39.26 -1.97
CA THR C 185 16.37 -38.49 -0.95
C THR C 185 15.71 -37.18 -0.57
N LEU C 186 14.61 -36.85 -1.23
CA LEU C 186 13.91 -35.60 -0.97
C LEU C 186 13.64 -35.36 0.51
N VAL C 187 12.75 -36.14 1.09
CA VAL C 187 12.40 -35.97 2.50
C VAL C 187 13.62 -35.87 3.39
N GLU C 188 14.66 -36.63 3.08
CA GLU C 188 15.87 -36.62 3.88
C GLU C 188 16.57 -35.28 3.76
N GLU C 189 16.67 -34.77 2.54
CA GLU C 189 17.33 -33.49 2.30
C GLU C 189 16.54 -32.40 3.02
N ALA C 190 15.21 -32.53 3.00
CA ALA C 190 14.35 -31.55 3.66
C ALA C 190 14.63 -31.55 5.16
N ILE C 191 14.76 -32.74 5.73
CA ILE C 191 15.03 -32.88 7.15
C ILE C 191 16.37 -32.27 7.51
N GLN C 192 17.37 -32.46 6.65
CA GLN C 192 18.69 -31.89 6.91
C GLN C 192 18.59 -30.37 6.94
N CYS C 193 17.78 -29.82 6.05
CA CYS C 193 17.59 -28.39 6.00
C CYS C 193 16.92 -27.95 7.31
N ALA C 194 15.87 -28.66 7.69
CA ALA C 194 15.16 -28.33 8.92
C ALA C 194 16.13 -28.38 10.11
N GLU C 195 17.08 -29.30 10.05
CA GLU C 195 18.07 -29.47 11.11
C GLU C 195 18.95 -28.23 11.25
N LYS C 196 19.46 -27.72 10.13
CA LYS C 196 20.31 -26.53 10.15
C LYS C 196 19.57 -25.38 10.82
N ILE C 197 18.29 -25.27 10.51
CA ILE C 197 17.47 -24.21 11.06
C ILE C 197 17.26 -24.42 12.55
N ALA C 198 16.92 -25.65 12.93
CA ALA C 198 16.67 -25.98 14.32
C ALA C 198 17.87 -25.70 15.21
N ASN C 199 19.06 -25.69 14.61
CA ASN C 199 20.28 -25.42 15.40
C ASN C 199 20.45 -23.97 15.78
N ASN C 200 19.75 -23.07 15.09
CA ASN C 200 19.86 -21.65 15.41
C ASN C 200 18.88 -21.27 16.51
N SER C 201 19.06 -20.09 17.09
CA SER C 201 18.18 -19.61 18.14
C SER C 201 16.73 -19.59 17.66
N LYS C 202 15.84 -20.23 18.41
CA LYS C 202 14.43 -20.25 18.02
C LYS C 202 13.80 -18.88 18.03
N ILE C 203 14.21 -18.02 18.95
CA ILE C 203 13.64 -16.69 19.03
C ILE C 203 14.15 -15.80 17.90
N ILE C 204 15.40 -15.97 17.50
CA ILE C 204 15.94 -15.15 16.42
C ILE C 204 15.35 -15.63 15.10
N VAL C 205 15.24 -16.95 14.93
CA VAL C 205 14.68 -17.53 13.73
C VAL C 205 13.26 -17.02 13.48
N ALA C 206 12.47 -16.97 14.55
CA ALA C 206 11.10 -16.52 14.43
C ALA C 206 11.02 -15.07 13.96
N MET C 207 11.99 -14.27 14.38
CA MET C 207 12.03 -12.87 13.99
C MET C 207 12.40 -12.73 12.52
N ALA C 208 13.40 -13.52 12.10
CA ALA C 208 13.86 -13.49 10.72
C ALA C 208 12.72 -13.88 9.79
N LYS C 209 11.97 -14.91 10.17
CA LYS C 209 10.84 -15.38 9.37
C LYS C 209 9.79 -14.26 9.22
N GLU C 210 9.48 -13.58 10.32
CA GLU C 210 8.51 -12.50 10.27
C GLU C 210 8.97 -11.40 9.30
N SER C 211 10.25 -11.07 9.38
CA SER C 211 10.80 -10.01 8.55
C SER C 211 10.67 -10.34 7.07
N VAL C 212 11.00 -11.57 6.69
CA VAL C 212 10.90 -11.99 5.32
C VAL C 212 9.44 -11.96 4.84
N ASN C 213 8.52 -12.46 5.67
CA ASN C 213 7.11 -12.46 5.31
C ASN C 213 6.58 -11.05 5.11
N ALA C 214 7.15 -10.08 5.84
CA ALA C 214 6.71 -8.69 5.74
C ALA C 214 6.97 -8.10 4.36
N ALA C 215 7.89 -8.72 3.61
CA ALA C 215 8.24 -8.24 2.29
C ALA C 215 7.06 -8.21 1.33
N PHE C 216 6.01 -8.98 1.63
CA PHE C 216 4.83 -9.03 0.79
C PHE C 216 3.66 -8.24 1.36
N GLU C 217 3.88 -7.52 2.46
CA GLU C 217 2.81 -6.78 3.12
C GLU C 217 3.01 -5.28 3.21
N MET C 218 4.09 -4.77 2.64
CA MET C 218 4.31 -3.32 2.72
C MET C 218 5.33 -2.85 1.70
N THR C 219 5.47 -1.54 1.58
CA THR C 219 6.42 -0.97 0.63
C THR C 219 7.84 -1.26 1.11
N LEU C 220 8.80 -1.22 0.18
CA LEU C 220 10.19 -1.48 0.53
C LEU C 220 10.70 -0.52 1.61
N THR C 221 10.36 0.75 1.51
CA THR C 221 10.80 1.73 2.50
C THR C 221 10.36 1.33 3.91
N GLU C 222 9.09 0.99 4.08
CA GLU C 222 8.59 0.58 5.40
C GLU C 222 9.08 -0.80 5.79
N GLY C 223 9.26 -1.67 4.81
CA GLY C 223 9.73 -3.01 5.10
C GLY C 223 11.10 -2.90 5.75
N ASN C 224 11.94 -2.02 5.21
CA ASN C 224 13.29 -1.84 5.75
C ASN C 224 13.29 -1.26 7.15
N LYS C 225 12.34 -0.38 7.43
CA LYS C 225 12.26 0.22 8.77
C LYS C 225 11.85 -0.85 9.76
N LEU C 226 10.91 -1.69 9.36
CA LEU C 226 10.43 -2.75 10.23
C LEU C 226 11.60 -3.70 10.52
N GLU C 227 12.28 -4.13 9.46
CA GLU C 227 13.40 -5.04 9.59
C GLU C 227 14.43 -4.48 10.56
N LYS C 228 14.68 -3.16 10.48
CA LYS C 228 15.64 -2.50 11.35
C LYS C 228 15.22 -2.60 12.81
N LYS C 229 13.93 -2.43 13.08
CA LYS C 229 13.41 -2.52 14.45
C LYS C 229 13.62 -3.92 15.00
N LEU C 230 13.41 -4.91 14.14
CA LEU C 230 13.56 -6.30 14.53
C LEU C 230 15.03 -6.59 14.80
N PHE C 231 15.90 -6.01 13.97
CA PHE C 231 17.33 -6.19 14.13
C PHE C 231 17.78 -5.65 15.48
N TYR C 232 17.34 -4.43 15.76
CA TYR C 232 17.64 -3.76 17.02
C TYR C 232 17.19 -4.65 18.19
N SER C 233 15.97 -5.15 18.10
CA SER C 233 15.41 -5.98 19.17
C SER C 233 16.20 -7.25 19.46
N THR C 234 16.99 -7.73 18.51
CA THR C 234 17.78 -8.94 18.73
C THR C 234 18.87 -8.65 19.74
N PHE C 235 19.22 -7.37 19.85
CA PHE C 235 20.26 -6.96 20.79
C PHE C 235 19.81 -7.03 22.24
N ALA C 236 18.57 -7.46 22.45
CA ALA C 236 18.02 -7.58 23.79
C ALA C 236 17.99 -9.06 24.19
N THR C 237 18.55 -9.91 23.34
CA THR C 237 18.56 -11.35 23.62
C THR C 237 19.95 -11.78 24.02
N ASP C 238 20.04 -12.95 24.65
CA ASP C 238 21.32 -13.47 25.08
C ASP C 238 22.00 -14.19 23.92
N ASP C 239 21.20 -14.89 23.11
CA ASP C 239 21.73 -15.63 21.97
C ASP C 239 22.48 -14.76 20.97
N ARG C 240 22.11 -13.49 20.90
CA ARG C 240 22.79 -12.58 19.98
C ARG C 240 24.18 -12.27 20.53
N ARG C 241 24.28 -12.27 21.85
CA ARG C 241 25.54 -12.03 22.55
C ARG C 241 26.41 -13.26 22.34
N GLU C 242 25.80 -14.43 22.55
CA GLU C 242 26.47 -15.70 22.36
C GLU C 242 26.99 -15.89 20.93
N GLY C 243 26.11 -15.69 19.95
CA GLY C 243 26.47 -15.85 18.56
C GLY C 243 27.65 -15.01 18.11
N MET C 244 27.58 -13.71 18.39
CA MET C 244 28.65 -12.82 17.99
C MET C 244 29.95 -13.10 18.75
N SER C 245 29.83 -13.54 20.00
CA SER C 245 31.01 -13.86 20.80
C SER C 245 31.68 -15.13 20.29
N ALA C 246 30.87 -16.12 19.98
CA ALA C 246 31.38 -17.40 19.48
C ALA C 246 32.18 -17.20 18.21
N PHE C 247 31.84 -16.16 17.43
CA PHE C 247 32.55 -15.91 16.20
C PHE C 247 33.94 -15.34 16.46
N VAL C 248 34.00 -14.30 17.30
CA VAL C 248 35.28 -13.67 17.63
C VAL C 248 36.19 -14.63 18.41
N GLU C 249 35.57 -15.53 19.16
CA GLU C 249 36.28 -16.53 19.95
C GLU C 249 36.61 -17.72 19.08
N LYS C 250 36.34 -17.57 17.78
CA LYS C 250 36.58 -18.62 16.79
C LYS C 250 36.15 -19.97 17.36
N ARG C 251 34.93 -20.00 17.88
CA ARG C 251 34.37 -21.21 18.47
C ARG C 251 32.88 -21.35 18.15
N LYS C 252 32.34 -22.56 18.30
CA LYS C 252 30.93 -22.82 18.04
C LYS C 252 30.01 -22.19 19.08
N ALA C 253 28.83 -21.78 18.65
CA ALA C 253 27.85 -21.14 19.54
C ALA C 253 26.76 -22.08 20.04
N ASN C 254 26.32 -21.85 21.27
CA ASN C 254 25.28 -22.65 21.91
C ASN C 254 24.10 -21.77 22.25
N PHE C 255 23.10 -21.77 21.37
CA PHE C 255 21.92 -20.94 21.56
C PHE C 255 20.94 -21.54 22.57
N LYS C 256 20.57 -20.73 23.55
CA LYS C 256 19.66 -21.14 24.61
C LYS C 256 18.21 -20.76 24.31
N ASP C 257 18.02 -20.07 23.19
CA ASP C 257 16.69 -19.64 22.78
C ASP C 257 16.12 -18.52 23.65
N HIS C 258 16.94 -17.50 23.89
CA HIS C 258 16.52 -16.35 24.67
C HIS C 258 17.61 -15.30 24.67
N PHE D 1 -19.66 -16.66 34.97
CA PHE D 1 -18.61 -15.62 34.71
C PHE D 1 -18.23 -14.93 36.00
N GLN D 2 -16.94 -14.70 36.19
CA GLN D 2 -16.46 -14.05 37.40
C GLN D 2 -16.15 -12.56 37.21
N TYR D 3 -16.08 -12.10 35.96
CA TYR D 3 -15.79 -10.70 35.69
C TYR D 3 -16.76 -9.99 34.76
N ILE D 4 -17.60 -10.75 34.04
CA ILE D 4 -18.55 -10.11 33.14
C ILE D 4 -20.00 -10.53 33.38
N ILE D 5 -20.92 -9.72 32.87
CA ILE D 5 -22.34 -9.96 33.01
C ILE D 5 -22.95 -9.90 31.61
N THR D 6 -23.66 -10.94 31.21
CA THR D 6 -24.27 -10.95 29.88
C THR D 6 -25.79 -11.07 29.98
N GLU D 7 -26.48 -10.82 28.87
CA GLU D 7 -27.94 -10.88 28.80
C GLU D 7 -28.41 -10.34 27.46
N LYS D 8 -29.56 -10.80 27.00
CA LYS D 8 -30.10 -10.34 25.73
C LYS D 8 -31.16 -9.30 26.01
N LYS D 9 -30.93 -8.09 25.52
CA LYS D 9 -31.82 -6.97 25.76
C LYS D 9 -32.68 -6.48 24.59
N GLY D 10 -32.55 -7.05 23.40
CA GLY D 10 -33.38 -6.56 22.29
C GLY D 10 -34.86 -6.40 22.60
N LYS D 11 -35.58 -5.61 21.80
CA LYS D 11 -37.01 -5.43 22.00
C LYS D 11 -37.66 -6.77 21.61
N ASN D 12 -36.88 -7.55 20.87
CA ASN D 12 -37.26 -8.88 20.43
C ASN D 12 -36.13 -9.81 20.83
N SER D 13 -35.39 -9.39 21.86
CA SER D 13 -34.25 -10.12 22.40
C SER D 13 -33.17 -10.40 21.37
N SER D 14 -32.95 -9.44 20.47
CA SER D 14 -31.97 -9.61 19.40
C SER D 14 -30.62 -8.93 19.64
N VAL D 15 -30.48 -8.25 20.76
CA VAL D 15 -29.22 -7.58 21.06
C VAL D 15 -28.47 -8.25 22.20
N GLY D 16 -27.23 -8.63 21.94
CA GLY D 16 -26.43 -9.25 22.98
C GLY D 16 -25.69 -8.16 23.75
N LEU D 17 -25.90 -8.11 25.06
CA LEU D 17 -25.26 -7.11 25.90
C LEU D 17 -24.19 -7.72 26.80
N ILE D 18 -22.99 -7.15 26.76
CA ILE D 18 -21.90 -7.63 27.59
C ILE D 18 -21.47 -6.48 28.47
N GLN D 19 -21.39 -6.72 29.77
CA GLN D 19 -21.01 -5.65 30.68
C GLN D 19 -19.78 -6.03 31.50
N LEU D 20 -18.70 -5.29 31.33
CA LEU D 20 -17.49 -5.55 32.10
C LEU D 20 -17.86 -5.25 33.56
N ASN D 21 -17.65 -6.23 34.43
CA ASN D 21 -18.04 -6.06 35.83
C ASN D 21 -16.95 -6.30 36.86
N ARG D 22 -15.93 -5.45 36.85
CA ARG D 22 -14.83 -5.56 37.81
C ARG D 22 -14.61 -4.16 38.38
N PRO D 23 -15.59 -3.65 39.14
CA PRO D 23 -15.66 -2.34 39.80
C PRO D 23 -14.44 -1.89 40.59
N LYS D 24 -13.84 -2.79 41.35
CA LYS D 24 -12.69 -2.42 42.17
C LYS D 24 -11.44 -1.97 41.45
N ALA D 25 -11.16 -2.53 40.27
CA ALA D 25 -9.99 -2.12 39.50
C ALA D 25 -10.40 -1.23 38.32
N LEU D 26 -11.50 -0.48 38.49
CA LEU D 26 -12.02 0.39 37.44
C LEU D 26 -12.10 -0.39 36.13
N ASN D 27 -12.53 -1.65 36.24
CA ASN D 27 -12.64 -2.54 35.09
C ASN D 27 -11.34 -2.87 34.39
N ALA D 28 -10.23 -2.77 35.12
CA ALA D 28 -8.93 -3.09 34.54
C ALA D 28 -9.08 -4.46 33.85
N LEU D 29 -8.68 -4.52 32.59
CA LEU D 29 -8.81 -5.74 31.81
C LEU D 29 -7.70 -6.78 32.02
N CYS D 30 -7.85 -7.58 33.08
CA CYS D 30 -6.88 -8.63 33.38
C CYS D 30 -7.10 -9.80 32.46
N ASN D 31 -6.13 -10.70 32.41
CA ASN D 31 -6.19 -11.86 31.53
C ASN D 31 -7.49 -12.67 31.66
N GLY D 32 -7.95 -12.86 32.89
CA GLY D 32 -9.16 -13.61 33.11
C GLY D 32 -10.37 -12.92 32.50
N LEU D 33 -10.42 -11.60 32.64
CA LEU D 33 -11.53 -10.83 32.09
C LEU D 33 -11.56 -11.02 30.57
N ILE D 34 -10.41 -10.86 29.92
CA ILE D 34 -10.34 -11.03 28.47
C ILE D 34 -10.82 -12.43 28.07
N GLU D 35 -10.44 -13.43 28.86
CA GLU D 35 -10.87 -14.81 28.60
C GLU D 35 -12.39 -14.89 28.48
N GLU D 36 -13.08 -14.36 29.49
CA GLU D 36 -14.53 -14.41 29.51
C GLU D 36 -15.15 -13.58 28.40
N LEU D 37 -14.59 -12.39 28.18
CA LEU D 37 -15.08 -11.50 27.14
C LEU D 37 -15.11 -12.22 25.80
N ASN D 38 -14.03 -12.92 25.46
CA ASN D 38 -13.97 -13.63 24.20
C ASN D 38 -15.01 -14.75 24.15
N GLN D 39 -15.31 -15.34 25.31
CA GLN D 39 -16.30 -16.40 25.39
C GLN D 39 -17.67 -15.81 25.11
N ALA D 40 -17.98 -14.73 25.83
CA ALA D 40 -19.24 -14.05 25.66
C ALA D 40 -19.43 -13.67 24.19
N LEU D 41 -18.41 -13.07 23.60
CA LEU D 41 -18.47 -12.67 22.20
C LEU D 41 -18.78 -13.85 21.32
N GLU D 42 -18.05 -14.94 21.52
CA GLU D 42 -18.28 -16.14 20.70
C GLU D 42 -19.69 -16.69 20.81
N THR D 43 -20.24 -16.73 22.02
CA THR D 43 -21.60 -17.26 22.17
C THR D 43 -22.59 -16.41 21.38
N PHE D 44 -22.52 -15.09 21.55
CA PHE D 44 -23.42 -14.19 20.82
C PHE D 44 -23.21 -14.27 19.32
N GLU D 45 -21.96 -14.48 18.90
CA GLU D 45 -21.65 -14.59 17.48
C GLU D 45 -22.32 -15.84 16.92
N GLU D 46 -22.40 -16.88 17.74
CA GLU D 46 -22.97 -18.15 17.31
C GLU D 46 -24.49 -18.21 17.45
N ASP D 47 -25.04 -17.39 18.33
CA ASP D 47 -26.48 -17.34 18.54
C ASP D 47 -27.17 -16.68 17.33
N PRO D 48 -27.94 -17.47 16.56
CA PRO D 48 -28.63 -16.96 15.37
C PRO D 48 -29.79 -15.99 15.65
N ALA D 49 -30.04 -15.71 16.93
CA ALA D 49 -31.10 -14.78 17.31
C ALA D 49 -30.53 -13.38 17.52
N VAL D 50 -29.23 -13.34 17.83
CA VAL D 50 -28.54 -12.07 18.07
C VAL D 50 -27.99 -11.49 16.76
N GLY D 51 -28.34 -10.24 16.47
CA GLY D 51 -27.88 -9.61 15.26
C GLY D 51 -26.84 -8.53 15.49
N ALA D 52 -26.67 -8.15 16.74
CA ALA D 52 -25.70 -7.11 17.10
C ALA D 52 -25.30 -7.26 18.56
N ILE D 53 -24.12 -6.75 18.90
CA ILE D 53 -23.64 -6.85 20.25
C ILE D 53 -23.30 -5.49 20.84
N VAL D 54 -23.65 -5.28 22.10
CA VAL D 54 -23.36 -4.02 22.75
C VAL D 54 -22.37 -4.30 23.89
N LEU D 55 -21.30 -3.53 23.94
CA LEU D 55 -20.27 -3.70 24.94
C LEU D 55 -20.19 -2.45 25.80
N THR D 56 -20.30 -2.62 27.12
CA THR D 56 -20.23 -1.48 28.02
C THR D 56 -19.64 -1.90 29.35
N GLY D 57 -19.36 -0.93 30.21
CA GLY D 57 -18.79 -1.22 31.51
C GLY D 57 -19.62 -0.58 32.61
N GLY D 58 -18.93 0.05 33.55
CA GLY D 58 -19.62 0.70 34.65
C GLY D 58 -19.98 2.13 34.30
N GLU D 59 -20.56 2.84 35.25
CA GLU D 59 -20.94 4.23 35.02
C GLU D 59 -19.73 5.13 35.19
N LYS D 60 -18.82 4.73 36.07
CA LYS D 60 -17.62 5.50 36.36
C LYS D 60 -16.44 5.08 35.46
N ALA D 61 -16.53 3.90 34.86
CA ALA D 61 -15.45 3.44 34.01
C ALA D 61 -15.84 2.34 33.05
N PHE D 62 -15.39 2.50 31.80
CA PHE D 62 -15.62 1.51 30.77
C PHE D 62 -14.52 0.48 31.02
N ALA D 63 -13.30 0.98 31.15
CA ALA D 63 -12.11 0.17 31.42
C ALA D 63 -10.90 1.10 31.57
N ALA D 64 -10.14 0.94 32.65
CA ALA D 64 -9.00 1.80 32.90
C ALA D 64 -7.73 1.28 32.22
N GLY D 65 -7.89 0.26 31.39
CA GLY D 65 -6.75 -0.29 30.67
C GLY D 65 -6.55 -1.75 31.01
N ALA D 66 -5.42 -2.31 30.61
CA ALA D 66 -5.12 -3.70 30.92
C ALA D 66 -4.67 -3.65 32.38
N ASP D 67 -4.57 -4.81 33.01
CA ASP D 67 -4.15 -4.83 34.40
C ASP D 67 -2.65 -4.57 34.50
N ILE D 68 -2.29 -3.40 35.01
CA ILE D 68 -0.90 -3.00 35.17
C ILE D 68 -0.14 -3.96 36.06
N LYS D 69 -0.79 -4.43 37.12
CA LYS D 69 -0.14 -5.35 38.04
C LYS D 69 0.23 -6.68 37.39
N GLU D 70 -0.54 -7.12 36.41
CA GLU D 70 -0.25 -8.38 35.75
C GLU D 70 0.92 -8.33 34.77
N MET D 71 1.31 -7.12 34.37
CA MET D 71 2.40 -7.00 33.42
C MET D 71 3.64 -6.30 33.94
N GLN D 72 3.63 -5.89 35.21
CA GLN D 72 4.78 -5.18 35.73
C GLN D 72 6.08 -5.96 35.85
N ASN D 73 6.00 -7.29 35.96
CA ASN D 73 7.21 -8.09 36.10
C ASN D 73 7.53 -8.97 34.90
N ARG D 74 6.99 -8.63 33.75
CA ARG D 74 7.24 -9.39 32.53
C ARG D 74 8.53 -8.93 31.88
N THR D 75 9.05 -9.76 30.98
CA THR D 75 10.30 -9.44 30.28
C THR D 75 10.10 -9.35 28.78
N PHE D 76 11.14 -8.92 28.07
CA PHE D 76 11.10 -8.83 26.63
C PHE D 76 10.85 -10.24 26.11
N GLN D 77 11.60 -11.19 26.64
CA GLN D 77 11.48 -12.61 26.28
C GLN D 77 10.03 -13.06 26.49
N ASP D 78 9.45 -12.65 27.61
CA ASP D 78 8.08 -12.98 27.95
C ASP D 78 7.14 -12.63 26.80
N CYS D 79 7.36 -11.46 26.21
CA CYS D 79 6.55 -10.99 25.09
C CYS D 79 6.50 -11.95 23.92
N TYR D 80 7.67 -12.43 23.48
CA TYR D 80 7.73 -13.35 22.34
C TYR D 80 7.37 -14.81 22.63
N SER D 81 6.81 -15.08 23.81
CA SER D 81 6.42 -16.45 24.15
C SER D 81 4.95 -16.65 23.71
N GLY D 82 4.33 -15.57 23.26
CA GLY D 82 2.94 -15.63 22.81
C GLY D 82 1.94 -15.95 23.90
N LYS D 83 2.36 -15.82 25.16
CA LYS D 83 1.47 -16.09 26.29
C LYS D 83 1.36 -14.87 27.18
N PHE D 84 1.42 -13.71 26.55
CA PHE D 84 1.34 -12.45 27.29
C PHE D 84 0.46 -11.48 26.53
N LEU D 85 -0.65 -11.08 27.13
CA LEU D 85 -1.58 -10.15 26.50
C LEU D 85 -2.01 -10.76 25.17
N SER D 86 -2.29 -12.05 25.18
CA SER D 86 -2.71 -12.72 23.96
C SER D 86 -4.23 -12.74 23.88
N HIS D 87 -4.76 -12.86 22.67
CA HIS D 87 -6.20 -12.91 22.42
C HIS D 87 -6.91 -11.56 22.63
N TRP D 88 -6.16 -10.47 22.54
CA TRP D 88 -6.76 -9.16 22.72
C TRP D 88 -7.53 -8.64 21.51
N ASP D 89 -7.32 -9.25 20.35
CA ASP D 89 -8.01 -8.77 19.17
C ASP D 89 -9.02 -9.75 18.61
N HIS D 90 -9.49 -10.66 19.46
CA HIS D 90 -10.49 -11.63 19.01
C HIS D 90 -11.73 -10.88 18.55
N ILE D 91 -12.01 -9.75 19.19
CA ILE D 91 -13.16 -8.94 18.85
C ILE D 91 -13.14 -8.44 17.40
N THR D 92 -11.95 -8.30 16.81
CA THR D 92 -11.86 -7.83 15.44
C THR D 92 -12.22 -8.95 14.45
N ARG D 93 -12.42 -10.15 14.96
CA ARG D 93 -12.77 -11.28 14.11
C ARG D 93 -14.27 -11.59 14.12
N ILE D 94 -15.00 -10.95 15.03
CA ILE D 94 -16.44 -11.15 15.11
C ILE D 94 -17.07 -10.54 13.86
N LYS D 95 -17.89 -11.32 13.15
CA LYS D 95 -18.53 -10.82 11.93
C LYS D 95 -19.73 -9.91 12.18
N LYS D 96 -20.38 -10.08 13.32
CA LYS D 96 -21.54 -9.25 13.66
C LYS D 96 -21.10 -7.89 14.19
N PRO D 97 -21.93 -6.86 13.99
CA PRO D 97 -21.59 -5.51 14.46
C PRO D 97 -21.46 -5.47 15.98
N VAL D 98 -20.54 -4.64 16.45
CA VAL D 98 -20.31 -4.50 17.89
C VAL D 98 -20.29 -3.01 18.24
N ILE D 99 -21.19 -2.60 19.12
CA ILE D 99 -21.25 -1.20 19.54
C ILE D 99 -20.67 -1.07 20.94
N ALA D 100 -19.81 -0.07 21.12
CA ALA D 100 -19.23 0.17 22.42
C ALA D 100 -19.96 1.34 23.07
N ALA D 101 -20.53 1.11 24.25
CA ALA D 101 -21.23 2.16 24.98
C ALA D 101 -20.29 2.58 26.09
N VAL D 102 -19.61 3.70 25.88
CA VAL D 102 -18.64 4.17 26.83
C VAL D 102 -19.05 5.23 27.82
N ASN D 103 -19.06 4.85 29.10
CA ASN D 103 -19.38 5.78 30.17
C ASN D 103 -18.11 5.90 30.98
N GLY D 104 -17.82 7.12 31.45
CA GLY D 104 -16.62 7.31 32.25
C GLY D 104 -15.31 7.01 31.55
N TYR D 105 -14.34 6.55 32.34
CA TYR D 105 -13.00 6.22 31.87
C TYR D 105 -12.86 5.13 30.81
N ALA D 106 -12.10 5.45 29.78
CA ALA D 106 -11.78 4.53 28.70
C ALA D 106 -10.34 4.88 28.39
N LEU D 107 -9.43 4.27 29.15
CA LEU D 107 -8.00 4.54 29.03
C LEU D 107 -7.17 3.34 28.61
N GLY D 108 -6.08 3.64 27.90
CA GLY D 108 -5.19 2.58 27.43
C GLY D 108 -5.94 1.45 26.75
N GLY D 109 -5.75 0.23 27.24
CA GLY D 109 -6.43 -0.90 26.64
C GLY D 109 -7.94 -0.71 26.56
N GLY D 110 -8.48 0.13 27.45
CA GLY D 110 -9.91 0.37 27.45
C GLY D 110 -10.30 1.20 26.24
N CYS D 111 -9.50 2.22 25.96
CA CYS D 111 -9.76 3.08 24.81
C CYS D 111 -9.58 2.25 23.54
N GLU D 112 -8.53 1.41 23.56
CA GLU D 112 -8.25 0.56 22.40
C GLU D 112 -9.33 -0.48 22.16
N LEU D 113 -9.95 -0.95 23.24
CA LEU D 113 -11.01 -1.94 23.11
C LEU D 113 -12.21 -1.29 22.45
N ALA D 114 -12.49 -0.05 22.84
CA ALA D 114 -13.61 0.69 22.28
C ALA D 114 -13.38 0.95 20.80
N MET D 115 -12.16 1.31 20.42
CA MET D 115 -11.82 1.58 19.02
C MET D 115 -11.87 0.34 18.15
N MET D 116 -11.79 -0.84 18.76
CA MET D 116 -11.85 -2.08 18.00
C MET D 116 -13.30 -2.36 17.61
N CYS D 117 -14.24 -1.79 18.36
CA CYS D 117 -15.64 -1.98 18.05
C CYS D 117 -15.95 -1.19 16.78
N ASP D 118 -17.08 -1.49 16.16
CA ASP D 118 -17.47 -0.82 14.94
C ASP D 118 -18.03 0.58 15.17
N ILE D 119 -18.78 0.75 16.25
CA ILE D 119 -19.39 2.03 16.56
C ILE D 119 -19.18 2.37 18.02
N ILE D 120 -19.00 3.65 18.32
CA ILE D 120 -18.82 4.06 19.70
C ILE D 120 -19.81 5.14 20.11
N TYR D 121 -20.49 4.92 21.22
CA TYR D 121 -21.43 5.89 21.77
C TYR D 121 -20.82 6.26 23.11
N ALA D 122 -20.72 7.55 23.39
CA ALA D 122 -20.12 7.98 24.65
C ALA D 122 -21.12 8.72 25.55
N GLY D 123 -20.93 8.54 26.86
CA GLY D 123 -21.79 9.22 27.82
C GLY D 123 -21.23 10.62 27.98
N GLU D 124 -22.05 11.57 28.38
CA GLU D 124 -21.61 12.96 28.56
C GLU D 124 -20.35 13.12 29.39
N LYS D 125 -20.10 12.18 30.30
CA LYS D 125 -18.93 12.29 31.15
C LYS D 125 -17.81 11.32 30.81
N ALA D 126 -17.88 10.70 29.64
CA ALA D 126 -16.85 9.78 29.23
C ALA D 126 -15.53 10.50 28.99
N GLN D 127 -14.43 9.78 29.14
CA GLN D 127 -13.11 10.35 28.92
C GLN D 127 -12.22 9.32 28.25
N PHE D 128 -11.56 9.73 27.18
CA PHE D 128 -10.68 8.83 26.45
C PHE D 128 -9.24 9.27 26.59
N GLY D 129 -8.34 8.29 26.56
CA GLY D 129 -6.92 8.61 26.69
C GLY D 129 -6.02 7.41 26.50
N GLN D 130 -4.76 7.68 26.22
CA GLN D 130 -3.74 6.66 26.04
C GLN D 130 -2.58 7.09 26.94
N PRO D 131 -2.68 6.76 28.23
CA PRO D 131 -1.64 7.13 29.20
C PRO D 131 -0.44 6.21 29.28
N GLU D 132 -0.34 5.27 28.34
CA GLU D 132 0.78 4.32 28.34
C GLU D 132 2.14 5.02 28.52
N ILE D 133 2.30 6.15 27.86
CA ILE D 133 3.56 6.90 27.93
C ILE D 133 3.95 7.24 29.38
N LEU D 134 2.95 7.43 30.25
CA LEU D 134 3.22 7.76 31.65
C LEU D 134 3.78 6.57 32.42
N LEU D 135 3.57 5.37 31.89
CA LEU D 135 4.03 4.14 32.54
C LEU D 135 5.34 3.68 31.90
N GLY D 136 5.90 4.49 31.02
CA GLY D 136 7.14 4.13 30.37
C GLY D 136 6.97 3.11 29.26
N THR D 137 5.80 3.11 28.62
CA THR D 137 5.56 2.18 27.51
C THR D 137 4.71 2.90 26.46
N ILE D 138 4.29 2.20 25.41
CA ILE D 138 3.47 2.81 24.37
C ILE D 138 2.22 1.96 24.14
N PRO D 139 1.21 2.53 23.45
CA PRO D 139 -0.02 1.78 23.17
C PRO D 139 0.34 0.53 22.40
N GLY D 140 -0.23 -0.61 22.78
CA GLY D 140 0.12 -1.83 22.09
C GLY D 140 -1.06 -2.60 21.55
N ALA D 141 -2.21 -1.95 21.46
CA ALA D 141 -3.39 -2.61 20.95
C ALA D 141 -4.14 -1.68 20.00
N GLY D 142 -3.38 -0.95 19.20
CA GLY D 142 -3.99 -0.07 18.20
C GLY D 142 -4.11 1.39 18.54
N GLY D 143 -3.64 1.76 19.72
CA GLY D 143 -3.72 3.15 20.15
C GLY D 143 -2.98 4.17 19.30
N THR D 144 -1.97 3.76 18.56
CA THR D 144 -1.25 4.70 17.70
C THR D 144 -1.75 4.56 16.26
N GLN D 145 -2.55 3.53 16.01
CA GLN D 145 -3.05 3.30 14.67
C GLN D 145 -4.51 3.69 14.42
N ARG D 146 -5.43 3.10 15.19
CA ARG D 146 -6.85 3.43 15.02
C ARG D 146 -7.13 4.85 15.48
N LEU D 147 -6.48 5.27 16.55
CA LEU D 147 -6.69 6.62 17.07
C LEU D 147 -6.28 7.67 16.04
N THR D 148 -5.08 7.51 15.50
CA THR D 148 -4.54 8.44 14.50
C THR D 148 -5.40 8.52 13.25
N ARG D 149 -5.90 7.38 12.78
CA ARG D 149 -6.73 7.36 11.58
C ARG D 149 -8.11 8.00 11.76
N ALA D 150 -8.57 8.11 13.00
CA ALA D 150 -9.87 8.71 13.26
C ALA D 150 -9.77 10.19 13.63
N VAL D 151 -8.82 10.49 14.49
CA VAL D 151 -8.60 11.80 15.05
C VAL D 151 -7.63 12.77 14.35
N GLY D 152 -6.73 12.25 13.54
CA GLY D 152 -5.77 13.12 12.88
C GLY D 152 -4.46 13.09 13.63
N LYS D 153 -3.37 13.41 12.95
CA LYS D 153 -2.04 13.38 13.55
C LYS D 153 -1.84 14.24 14.79
N SER D 154 -2.18 15.53 14.70
CA SER D 154 -1.96 16.44 15.82
C SER D 154 -2.56 15.98 17.14
N LEU D 155 -3.85 15.66 17.13
CA LEU D 155 -4.48 15.23 18.37
C LEU D 155 -3.96 13.87 18.84
N ALA D 156 -3.70 12.98 17.89
CA ALA D 156 -3.19 11.66 18.23
C ALA D 156 -1.81 11.77 18.88
N MET D 157 -0.95 12.60 18.29
CA MET D 157 0.40 12.82 18.81
C MET D 157 0.31 13.42 20.22
N GLU D 158 -0.55 14.43 20.37
CA GLU D 158 -0.70 15.07 21.67
C GLU D 158 -1.18 14.07 22.74
N MET D 159 -2.16 13.25 22.39
CA MET D 159 -2.68 12.27 23.34
C MET D 159 -1.66 11.19 23.72
N VAL D 160 -1.00 10.63 22.72
CA VAL D 160 -0.02 9.58 22.94
C VAL D 160 1.29 10.04 23.60
N LEU D 161 1.75 11.24 23.30
CA LEU D 161 3.01 11.71 23.88
C LEU D 161 2.87 12.39 25.24
N THR D 162 1.70 12.93 25.56
CA THR D 162 1.51 13.58 26.85
C THR D 162 0.74 12.73 27.83
N GLY D 163 -0.17 11.91 27.30
CA GLY D 163 -0.99 11.06 28.15
C GLY D 163 -2.27 11.75 28.58
N ASP D 164 -2.48 12.98 28.12
CA ASP D 164 -3.68 13.72 28.47
C ASP D 164 -4.95 13.06 27.96
N ARG D 165 -6.03 13.25 28.71
CA ARG D 165 -7.32 12.68 28.35
C ARG D 165 -8.14 13.71 27.58
N ILE D 166 -9.13 13.24 26.83
CA ILE D 166 -9.99 14.17 26.11
C ILE D 166 -11.41 13.85 26.51
N SER D 167 -12.29 14.84 26.42
CA SER D 167 -13.68 14.66 26.80
C SER D 167 -14.48 13.98 25.70
N ALA D 168 -15.72 13.64 26.01
CA ALA D 168 -16.62 13.00 25.05
C ALA D 168 -16.90 13.96 23.89
N GLN D 169 -17.03 15.24 24.23
CA GLN D 169 -17.30 16.27 23.24
C GLN D 169 -16.16 16.33 22.26
N ASP D 170 -14.93 16.36 22.76
CA ASP D 170 -13.77 16.40 21.89
C ASP D 170 -13.74 15.16 21.01
N ALA D 171 -14.05 14.00 21.61
CA ALA D 171 -14.02 12.75 20.87
C ALA D 171 -15.03 12.75 19.74
N LYS D 172 -16.20 13.35 19.96
CA LYS D 172 -17.21 13.38 18.91
C LYS D 172 -16.81 14.33 17.80
N GLN D 173 -16.27 15.48 18.20
CA GLN D 173 -15.85 16.48 17.24
C GLN D 173 -14.75 15.93 16.35
N ALA D 174 -13.83 15.16 16.95
CA ALA D 174 -12.70 14.59 16.23
C ALA D 174 -13.07 13.36 15.39
N GLY D 175 -14.26 12.80 15.64
CA GLY D 175 -14.69 11.63 14.89
C GLY D 175 -14.38 10.29 15.53
N LEU D 176 -13.90 10.32 16.77
CA LEU D 176 -13.57 9.09 17.50
C LEU D 176 -14.85 8.34 17.86
N VAL D 177 -15.88 9.10 18.26
CA VAL D 177 -17.18 8.52 18.60
C VAL D 177 -18.21 9.22 17.72
N SER D 178 -19.33 8.56 17.43
CA SER D 178 -20.33 9.15 16.57
C SER D 178 -21.54 9.75 17.27
N LYS D 179 -21.70 9.47 18.56
CA LYS D 179 -22.84 10.01 19.30
C LYS D 179 -22.59 10.13 20.80
N ILE D 180 -23.11 11.21 21.38
CA ILE D 180 -22.99 11.45 22.82
C ILE D 180 -24.40 11.43 23.41
N PHE D 181 -24.55 10.75 24.54
CA PHE D 181 -25.85 10.67 25.22
C PHE D 181 -25.68 10.87 26.72
N PRO D 182 -26.77 11.21 27.42
CA PRO D 182 -26.69 11.40 28.87
C PRO D 182 -26.24 10.10 29.52
N VAL D 183 -25.49 10.21 30.60
CA VAL D 183 -24.98 9.04 31.30
C VAL D 183 -26.02 7.93 31.54
N GLU D 184 -27.24 8.32 31.93
CA GLU D 184 -28.24 7.31 32.23
C GLU D 184 -29.02 6.70 31.07
N THR D 185 -28.95 7.29 29.88
CA THR D 185 -29.64 6.73 28.73
C THR D 185 -28.68 6.13 27.70
N LEU D 186 -27.38 6.27 27.95
CA LEU D 186 -26.36 5.77 27.04
C LEU D 186 -26.58 4.33 26.60
N VAL D 187 -26.48 3.40 27.54
CA VAL D 187 -26.64 1.99 27.20
C VAL D 187 -27.93 1.72 26.45
N GLU D 188 -28.99 2.42 26.81
CA GLU D 188 -30.27 2.23 26.17
C GLU D 188 -30.24 2.70 24.73
N GLU D 189 -29.61 3.86 24.50
CA GLU D 189 -29.51 4.38 23.15
C GLU D 189 -28.68 3.44 22.30
N ALA D 190 -27.65 2.85 22.92
CA ALA D 190 -26.76 1.92 22.22
C ALA D 190 -27.56 0.71 21.78
N ILE D 191 -28.39 0.20 22.70
CA ILE D 191 -29.24 -0.96 22.42
C ILE D 191 -30.21 -0.67 21.28
N GLN D 192 -30.77 0.54 21.26
CA GLN D 192 -31.70 0.90 20.20
C GLN D 192 -30.98 0.88 18.86
N CYS D 193 -29.72 1.32 18.86
CA CYS D 193 -28.93 1.33 17.65
C CYS D 193 -28.68 -0.11 17.23
N ALA D 194 -28.31 -0.96 18.19
CA ALA D 194 -28.06 -2.35 17.88
C ALA D 194 -29.33 -2.97 17.30
N GLU D 195 -30.47 -2.56 17.83
CA GLU D 195 -31.75 -3.07 17.37
C GLU D 195 -31.98 -2.77 15.89
N LYS D 196 -31.76 -1.54 15.48
CA LYS D 196 -31.95 -1.17 14.08
C LYS D 196 -31.09 -2.06 13.18
N ILE D 197 -29.87 -2.30 13.61
CA ILE D 197 -28.95 -3.15 12.85
C ILE D 197 -29.45 -4.59 12.81
N ALA D 198 -29.87 -5.09 13.97
CA ALA D 198 -30.36 -6.46 14.08
C ALA D 198 -31.55 -6.74 13.16
N ASN D 199 -32.31 -5.70 12.83
CA ASN D 199 -33.47 -5.85 11.96
C ASN D 199 -33.12 -6.08 10.51
N ASN D 200 -31.90 -5.74 10.11
CA ASN D 200 -31.50 -5.93 8.72
C ASN D 200 -30.96 -7.34 8.52
N SER D 201 -30.83 -7.74 7.26
CA SER D 201 -30.31 -9.07 6.95
C SER D 201 -28.93 -9.27 7.57
N LYS D 202 -28.75 -10.36 8.31
CA LYS D 202 -27.46 -10.61 8.94
C LYS D 202 -26.35 -10.84 7.92
N ILE D 203 -26.70 -11.49 6.81
CA ILE D 203 -25.69 -11.76 5.80
C ILE D 203 -25.27 -10.50 5.05
N ILE D 204 -26.22 -9.59 4.83
CA ILE D 204 -25.90 -8.34 4.12
C ILE D 204 -25.14 -7.41 5.05
N VAL D 205 -25.52 -7.41 6.33
CA VAL D 205 -24.86 -6.57 7.33
C VAL D 205 -23.38 -6.97 7.48
N ALA D 206 -23.11 -8.27 7.48
CA ALA D 206 -21.75 -8.78 7.61
C ALA D 206 -20.89 -8.33 6.43
N MET D 207 -21.48 -8.31 5.24
CA MET D 207 -20.75 -7.86 4.04
C MET D 207 -20.46 -6.36 4.10
N ALA D 208 -21.44 -5.58 4.54
CA ALA D 208 -21.29 -4.14 4.64
C ALA D 208 -20.17 -3.80 5.61
N LYS D 209 -20.14 -4.51 6.74
CA LYS D 209 -19.10 -4.28 7.74
C LYS D 209 -17.72 -4.59 7.19
N GLU D 210 -17.60 -5.66 6.42
CA GLU D 210 -16.31 -6.02 5.83
C GLU D 210 -15.84 -4.94 4.87
N SER D 211 -16.77 -4.42 4.08
CA SER D 211 -16.45 -3.41 3.10
C SER D 211 -15.92 -2.13 3.76
N VAL D 212 -16.56 -1.73 4.85
CA VAL D 212 -16.12 -0.53 5.55
C VAL D 212 -14.74 -0.75 6.16
N ASN D 213 -14.52 -1.91 6.78
CA ASN D 213 -13.22 -2.22 7.39
C ASN D 213 -12.11 -2.22 6.36
N ALA D 214 -12.44 -2.58 5.13
CA ALA D 214 -11.47 -2.64 4.04
C ALA D 214 -10.91 -1.26 3.70
N ALA D 215 -11.62 -0.21 4.09
CA ALA D 215 -11.18 1.16 3.81
C ALA D 215 -9.82 1.49 4.43
N PHE D 216 -9.44 0.75 5.46
CA PHE D 216 -8.15 0.99 6.13
C PHE D 216 -7.07 -0.01 5.73
N GLU D 217 -7.37 -0.87 4.76
CA GLU D 217 -6.42 -1.91 4.37
C GLU D 217 -5.97 -1.87 2.91
N MET D 218 -6.43 -0.89 2.14
CA MET D 218 -6.03 -0.80 0.74
C MET D 218 -6.29 0.56 0.15
N THR D 219 -5.75 0.81 -1.03
CA THR D 219 -5.92 2.09 -1.71
C THR D 219 -7.39 2.27 -2.05
N LEU D 220 -7.80 3.52 -2.32
CA LEU D 220 -9.18 3.81 -2.66
C LEU D 220 -9.61 3.09 -3.94
N THR D 221 -8.72 3.03 -4.94
CA THR D 221 -9.03 2.38 -6.20
C THR D 221 -9.41 0.92 -5.98
N GLU D 222 -8.58 0.21 -5.22
CA GLU D 222 -8.85 -1.19 -4.95
C GLU D 222 -10.01 -1.38 -3.98
N GLY D 223 -10.15 -0.46 -3.04
CA GLY D 223 -11.24 -0.53 -2.09
C GLY D 223 -12.56 -0.50 -2.83
N ASN D 224 -12.65 0.36 -3.84
CA ASN D 224 -13.87 0.48 -4.63
C ASN D 224 -14.15 -0.76 -5.45
N LYS D 225 -13.10 -1.42 -5.92
CA LYS D 225 -13.29 -2.63 -6.71
C LYS D 225 -13.80 -3.75 -5.80
N LEU D 226 -13.23 -3.83 -4.61
CA LEU D 226 -13.64 -4.85 -3.64
C LEU D 226 -15.10 -4.63 -3.28
N GLU D 227 -15.45 -3.39 -2.96
CA GLU D 227 -16.81 -3.04 -2.60
C GLU D 227 -17.78 -3.45 -3.70
N LYS D 228 -17.38 -3.22 -4.95
CA LYS D 228 -18.22 -3.56 -6.09
C LYS D 228 -18.48 -5.07 -6.15
N LYS D 229 -17.45 -5.89 -5.90
CA LYS D 229 -17.61 -7.34 -5.92
C LYS D 229 -18.60 -7.76 -4.85
N LEU D 230 -18.49 -7.15 -3.67
CA LEU D 230 -19.38 -7.46 -2.56
C LEU D 230 -20.82 -7.07 -2.94
N PHE D 231 -20.96 -5.92 -3.58
CA PHE D 231 -22.27 -5.44 -4.00
C PHE D 231 -22.91 -6.43 -4.98
N TYR D 232 -22.12 -6.89 -5.93
CA TYR D 232 -22.58 -7.85 -6.93
C TYR D 232 -23.05 -9.11 -6.21
N SER D 233 -22.23 -9.58 -5.29
CA SER D 233 -22.54 -10.80 -4.58
C SER D 233 -23.85 -10.76 -3.79
N THR D 234 -24.30 -9.56 -3.41
CA THR D 234 -25.54 -9.46 -2.65
C THR D 234 -26.72 -9.86 -3.54
N PHE D 235 -26.50 -9.79 -4.85
CA PHE D 235 -27.54 -10.14 -5.81
C PHE D 235 -27.75 -11.65 -5.90
N ALA D 236 -27.01 -12.39 -5.09
CA ALA D 236 -27.13 -13.84 -5.06
C ALA D 236 -27.88 -14.25 -3.80
N THR D 237 -28.41 -13.27 -3.08
CA THR D 237 -29.14 -13.56 -1.85
C THR D 237 -30.62 -13.33 -2.06
N ASP D 238 -31.44 -13.89 -1.17
CA ASP D 238 -32.87 -13.73 -1.27
C ASP D 238 -33.29 -12.41 -0.65
N ASP D 239 -32.64 -12.07 0.47
CA ASP D 239 -32.95 -10.83 1.18
C ASP D 239 -32.80 -9.58 0.31
N ARG D 240 -31.92 -9.65 -0.69
CA ARG D 240 -31.74 -8.51 -1.57
C ARG D 240 -32.98 -8.30 -2.43
N ARG D 241 -33.44 -9.37 -3.06
CA ARG D 241 -34.61 -9.34 -3.92
C ARG D 241 -35.82 -8.92 -3.08
N GLU D 242 -35.94 -9.53 -1.91
CA GLU D 242 -37.03 -9.24 -0.98
C GLU D 242 -36.96 -7.78 -0.53
N GLY D 243 -35.74 -7.28 -0.37
CA GLY D 243 -35.55 -5.91 0.07
C GLY D 243 -35.91 -4.88 -0.98
N MET D 244 -35.56 -5.14 -2.24
CA MET D 244 -35.88 -4.19 -3.30
C MET D 244 -37.34 -4.29 -3.71
N SER D 245 -37.86 -5.51 -3.77
CA SER D 245 -39.26 -5.74 -4.14
C SER D 245 -40.14 -5.07 -3.09
N ALA D 246 -39.75 -5.20 -1.83
CA ALA D 246 -40.50 -4.60 -0.72
C ALA D 246 -40.64 -3.09 -0.90
N PHE D 247 -39.64 -2.47 -1.49
CA PHE D 247 -39.65 -1.02 -1.70
C PHE D 247 -40.68 -0.57 -2.70
N VAL D 248 -40.64 -1.17 -3.89
CA VAL D 248 -41.56 -0.83 -4.97
C VAL D 248 -43.00 -1.20 -4.64
N GLU D 249 -43.19 -2.05 -3.64
CA GLU D 249 -44.52 -2.48 -3.22
C GLU D 249 -44.96 -1.77 -1.95
N LYS D 250 -44.25 -0.70 -1.60
CA LYS D 250 -44.55 0.08 -0.42
C LYS D 250 -44.79 -0.75 0.83
N ARG D 251 -44.23 -1.95 0.86
CA ARG D 251 -44.39 -2.84 2.00
C ARG D 251 -43.10 -3.10 2.76
N LYS D 252 -43.20 -3.23 4.07
CA LYS D 252 -42.05 -3.52 4.90
C LYS D 252 -41.58 -4.88 4.43
N ALA D 253 -40.34 -5.24 4.75
CA ALA D 253 -39.82 -6.54 4.35
C ALA D 253 -38.80 -6.99 5.35
N ASN D 254 -38.95 -8.21 5.84
CA ASN D 254 -37.95 -8.71 6.75
C ASN D 254 -37.27 -9.89 6.10
N PHE D 255 -35.97 -9.94 6.33
CA PHE D 255 -35.10 -10.91 5.74
C PHE D 255 -34.88 -12.16 6.57
N LYS D 256 -34.74 -13.28 5.88
CA LYS D 256 -34.53 -14.58 6.51
C LYS D 256 -33.04 -14.85 6.69
N ASP D 257 -32.24 -13.80 6.53
CA ASP D 257 -30.78 -13.89 6.67
C ASP D 257 -30.11 -14.80 5.65
N HIS D 258 -30.48 -14.66 4.37
CA HIS D 258 -29.89 -15.46 3.29
C HIS D 258 -30.37 -14.97 1.92
N PHE E 1 22.68 33.45 14.98
CA PHE E 1 21.65 33.32 13.91
C PHE E 1 21.10 34.69 13.51
N GLN E 2 20.87 34.87 12.22
CA GLN E 2 20.34 36.13 11.69
C GLN E 2 18.83 36.17 11.52
N TYR E 3 18.23 35.03 11.19
CA TYR E 3 16.79 35.00 10.96
C TYR E 3 15.97 34.31 12.04
N ILE E 4 16.64 33.71 13.02
CA ILE E 4 15.91 33.03 14.08
C ILE E 4 16.52 33.29 15.47
N ILE E 5 15.67 33.13 16.49
CA ILE E 5 16.08 33.31 17.87
C ILE E 5 15.79 32.00 18.61
N THR E 6 16.81 31.42 19.23
CA THR E 6 16.62 30.17 19.95
C THR E 6 16.80 30.41 21.43
N GLU E 7 16.44 29.41 22.24
CA GLU E 7 16.58 29.48 23.70
C GLU E 7 15.88 28.33 24.42
N LYS E 8 16.58 27.73 25.37
CA LYS E 8 16.02 26.63 26.14
C LYS E 8 15.01 27.29 27.09
N LYS E 9 13.94 26.59 27.39
CA LYS E 9 12.91 27.15 28.26
C LYS E 9 12.23 26.02 29.03
N GLY E 10 11.21 26.36 29.80
CA GLY E 10 10.51 25.34 30.55
C GLY E 10 11.14 24.94 31.88
N LYS E 11 10.54 23.92 32.47
CA LYS E 11 10.95 23.39 33.78
C LYS E 11 12.43 23.25 34.08
N ASN E 12 13.19 22.62 33.18
CA ASN E 12 14.62 22.45 33.41
C ASN E 12 15.34 22.77 32.13
N SER E 13 14.85 23.80 31.44
CA SER E 13 15.42 24.18 30.16
C SER E 13 15.36 22.91 29.31
N SER E 14 14.31 22.12 29.56
CA SER E 14 14.10 20.87 28.87
C SER E 14 13.31 21.06 27.56
N VAL E 15 12.89 22.29 27.30
CA VAL E 15 12.13 22.63 26.12
C VAL E 15 12.92 23.59 25.22
N GLY E 16 13.12 23.21 23.97
CA GLY E 16 13.86 24.04 23.04
C GLY E 16 12.89 24.90 22.25
N LEU E 17 13.10 26.21 22.29
CA LEU E 17 12.23 27.12 21.57
C LEU E 17 12.93 27.76 20.38
N ILE E 18 12.31 27.69 19.21
CA ILE E 18 12.86 28.28 18.01
C ILE E 18 11.83 29.27 17.48
N GLN E 19 12.27 30.51 17.26
CA GLN E 19 11.38 31.54 16.76
C GLN E 19 11.85 32.11 15.43
N LEU E 20 11.02 31.97 14.40
CA LEU E 20 11.36 32.50 13.10
C LEU E 20 11.34 34.01 13.30
N ASN E 21 12.41 34.69 12.93
CA ASN E 21 12.50 36.12 13.15
C ASN E 21 12.91 36.95 11.93
N ARG E 22 12.01 37.00 10.95
CA ARG E 22 12.23 37.78 9.75
C ARG E 22 10.91 38.51 9.51
N PRO E 23 10.61 39.50 10.35
CA PRO E 23 9.43 40.37 10.38
C PRO E 23 9.07 41.05 9.07
N LYS E 24 10.08 41.58 8.37
CA LYS E 24 9.80 42.29 7.13
C LYS E 24 9.12 41.49 6.02
N ALA E 25 9.51 40.24 5.82
CA ALA E 25 8.89 39.43 4.77
C ALA E 25 7.86 38.48 5.37
N LEU E 26 7.20 38.92 6.45
CA LEU E 26 6.19 38.09 7.10
C LEU E 26 6.75 36.68 7.33
N ASN E 27 8.00 36.61 7.74
CA ASN E 27 8.70 35.35 7.98
C ASN E 27 8.85 34.45 6.75
N ALA E 28 8.84 35.05 5.57
CA ALA E 28 9.02 34.27 4.34
C ALA E 28 10.25 33.40 4.54
N LEU E 29 10.11 32.10 4.30
CA LEU E 29 11.19 31.15 4.51
C LEU E 29 12.19 31.06 3.37
N CYS E 30 13.18 31.96 3.37
CA CYS E 30 14.20 31.96 2.34
C CYS E 30 15.20 30.86 2.65
N ASN E 31 16.06 30.56 1.69
CA ASN E 31 17.07 29.52 1.83
C ASN E 31 17.95 29.67 3.07
N GLY E 32 18.33 30.90 3.39
CA GLY E 32 19.17 31.14 4.55
C GLY E 32 18.45 30.79 5.84
N LEU E 33 17.17 31.15 5.90
CA LEU E 33 16.35 30.88 7.09
C LEU E 33 16.26 29.38 7.31
N ILE E 34 15.96 28.63 6.26
CA ILE E 34 15.88 27.17 6.36
C ILE E 34 17.21 26.60 6.87
N GLU E 35 18.32 27.16 6.38
CA GLU E 35 19.65 26.73 6.79
C GLU E 35 19.78 26.79 8.31
N GLU E 36 19.46 27.94 8.87
CA GLU E 36 19.56 28.15 10.33
C GLU E 36 18.57 27.27 11.08
N LEU E 37 17.35 27.18 10.57
CA LEU E 37 16.32 26.37 11.20
C LEU E 37 16.81 24.93 11.38
N ASN E 38 17.41 24.36 10.34
CA ASN E 38 17.90 23.00 10.43
C ASN E 38 19.05 22.89 11.45
N GLN E 39 19.83 23.96 11.60
CA GLN E 39 20.92 23.97 12.56
C GLN E 39 20.34 23.96 13.96
N ALA E 40 19.40 24.89 14.19
CA ALA E 40 18.75 24.99 15.49
C ALA E 40 18.15 23.64 15.87
N LEU E 41 17.42 23.04 14.95
CA LEU E 41 16.80 21.75 15.19
C LEU E 41 17.84 20.71 15.58
N GLU E 42 18.92 20.62 14.81
CA GLU E 42 19.98 19.66 15.11
C GLU E 42 20.60 19.84 16.49
N THR E 43 20.85 21.08 16.88
CA THR E 43 21.45 21.32 18.20
C THR E 43 20.51 20.82 19.30
N PHE E 44 19.23 21.18 19.23
CA PHE E 44 18.28 20.73 20.23
C PHE E 44 18.10 19.22 20.21
N GLU E 45 18.19 18.64 19.02
CA GLU E 45 18.04 17.20 18.87
C GLU E 45 19.19 16.50 19.59
N GLU E 46 20.37 17.13 19.55
CA GLU E 46 21.57 16.58 20.16
C GLU E 46 21.71 16.87 21.64
N ASP E 47 21.08 17.95 22.10
CA ASP E 47 21.12 18.34 23.50
C ASP E 47 20.32 17.35 24.35
N PRO E 48 21.00 16.57 25.19
CA PRO E 48 20.34 15.58 26.05
C PRO E 48 19.47 16.15 27.17
N ALA E 49 19.41 17.47 27.27
CA ALA E 49 18.60 18.15 28.28
C ALA E 49 17.24 18.49 27.70
N VAL E 50 17.18 18.66 26.39
CA VAL E 50 15.96 19.00 25.70
C VAL E 50 15.16 17.75 25.33
N GLY E 51 13.89 17.74 25.74
CA GLY E 51 13.03 16.60 25.45
C GLY E 51 11.98 16.88 24.40
N ALA E 52 11.77 18.16 24.08
CA ALA E 52 10.78 18.55 23.10
C ALA E 52 11.15 19.89 22.52
N ILE E 53 10.65 20.19 21.33
CA ILE E 53 10.96 21.44 20.65
C ILE E 53 9.70 22.20 20.28
N VAL E 54 9.70 23.51 20.50
CA VAL E 54 8.56 24.35 20.15
C VAL E 54 8.98 25.30 19.03
N LEU E 55 8.19 25.33 17.96
CA LEU E 55 8.47 26.17 16.81
C LEU E 55 7.39 27.21 16.63
N THR E 56 7.77 28.48 16.61
CA THR E 56 6.80 29.55 16.44
C THR E 56 7.41 30.69 15.67
N GLY E 57 6.57 31.66 15.31
CA GLY E 57 7.05 32.81 14.57
C GLY E 57 6.63 34.09 15.24
N GLY E 58 6.16 35.05 14.45
CA GLY E 58 5.73 36.32 15.01
C GLY E 58 4.28 36.25 15.43
N GLU E 59 3.76 37.36 15.92
CA GLU E 59 2.37 37.43 16.35
C GLU E 59 1.46 37.61 15.14
N LYS E 60 1.97 38.30 14.13
CA LYS E 60 1.20 38.54 12.91
C LYS E 60 1.38 37.43 11.87
N ALA E 61 2.49 36.70 11.96
CA ALA E 61 2.76 35.65 11.00
C ALA E 61 3.69 34.56 11.49
N PHE E 62 3.32 33.32 11.20
CA PHE E 62 4.12 32.16 11.54
C PHE E 62 5.14 32.11 10.40
N ALA E 63 4.62 32.17 9.17
CA ALA E 63 5.44 32.16 7.94
C ALA E 63 4.49 32.28 6.75
N ALA E 64 4.77 33.25 5.88
CA ALA E 64 3.92 33.48 4.72
C ALA E 64 4.27 32.57 3.55
N GLY E 65 5.15 31.61 3.80
CA GLY E 65 5.54 30.69 2.75
C GLY E 65 7.03 30.76 2.46
N ALA E 66 7.46 30.09 1.41
CA ALA E 66 8.87 30.14 1.02
C ALA E 66 9.05 31.53 0.38
N ASP E 67 10.29 31.94 0.17
CA ASP E 67 10.52 33.25 -0.42
C ASP E 67 10.21 33.22 -1.92
N ILE E 68 9.12 33.87 -2.30
CA ILE E 68 8.70 33.92 -3.69
C ILE E 68 9.75 34.55 -4.59
N LYS E 69 10.43 35.57 -4.08
CA LYS E 69 11.44 36.26 -4.87
C LYS E 69 12.67 35.39 -5.14
N GLU E 70 12.92 34.40 -4.30
CA GLU E 70 14.07 33.50 -4.50
C GLU E 70 13.80 32.40 -5.53
N MET E 71 12.54 32.17 -5.86
CA MET E 71 12.22 31.12 -6.82
C MET E 71 11.55 31.67 -8.07
N GLN E 72 11.31 32.97 -8.08
CA GLN E 72 10.66 33.63 -9.22
C GLN E 72 11.32 33.36 -10.57
N ASN E 73 12.65 33.27 -10.60
CA ASN E 73 13.34 33.05 -11.86
C ASN E 73 14.13 31.76 -11.97
N ARG E 74 13.63 30.70 -11.35
CA ARG E 74 14.31 29.40 -11.42
C ARG E 74 13.67 28.62 -12.57
N THR E 75 14.29 27.50 -12.95
CA THR E 75 13.79 26.71 -14.06
C THR E 75 13.51 25.25 -13.73
N PHE E 76 12.89 24.56 -14.69
CA PHE E 76 12.60 23.14 -14.53
C PHE E 76 13.92 22.40 -14.25
N GLN E 77 14.94 22.71 -15.05
CA GLN E 77 16.26 22.09 -14.90
C GLN E 77 16.83 22.40 -13.52
N ASP E 78 16.52 23.59 -13.00
CA ASP E 78 17.01 23.99 -11.68
C ASP E 78 16.44 23.07 -10.61
N CYS E 79 15.21 22.64 -10.82
CA CYS E 79 14.55 21.73 -9.89
C CYS E 79 15.31 20.41 -9.80
N TYR E 80 15.89 19.97 -10.92
CA TYR E 80 16.64 18.72 -10.91
C TYR E 80 18.13 18.89 -10.60
N SER E 81 18.54 20.13 -10.33
CA SER E 81 19.94 20.41 -10.01
C SER E 81 20.22 19.96 -8.59
N GLY E 82 19.16 19.86 -7.79
CA GLY E 82 19.30 19.45 -6.40
C GLY E 82 19.77 20.60 -5.54
N LYS E 83 19.73 21.80 -6.10
CA LYS E 83 20.15 23.01 -5.40
C LYS E 83 18.96 23.93 -5.15
N PHE E 84 17.80 23.56 -5.70
CA PHE E 84 16.59 24.34 -5.55
C PHE E 84 15.73 23.82 -4.40
N LEU E 85 15.46 24.70 -3.42
CA LEU E 85 14.65 24.35 -2.27
C LEU E 85 15.00 23.00 -1.66
N SER E 86 16.24 22.85 -1.24
CA SER E 86 16.67 21.60 -0.64
C SER E 86 16.69 21.69 0.88
N HIS E 87 16.66 20.53 1.53
CA HIS E 87 16.69 20.44 2.98
C HIS E 87 15.46 20.96 3.73
N TRP E 88 14.33 21.04 3.04
CA TRP E 88 13.10 21.50 3.67
C TRP E 88 12.47 20.50 4.64
N ASP E 89 12.65 19.21 4.40
CA ASP E 89 12.03 18.20 5.27
C ASP E 89 12.96 17.60 6.32
N HIS E 90 14.00 18.33 6.69
CA HIS E 90 14.93 17.84 7.68
C HIS E 90 14.16 17.66 8.99
N ILE E 91 13.16 18.50 9.20
CA ILE E 91 12.35 18.45 10.41
C ILE E 91 11.61 17.12 10.58
N THR E 92 11.35 16.42 9.48
CA THR E 92 10.66 15.14 9.56
C THR E 92 11.61 14.05 10.02
N ARG E 93 12.89 14.36 10.12
CA ARG E 93 13.88 13.38 10.55
C ARG E 93 14.22 13.52 12.04
N ILE E 94 13.78 14.61 12.66
CA ILE E 94 14.03 14.83 14.08
C ILE E 94 13.27 13.76 14.89
N LYS E 95 13.98 13.07 15.77
CA LYS E 95 13.37 12.02 16.57
C LYS E 95 12.49 12.55 17.70
N LYS E 96 12.90 13.68 18.27
CA LYS E 96 12.15 14.30 19.37
C LYS E 96 10.89 14.99 18.88
N PRO E 97 9.86 15.09 19.75
CA PRO E 97 8.61 15.74 19.38
C PRO E 97 8.81 17.23 19.06
N VAL E 98 8.05 17.73 18.09
CA VAL E 98 8.13 19.13 17.72
C VAL E 98 6.72 19.71 17.66
N ILE E 99 6.49 20.76 18.45
CA ILE E 99 5.19 21.42 18.49
C ILE E 99 5.25 22.74 17.74
N ALA E 100 4.28 22.96 16.87
CA ALA E 100 4.22 24.23 16.14
C ALA E 100 3.22 25.12 16.85
N ALA E 101 3.64 26.33 17.20
CA ALA E 101 2.77 27.30 17.87
C ALA E 101 2.49 28.34 16.81
N VAL E 102 1.32 28.24 16.20
CA VAL E 102 0.97 29.14 15.10
C VAL E 102 0.10 30.34 15.41
N ASN E 103 0.69 31.53 15.27
CA ASN E 103 -0.04 32.77 15.43
C ASN E 103 -0.07 33.44 14.07
N GLY E 104 -1.19 34.06 13.75
CA GLY E 104 -1.30 34.73 12.46
C GLY E 104 -1.17 33.84 11.24
N TYR E 105 -0.62 34.41 10.17
CA TYR E 105 -0.45 33.72 8.89
C TYR E 105 0.44 32.49 8.88
N ALA E 106 -0.08 31.43 8.26
CA ALA E 106 0.63 30.18 8.08
C ALA E 106 0.20 29.78 6.66
N LEU E 107 0.87 30.33 5.66
CA LEU E 107 0.55 30.09 4.26
C LEU E 107 1.62 29.35 3.46
N GLY E 108 1.19 28.57 2.48
CA GLY E 108 2.10 27.83 1.63
C GLY E 108 3.12 27.05 2.44
N GLY E 109 4.40 27.31 2.17
CA GLY E 109 5.46 26.62 2.90
C GLY E 109 5.30 26.76 4.40
N GLY E 110 4.64 27.83 4.84
CA GLY E 110 4.44 28.05 6.26
C GLY E 110 3.48 27.02 6.83
N CYS E 111 2.37 26.85 6.12
CA CYS E 111 1.36 25.90 6.52
C CYS E 111 1.96 24.49 6.47
N GLU E 112 2.75 24.23 5.43
CA GLU E 112 3.38 22.92 5.27
C GLU E 112 4.42 22.65 6.35
N LEU E 113 5.09 23.70 6.82
CA LEU E 113 6.09 23.52 7.87
C LEU E 113 5.36 23.13 9.15
N ALA E 114 4.23 23.78 9.41
CA ALA E 114 3.43 23.49 10.59
C ALA E 114 2.94 22.05 10.57
N MET E 115 2.49 21.59 9.40
CA MET E 115 1.97 20.23 9.26
C MET E 115 3.04 19.16 9.40
N MET E 116 4.31 19.55 9.22
CA MET E 116 5.41 18.61 9.35
C MET E 116 5.68 18.36 10.83
N CYS E 117 5.28 19.32 11.66
CA CYS E 117 5.46 19.16 13.10
C CYS E 117 4.49 18.09 13.59
N ASP E 118 4.75 17.56 14.79
CA ASP E 118 3.90 16.51 15.34
C ASP E 118 2.58 17.03 15.90
N ILE E 119 2.61 18.22 16.49
CA ILE E 119 1.43 18.82 17.10
C ILE E 119 1.33 20.27 16.73
N ILE E 120 0.10 20.75 16.53
CA ILE E 120 -0.08 22.16 16.18
C ILE E 120 -1.04 22.86 17.13
N TYR E 121 -0.60 23.99 17.68
CA TYR E 121 -1.43 24.81 18.54
C TYR E 121 -1.60 26.11 17.75
N ALA E 122 -2.82 26.61 17.67
CA ALA E 122 -3.06 27.84 16.92
C ALA E 122 -3.61 28.97 17.79
N GLY E 123 -3.20 30.19 17.46
CA GLY E 123 -3.70 31.35 18.18
C GLY E 123 -5.08 31.65 17.64
N GLU E 124 -5.91 32.34 18.43
CA GLU E 124 -7.27 32.66 18.00
C GLU E 124 -7.34 33.35 16.63
N LYS E 125 -6.30 34.08 16.25
CA LYS E 125 -6.31 34.78 14.98
C LYS E 125 -5.44 34.14 13.91
N ALA E 126 -5.07 32.88 14.10
CA ALA E 126 -4.24 32.21 13.12
C ALA E 126 -5.04 31.94 11.86
N GLN E 127 -4.34 31.85 10.74
CA GLN E 127 -4.98 31.56 9.47
C GLN E 127 -4.12 30.60 8.68
N PHE E 128 -4.74 29.56 8.13
CA PHE E 128 -4.01 28.58 7.34
C PHE E 128 -4.47 28.59 5.90
N GLY E 129 -3.55 28.32 4.98
CA GLY E 129 -3.91 28.30 3.59
C GLY E 129 -2.79 27.84 2.68
N GLN E 130 -3.17 27.43 1.47
CA GLN E 130 -2.22 26.98 0.46
C GLN E 130 -2.56 27.80 -0.78
N PRO E 131 -2.00 29.02 -0.88
CA PRO E 131 -2.24 29.90 -2.02
C PRO E 131 -1.35 29.68 -3.25
N GLU E 132 -0.58 28.59 -3.24
CA GLU E 132 0.30 28.28 -4.36
C GLU E 132 -0.41 28.41 -5.71
N ILE E 133 -1.64 27.94 -5.77
CA ILE E 133 -2.40 27.98 -7.01
C ILE E 133 -2.52 29.40 -7.59
N LEU E 134 -2.54 30.40 -6.71
CA LEU E 134 -2.66 31.79 -7.15
C LEU E 134 -1.37 32.29 -7.82
N LEU E 135 -0.26 31.60 -7.55
CA LEU E 135 1.04 31.95 -8.12
C LEU E 135 1.34 31.08 -9.35
N GLY E 136 0.36 30.32 -9.79
CA GLY E 136 0.59 29.47 -10.94
C GLY E 136 1.42 28.24 -10.64
N THR E 137 1.35 27.74 -9.40
CA THR E 137 2.10 26.53 -9.03
C THR E 137 1.23 25.74 -8.04
N ILE E 138 1.77 24.64 -7.50
CA ILE E 138 1.01 23.83 -6.56
C ILE E 138 1.87 23.60 -5.31
N PRO E 139 1.23 23.15 -4.21
CA PRO E 139 1.98 22.90 -2.98
C PRO E 139 3.08 21.89 -3.29
N GLY E 140 4.28 22.13 -2.77
CA GLY E 140 5.37 21.21 -3.06
C GLY E 140 6.08 20.69 -1.83
N ALA E 141 5.47 20.86 -0.66
CA ALA E 141 6.09 20.39 0.58
C ALA E 141 5.07 19.69 1.46
N GLY E 142 4.18 18.94 0.82
CA GLY E 142 3.18 18.19 1.56
C GLY E 142 1.79 18.78 1.67
N GLY E 143 1.57 19.95 1.06
CA GLY E 143 0.28 20.61 1.13
C GLY E 143 -0.90 19.86 0.54
N THR E 144 -0.64 18.96 -0.39
CA THR E 144 -1.73 18.20 -1.00
C THR E 144 -1.81 16.83 -0.34
N GLN E 145 -0.84 16.50 0.50
CA GLN E 145 -0.79 15.20 1.17
C GLN E 145 -1.17 15.23 2.65
N ARG E 146 -0.41 15.97 3.45
CA ARG E 146 -0.68 16.07 4.88
C ARG E 146 -2.00 16.78 5.15
N LEU E 147 -2.30 17.79 4.34
CA LEU E 147 -3.53 18.55 4.52
C LEU E 147 -4.74 17.67 4.28
N THR E 148 -4.74 16.98 3.15
CA THR E 148 -5.83 16.09 2.76
C THR E 148 -6.07 14.98 3.76
N ARG E 149 -4.98 14.40 4.29
CA ARG E 149 -5.10 13.32 5.27
C ARG E 149 -5.69 13.79 6.61
N ALA E 150 -5.56 15.08 6.91
CA ALA E 150 -6.09 15.58 8.17
C ALA E 150 -7.48 16.17 8.04
N VAL E 151 -7.66 16.95 7.00
CA VAL E 151 -8.89 17.68 6.77
C VAL E 151 -9.99 17.06 5.91
N GLY E 152 -9.66 16.05 5.12
CA GLY E 152 -10.68 15.45 4.26
C GLY E 152 -10.56 16.01 2.85
N LYS E 153 -11.05 15.26 1.88
CA LYS E 153 -10.94 15.69 0.50
C LYS E 153 -11.62 17.01 0.13
N SER E 154 -12.87 17.18 0.53
CA SER E 154 -13.60 18.39 0.16
C SER E 154 -12.91 19.69 0.58
N LEU E 155 -12.53 19.79 1.85
CA LEU E 155 -11.89 21.00 2.31
C LEU E 155 -10.49 21.15 1.72
N ALA E 156 -9.77 20.04 1.57
CA ALA E 156 -8.43 20.10 0.99
C ALA E 156 -8.49 20.57 -0.47
N MET E 157 -9.45 20.05 -1.22
CA MET E 157 -9.62 20.44 -2.61
C MET E 157 -9.98 21.93 -2.69
N GLU E 158 -10.90 22.35 -1.84
CA GLU E 158 -11.33 23.74 -1.85
C GLU E 158 -10.17 24.67 -1.54
N MET E 159 -9.38 24.31 -0.54
CA MET E 159 -8.24 25.12 -0.14
C MET E 159 -7.15 25.19 -1.20
N VAL E 160 -6.80 24.04 -1.77
CA VAL E 160 -5.76 23.98 -2.78
C VAL E 160 -6.13 24.57 -4.14
N LEU E 161 -7.38 24.39 -4.57
CA LEU E 161 -7.81 24.89 -5.87
C LEU E 161 -8.24 26.37 -5.90
N THR E 162 -8.67 26.91 -4.77
CA THR E 162 -9.10 28.31 -4.73
C THR E 162 -8.06 29.23 -4.09
N GLY E 163 -7.30 28.69 -3.15
CA GLY E 163 -6.29 29.48 -2.46
C GLY E 163 -6.86 30.15 -1.22
N ASP E 164 -8.14 29.93 -0.93
CA ASP E 164 -8.77 30.54 0.24
C ASP E 164 -8.14 30.07 1.56
N ARG E 165 -8.15 30.98 2.53
CA ARG E 165 -7.60 30.70 3.85
C ARG E 165 -8.72 30.25 4.78
N ILE E 166 -8.37 29.50 5.81
CA ILE E 166 -9.36 29.05 6.79
C ILE E 166 -8.90 29.57 8.14
N SER E 167 -9.86 29.75 9.05
CA SER E 167 -9.57 30.26 10.38
C SER E 167 -9.05 29.18 11.32
N ALA E 168 -8.62 29.59 12.51
CA ALA E 168 -8.11 28.65 13.50
C ALA E 168 -9.25 27.72 13.92
N GLN E 169 -10.46 28.26 13.96
CA GLN E 169 -11.62 27.50 14.39
C GLN E 169 -11.90 26.39 13.41
N ASP E 170 -11.88 26.73 12.13
CA ASP E 170 -12.08 25.76 11.07
C ASP E 170 -10.99 24.70 11.13
N ALA E 171 -9.74 25.12 11.37
CA ALA E 171 -8.63 24.18 11.44
C ALA E 171 -8.77 23.18 12.59
N LYS E 172 -9.27 23.65 13.73
CA LYS E 172 -9.45 22.77 14.86
C LYS E 172 -10.58 21.79 14.60
N GLN E 173 -11.68 22.30 14.07
CA GLN E 173 -12.85 21.51 13.75
C GLN E 173 -12.53 20.41 12.73
N ALA E 174 -11.66 20.74 11.78
CA ALA E 174 -11.25 19.80 10.73
C ALA E 174 -10.16 18.81 11.18
N GLY E 175 -9.54 19.10 12.32
CA GLY E 175 -8.50 18.22 12.83
C GLY E 175 -7.08 18.59 12.42
N LEU E 176 -6.93 19.74 11.77
CA LEU E 176 -5.62 20.21 11.33
C LEU E 176 -4.79 20.59 12.57
N VAL E 177 -5.43 21.25 13.53
CA VAL E 177 -4.75 21.65 14.76
C VAL E 177 -5.51 21.02 15.91
N SER E 178 -4.84 20.77 17.03
CA SER E 178 -5.53 20.14 18.16
C SER E 178 -5.99 21.08 19.28
N LYS E 179 -5.48 22.31 19.30
CA LYS E 179 -5.92 23.26 20.32
C LYS E 179 -5.76 24.71 19.90
N ILE E 180 -6.69 25.53 20.36
CA ILE E 180 -6.69 26.96 20.08
C ILE E 180 -6.51 27.70 21.40
N PHE E 181 -5.65 28.72 21.40
CA PHE E 181 -5.39 29.52 22.58
C PHE E 181 -5.33 31.00 22.23
N PRO E 182 -5.50 31.87 23.23
CA PRO E 182 -5.45 33.31 22.97
C PRO E 182 -4.07 33.68 22.41
N VAL E 183 -4.04 34.67 21.53
CA VAL E 183 -2.80 35.09 20.92
C VAL E 183 -1.65 35.29 21.89
N GLU E 184 -1.92 35.86 23.06
CA GLU E 184 -0.85 36.11 24.01
C GLU E 184 -0.38 34.97 24.91
N THR E 185 -1.17 33.90 25.00
CA THR E 185 -0.77 32.76 25.82
C THR E 185 -0.39 31.54 25.00
N LEU E 186 -0.56 31.64 23.69
CA LEU E 186 -0.25 30.54 22.77
C LEU E 186 1.12 29.89 23.03
N VAL E 187 2.19 30.65 22.79
CA VAL E 187 3.53 30.10 22.96
C VAL E 187 3.72 29.47 24.34
N GLU E 188 3.12 30.04 25.39
CA GLU E 188 3.26 29.46 26.73
C GLU E 188 2.52 28.16 26.87
N GLU E 189 1.34 28.09 26.27
CA GLU E 189 0.58 26.86 26.34
C GLU E 189 1.36 25.79 25.60
N ALA E 190 1.99 26.17 24.48
CA ALA E 190 2.76 25.23 23.69
C ALA E 190 3.93 24.70 24.52
N ILE E 191 4.60 25.60 25.22
CA ILE E 191 5.74 25.24 26.05
C ILE E 191 5.30 24.30 27.18
N GLN E 192 4.13 24.55 27.75
CA GLN E 192 3.64 23.68 28.82
C GLN E 192 3.41 22.28 28.26
N CYS E 193 2.94 22.21 27.03
CA CYS E 193 2.70 20.92 26.40
C CYS E 193 4.04 20.23 26.18
N ALA E 194 5.00 20.98 25.67
CA ALA E 194 6.32 20.42 25.43
C ALA E 194 6.89 19.89 26.74
N GLU E 195 6.61 20.60 27.83
CA GLU E 195 7.09 20.22 29.15
C GLU E 195 6.55 18.86 29.58
N LYS E 196 5.25 18.63 29.40
CA LYS E 196 4.68 17.35 29.79
C LYS E 196 5.38 16.22 29.03
N ILE E 197 5.63 16.46 27.75
CA ILE E 197 6.29 15.46 26.93
C ILE E 197 7.73 15.24 27.39
N ALA E 198 8.45 16.34 27.66
CA ALA E 198 9.83 16.26 28.11
C ALA E 198 10.00 15.47 29.41
N ASN E 199 8.94 15.42 30.22
CA ASN E 199 9.00 14.70 31.48
C ASN E 199 8.97 13.19 31.31
N ASN E 200 8.53 12.71 30.16
CA ASN E 200 8.48 11.27 29.93
C ASN E 200 9.81 10.76 29.39
N SER E 201 9.99 9.45 29.39
CA SER E 201 11.21 8.83 28.90
C SER E 201 11.46 9.23 27.45
N LYS E 202 12.65 9.76 27.17
CA LYS E 202 12.98 10.19 25.81
C LYS E 202 13.00 9.04 24.83
N ILE E 203 13.42 7.87 25.30
CA ILE E 203 13.49 6.72 24.43
C ILE E 203 12.11 6.15 24.14
N ILE E 204 11.21 6.19 25.13
CA ILE E 204 9.86 5.68 24.94
C ILE E 204 9.05 6.65 24.07
N VAL E 205 9.28 7.96 24.28
CA VAL E 205 8.59 8.98 23.51
C VAL E 205 8.94 8.87 22.02
N ALA E 206 10.21 8.60 21.73
CA ALA E 206 10.67 8.49 20.35
C ALA E 206 10.01 7.32 19.65
N MET E 207 9.81 6.24 20.39
CA MET E 207 9.16 5.05 19.84
C MET E 207 7.68 5.32 19.57
N ALA E 208 7.01 6.01 20.49
CA ALA E 208 5.60 6.33 20.34
C ALA E 208 5.41 7.20 19.11
N LYS E 209 6.26 8.20 18.94
CA LYS E 209 6.18 9.09 17.78
C LYS E 209 6.33 8.32 16.46
N GLU E 210 7.27 7.38 16.43
CA GLU E 210 7.48 6.58 15.23
C GLU E 210 6.22 5.78 14.91
N SER E 211 5.62 5.20 15.95
CA SER E 211 4.43 4.38 15.77
C SER E 211 3.27 5.16 15.18
N VAL E 212 3.06 6.38 15.68
CA VAL E 212 1.98 7.22 15.19
C VAL E 212 2.26 7.63 13.73
N ASN E 213 3.50 8.02 13.43
CA ASN E 213 3.84 8.40 12.07
C ASN E 213 3.63 7.25 11.07
N ALA E 214 3.81 6.01 11.55
CA ALA E 214 3.65 4.85 10.70
C ALA E 214 2.20 4.67 10.23
N ALA E 215 1.27 5.33 10.91
CA ALA E 215 -0.13 5.22 10.55
C ALA E 215 -0.45 5.70 9.16
N PHE E 216 0.45 6.52 8.59
CA PHE E 216 0.24 7.05 7.24
C PHE E 216 1.15 6.37 6.21
N GLU E 217 1.84 5.32 6.62
CA GLU E 217 2.77 4.63 5.72
C GLU E 217 2.47 3.16 5.46
N MET E 218 1.39 2.65 6.03
CA MET E 218 1.07 1.25 5.82
C MET E 218 -0.39 0.94 6.15
N THR E 219 -0.83 -0.26 5.79
CA THR E 219 -2.18 -0.69 6.07
C THR E 219 -2.39 -0.80 7.59
N LEU E 220 -3.64 -0.81 8.01
CA LEU E 220 -3.92 -0.93 9.45
C LEU E 220 -3.43 -2.26 10.02
N THR E 221 -3.58 -3.33 9.25
CA THR E 221 -3.12 -4.63 9.72
C THR E 221 -1.62 -4.63 10.02
N GLU E 222 -0.82 -4.11 9.10
CA GLU E 222 0.62 -4.06 9.31
C GLU E 222 1.02 -3.01 10.33
N GLY E 223 0.28 -1.90 10.35
CA GLY E 223 0.57 -0.86 11.31
C GLY E 223 0.46 -1.43 12.73
N ASN E 224 -0.57 -2.23 12.96
CA ASN E 224 -0.77 -2.83 14.27
C ASN E 224 0.33 -3.82 14.64
N LYS E 225 0.87 -4.52 13.64
CA LYS E 225 1.94 -5.48 13.89
C LYS E 225 3.21 -4.74 14.25
N LEU E 226 3.47 -3.64 13.56
CA LEU E 226 4.64 -2.83 13.83
C LEU E 226 4.55 -2.27 15.24
N GLU E 227 3.38 -1.71 15.57
CA GLU E 227 3.14 -1.12 16.88
C GLU E 227 3.40 -2.14 17.98
N LYS E 228 2.96 -3.38 17.73
CA LYS E 228 3.16 -4.48 18.68
C LYS E 228 4.64 -4.72 18.94
N LYS E 229 5.44 -4.74 17.87
CA LYS E 229 6.87 -4.97 18.02
C LYS E 229 7.50 -3.87 18.86
N LEU E 230 7.09 -2.63 18.60
CA LEU E 230 7.61 -1.49 19.33
C LEU E 230 7.23 -1.61 20.79
N PHE E 231 5.99 -2.04 21.05
CA PHE E 231 5.50 -2.20 22.40
C PHE E 231 6.33 -3.25 23.14
N TYR E 232 6.61 -4.35 22.46
CA TYR E 232 7.40 -5.42 23.03
C TYR E 232 8.79 -4.89 23.37
N SER E 233 9.38 -4.16 22.43
CA SER E 233 10.71 -3.63 22.63
C SER E 233 10.84 -2.70 23.84
N THR E 234 9.75 -2.06 24.25
CA THR E 234 9.84 -1.17 25.41
C THR E 234 10.13 -1.97 26.68
N PHE E 235 9.81 -3.27 26.65
CA PHE E 235 10.06 -4.13 27.79
C PHE E 235 11.53 -4.43 27.99
N ALA E 236 12.37 -3.86 27.12
CA ALA E 236 13.80 -4.07 27.21
C ALA E 236 14.46 -2.83 27.79
N THR E 237 13.64 -1.88 28.22
CA THR E 237 14.15 -0.64 28.79
C THR E 237 13.97 -0.64 30.30
N ASP E 238 14.68 0.26 30.98
CA ASP E 238 14.56 0.36 32.43
C ASP E 238 13.40 1.26 32.78
N ASP E 239 13.20 2.31 31.99
CA ASP E 239 12.11 3.25 32.23
C ASP E 239 10.74 2.60 32.24
N ARG E 240 10.58 1.52 31.48
CA ARG E 240 9.30 0.83 31.44
C ARG E 240 9.05 0.09 32.76
N ARG E 241 10.12 -0.45 33.35
CA ARG E 241 10.03 -1.17 34.62
C ARG E 241 9.77 -0.14 35.73
N GLU E 242 10.51 0.98 35.64
CA GLU E 242 10.39 2.09 36.57
C GLU E 242 9.00 2.73 36.52
N GLY E 243 8.43 2.79 35.32
CA GLY E 243 7.13 3.41 35.16
C GLY E 243 6.00 2.55 35.68
N MET E 244 6.00 1.27 35.33
CA MET E 244 4.95 0.40 35.80
C MET E 244 5.07 0.06 37.29
N SER E 245 6.26 0.26 37.84
CA SER E 245 6.48 -0.01 39.27
C SER E 245 6.07 1.20 40.07
N ALA E 246 6.18 2.38 39.46
CA ALA E 246 5.81 3.61 40.12
C ALA E 246 4.30 3.73 40.25
N PHE E 247 3.57 2.96 39.44
CA PHE E 247 2.12 3.00 39.52
C PHE E 247 1.63 2.15 40.68
N VAL E 248 2.09 0.90 40.75
CA VAL E 248 1.69 0.00 41.82
C VAL E 248 2.20 0.46 43.18
N GLU E 249 3.31 1.19 43.18
CA GLU E 249 3.88 1.69 44.43
C GLU E 249 3.32 3.07 44.76
N LYS E 250 2.29 3.47 44.03
CA LYS E 250 1.64 4.75 44.26
C LYS E 250 2.65 5.90 44.36
N ARG E 251 3.67 5.90 43.51
CA ARG E 251 4.67 6.96 43.55
C ARG E 251 4.97 7.57 42.18
N LYS E 252 5.66 8.71 42.21
CA LYS E 252 6.05 9.44 41.01
C LYS E 252 7.13 8.66 40.31
N ALA E 253 7.08 8.61 38.98
CA ALA E 253 8.07 7.87 38.21
C ALA E 253 9.30 8.73 37.91
N ASN E 254 10.47 8.11 37.98
CA ASN E 254 11.72 8.81 37.71
C ASN E 254 12.41 8.18 36.50
N PHE E 255 12.04 8.62 35.30
CA PHE E 255 12.64 8.07 34.09
C PHE E 255 14.04 8.59 33.88
N LYS E 256 14.92 7.64 33.55
CA LYS E 256 16.31 7.94 33.30
C LYS E 256 16.69 7.92 31.82
N ASP E 257 15.69 8.05 30.93
CA ASP E 257 15.91 8.07 29.50
C ASP E 257 16.72 6.83 29.10
N HIS E 258 16.56 5.73 29.82
CA HIS E 258 17.31 4.55 29.55
C HIS E 258 16.49 3.28 29.48
N PHE F 1 -31.71 17.07 -24.16
CA PHE F 1 -31.63 16.25 -22.90
C PHE F 1 -32.99 16.10 -22.24
N GLN F 2 -33.31 14.87 -21.84
CA GLN F 2 -34.58 14.59 -21.20
C GLN F 2 -34.53 14.54 -19.66
N TYR F 3 -33.34 14.39 -19.09
CA TYR F 3 -33.22 14.32 -17.64
C TYR F 3 -32.35 15.37 -16.98
N ILE F 4 -31.58 16.11 -17.75
CA ILE F 4 -30.74 17.15 -17.16
C ILE F 4 -30.88 18.45 -17.92
N ILE F 5 -30.34 19.52 -17.33
CA ILE F 5 -30.36 20.85 -17.92
C ILE F 5 -28.97 21.40 -17.75
N THR F 6 -28.47 22.07 -18.77
CA THR F 6 -27.12 22.62 -18.68
C THR F 6 -27.10 24.06 -19.13
N GLU F 7 -26.15 24.82 -18.62
CA GLU F 7 -25.97 26.22 -18.99
C GLU F 7 -24.62 26.69 -18.51
N LYS F 8 -24.11 27.75 -19.14
CA LYS F 8 -22.82 28.30 -18.79
C LYS F 8 -23.09 29.45 -17.80
N LYS F 9 -22.29 29.51 -16.74
CA LYS F 9 -22.45 30.54 -15.74
C LYS F 9 -21.13 31.23 -15.49
N GLY F 10 -21.11 32.11 -14.51
CA GLY F 10 -19.87 32.81 -14.20
C GLY F 10 -19.78 34.12 -14.94
N LYS F 11 -18.71 34.86 -14.70
CA LYS F 11 -18.52 36.14 -15.35
C LYS F 11 -18.32 35.96 -16.84
N ASN F 12 -17.41 35.05 -17.22
CA ASN F 12 -17.14 34.82 -18.62
C ASN F 12 -17.63 33.45 -19.08
N SER F 13 -18.69 32.97 -18.45
CA SER F 13 -19.26 31.68 -18.81
C SER F 13 -18.17 30.63 -18.67
N SER F 14 -17.31 30.82 -17.67
CA SER F 14 -16.21 29.92 -17.39
C SER F 14 -16.65 28.76 -16.50
N VAL F 15 -17.91 28.77 -16.10
CA VAL F 15 -18.47 27.75 -15.24
C VAL F 15 -19.57 26.94 -15.90
N GLY F 16 -19.44 25.61 -15.87
CA GLY F 16 -20.47 24.77 -16.46
C GLY F 16 -21.40 24.27 -15.37
N LEU F 17 -22.69 24.49 -15.54
CA LEU F 17 -23.67 24.06 -14.56
C LEU F 17 -24.52 22.92 -15.09
N ILE F 18 -24.62 21.84 -14.31
CA ILE F 18 -25.42 20.71 -14.70
C ILE F 18 -26.46 20.50 -13.61
N GLN F 19 -27.73 20.44 -14.00
CA GLN F 19 -28.80 20.23 -13.04
C GLN F 19 -29.59 18.97 -13.32
N LEU F 20 -29.59 18.04 -12.37
CA LEU F 20 -30.36 16.82 -12.54
C LEU F 20 -31.81 17.28 -12.51
N ASN F 21 -32.58 16.89 -13.52
CA ASN F 21 -33.97 17.34 -13.61
C ASN F 21 -35.01 16.26 -13.80
N ARG F 22 -35.15 15.40 -12.81
CA ARG F 22 -36.14 14.34 -12.86
C ARG F 22 -36.89 14.34 -11.53
N PRO F 23 -37.65 15.41 -11.27
CA PRO F 23 -38.49 15.73 -10.11
C PRO F 23 -39.38 14.62 -9.57
N LYS F 24 -40.02 13.89 -10.47
CA LYS F 24 -40.94 12.81 -10.10
C LYS F 24 -40.32 11.73 -9.22
N ALA F 25 -39.16 11.23 -9.61
CA ALA F 25 -38.49 10.18 -8.85
C ALA F 25 -37.41 10.73 -7.91
N LEU F 26 -37.62 11.94 -7.41
CA LEU F 26 -36.66 12.58 -6.51
C LEU F 26 -35.25 12.50 -7.11
N ASN F 27 -35.17 12.71 -8.42
CA ASN F 27 -33.91 12.65 -9.16
C ASN F 27 -33.23 11.28 -9.15
N ALA F 28 -34.02 10.23 -8.99
CA ALA F 28 -33.47 8.87 -9.00
C ALA F 28 -32.62 8.76 -10.25
N LEU F 29 -31.38 8.33 -10.08
CA LEU F 29 -30.45 8.23 -11.19
C LEU F 29 -30.58 6.96 -12.03
N CYS F 30 -31.50 6.99 -13.00
CA CYS F 30 -31.72 5.86 -13.89
C CYS F 30 -30.61 5.84 -14.94
N ASN F 31 -30.53 4.74 -15.67
CA ASN F 31 -29.50 4.57 -16.69
C ASN F 31 -29.47 5.69 -17.72
N GLY F 32 -30.64 6.16 -18.13
CA GLY F 32 -30.71 7.23 -19.11
C GLY F 32 -30.14 8.53 -18.57
N LEU F 33 -30.43 8.81 -17.31
CA LEU F 33 -29.94 10.03 -16.68
C LEU F 33 -28.42 9.99 -16.66
N ILE F 34 -27.84 8.87 -16.21
CA ILE F 34 -26.39 8.74 -16.17
C ILE F 34 -25.80 8.98 -17.57
N GLU F 35 -26.47 8.43 -18.58
CA GLU F 35 -26.04 8.59 -19.97
C GLU F 35 -25.83 10.06 -20.29
N GLU F 36 -26.86 10.86 -20.03
CA GLU F 36 -26.83 12.29 -20.33
C GLU F 36 -25.80 13.02 -19.47
N LEU F 37 -25.74 12.67 -18.19
CA LEU F 37 -24.80 13.29 -17.27
C LEU F 37 -23.37 13.17 -17.80
N ASN F 38 -23.01 11.97 -18.25
CA ASN F 38 -21.67 11.76 -18.78
C ASN F 38 -21.43 12.58 -20.03
N GLN F 39 -22.49 12.79 -20.82
CA GLN F 39 -22.39 13.60 -22.04
C GLN F 39 -22.12 15.04 -21.65
N ALA F 40 -22.95 15.55 -20.74
CA ALA F 40 -22.83 16.92 -20.28
C ALA F 40 -21.42 17.15 -19.74
N LEU F 41 -20.94 16.22 -18.91
CA LEU F 41 -19.62 16.32 -18.34
C LEU F 41 -18.57 16.39 -19.44
N GLU F 42 -18.64 15.48 -20.39
CA GLU F 42 -17.69 15.49 -21.49
C GLU F 42 -17.66 16.78 -22.29
N THR F 43 -18.82 17.34 -22.59
CA THR F 43 -18.85 18.59 -23.36
C THR F 43 -18.15 19.71 -22.59
N PHE F 44 -18.47 19.85 -21.31
CA PHE F 44 -17.84 20.89 -20.49
C PHE F 44 -16.35 20.65 -20.35
N GLU F 45 -15.96 19.37 -20.26
CA GLU F 45 -14.56 19.02 -20.13
C GLU F 45 -13.81 19.44 -21.39
N GLU F 46 -14.48 19.33 -22.53
CA GLU F 46 -13.87 19.68 -23.82
C GLU F 46 -13.92 21.17 -24.14
N ASP F 47 -14.88 21.88 -23.56
CA ASP F 47 -15.03 23.32 -23.78
C ASP F 47 -13.88 24.07 -23.11
N PRO F 48 -12.99 24.68 -23.90
CA PRO F 48 -11.85 25.43 -23.36
C PRO F 48 -12.20 26.74 -22.66
N ALA F 49 -13.49 27.06 -22.60
CA ALA F 49 -13.94 28.27 -21.92
C ALA F 49 -14.34 27.96 -20.49
N VAL F 50 -14.72 26.71 -20.26
CA VAL F 50 -15.13 26.24 -18.93
C VAL F 50 -13.94 25.78 -18.11
N GLY F 51 -13.80 26.33 -16.90
CA GLY F 51 -12.69 25.96 -16.04
C GLY F 51 -13.11 25.13 -14.85
N ALA F 52 -14.41 25.06 -14.59
CA ALA F 52 -14.93 24.29 -13.47
C ALA F 52 -16.38 23.90 -13.74
N ILE F 53 -16.84 22.84 -13.10
CA ILE F 53 -18.20 22.36 -13.30
C ILE F 53 -18.95 22.28 -11.97
N VAL F 54 -20.21 22.71 -11.98
CA VAL F 54 -21.05 22.67 -10.80
C VAL F 54 -22.17 21.67 -11.07
N LEU F 55 -22.37 20.76 -10.12
CA LEU F 55 -23.40 19.74 -10.26
C LEU F 55 -24.42 19.88 -9.13
N THR F 56 -25.70 20.00 -9.50
CA THR F 56 -26.72 20.15 -8.49
C THR F 56 -28.02 19.52 -8.97
N GLY F 57 -28.98 19.40 -8.06
CA GLY F 57 -30.26 18.83 -8.43
C GLY F 57 -31.40 19.77 -8.11
N GLY F 58 -32.44 19.24 -7.49
CA GLY F 58 -33.58 20.07 -7.14
C GLY F 58 -33.40 20.66 -5.75
N GLU F 59 -34.40 21.39 -5.27
CA GLU F 59 -34.33 22.00 -3.95
C GLU F 59 -34.69 20.97 -2.89
N LYS F 60 -35.53 20.02 -3.26
CA LYS F 60 -36.01 18.97 -2.37
C LYS F 60 -35.09 17.74 -2.39
N ALA F 61 -34.38 17.56 -3.50
CA ALA F 61 -33.48 16.41 -3.63
C ALA F 61 -32.37 16.60 -4.64
N PHE F 62 -31.18 16.13 -4.27
CA PHE F 62 -30.02 16.18 -5.13
C PHE F 62 -30.16 14.91 -5.99
N ALA F 63 -30.44 13.80 -5.31
CA ALA F 63 -30.64 12.50 -5.95
C ALA F 63 -30.97 11.48 -4.85
N ALA F 64 -32.04 10.73 -5.02
CA ALA F 64 -32.45 9.76 -4.01
C ALA F 64 -31.75 8.41 -4.19
N GLY F 65 -30.82 8.35 -5.13
CA GLY F 65 -30.08 7.13 -5.37
C GLY F 65 -30.25 6.68 -6.80
N ALA F 66 -29.79 5.47 -7.11
CA ALA F 66 -29.95 4.94 -8.45
C ALA F 66 -31.42 4.54 -8.52
N ASP F 67 -31.92 4.23 -9.71
CA ASP F 67 -33.31 3.85 -9.84
C ASP F 67 -33.52 2.42 -9.35
N ILE F 68 -34.18 2.29 -8.21
CA ILE F 68 -34.45 0.99 -7.61
C ILE F 68 -35.24 0.09 -8.54
N LYS F 69 -36.21 0.68 -9.25
CA LYS F 69 -37.06 -0.07 -10.16
C LYS F 69 -36.28 -0.69 -11.33
N GLU F 70 -35.18 -0.06 -11.71
CA GLU F 70 -34.37 -0.58 -12.82
C GLU F 70 -33.45 -1.73 -12.42
N MET F 71 -33.22 -1.92 -11.13
CA MET F 71 -32.34 -2.99 -10.70
C MET F 71 -33.05 -4.06 -9.88
N GLN F 72 -34.38 -3.93 -9.76
CA GLN F 72 -35.16 -4.89 -9.00
C GLN F 72 -35.07 -6.33 -9.50
N ASN F 73 -35.06 -6.52 -10.82
CA ASN F 73 -35.00 -7.87 -11.39
C ASN F 73 -33.72 -8.18 -12.15
N ARG F 74 -32.58 -7.94 -11.51
CA ARG F 74 -31.29 -8.22 -12.15
C ARG F 74 -30.67 -9.42 -11.44
N THR F 75 -29.74 -10.08 -12.10
CA THR F 75 -29.09 -11.25 -11.53
C THR F 75 -27.60 -11.10 -11.29
N PHE F 76 -27.03 -12.01 -10.51
CA PHE F 76 -25.60 -12.00 -10.23
C PHE F 76 -24.83 -12.00 -11.56
N GLN F 77 -25.25 -12.85 -12.50
CA GLN F 77 -24.60 -12.92 -13.80
C GLN F 77 -24.87 -11.65 -14.59
N ASP F 78 -25.93 -10.94 -14.20
CA ASP F 78 -26.29 -9.69 -14.84
C ASP F 78 -25.21 -8.67 -14.49
N CYS F 79 -24.59 -8.89 -13.33
CA CYS F 79 -23.55 -7.99 -12.85
C CYS F 79 -22.24 -8.13 -13.62
N TYR F 80 -21.87 -9.36 -13.97
CA TYR F 80 -20.65 -9.58 -14.73
C TYR F 80 -20.94 -9.50 -16.23
N SER F 81 -22.11 -8.98 -16.57
CA SER F 81 -22.51 -8.85 -17.97
C SER F 81 -21.81 -7.65 -18.58
N GLY F 82 -21.82 -6.53 -17.85
CA GLY F 82 -21.17 -5.33 -18.34
C GLY F 82 -22.13 -4.20 -18.68
N LYS F 83 -23.42 -4.50 -18.74
CA LYS F 83 -24.42 -3.50 -19.04
C LYS F 83 -25.18 -3.09 -17.80
N PHE F 84 -24.79 -3.63 -16.65
CA PHE F 84 -25.46 -3.33 -15.41
C PHE F 84 -24.71 -2.27 -14.60
N LEU F 85 -25.28 -1.05 -14.54
CA LEU F 85 -24.69 0.04 -13.80
C LEU F 85 -23.27 0.37 -14.24
N SER F 86 -23.08 0.62 -15.53
CA SER F 86 -21.75 0.95 -16.01
C SER F 86 -21.66 2.46 -16.24
N HIS F 87 -20.44 2.97 -16.31
CA HIS F 87 -20.17 4.39 -16.54
C HIS F 87 -20.50 5.29 -15.37
N TRP F 88 -20.83 4.72 -14.21
CA TRP F 88 -21.14 5.54 -13.04
C TRP F 88 -19.96 6.37 -12.57
N ASP F 89 -18.74 5.90 -12.80
CA ASP F 89 -17.57 6.63 -12.33
C ASP F 89 -16.83 7.44 -13.39
N HIS F 90 -17.53 7.79 -14.46
CA HIS F 90 -16.94 8.58 -15.53
C HIS F 90 -16.53 9.93 -14.94
N ILE F 91 -17.28 10.39 -13.96
CA ILE F 91 -17.00 11.67 -13.32
C ILE F 91 -15.63 11.70 -12.64
N THR F 92 -15.11 10.54 -12.24
CA THR F 92 -13.80 10.52 -11.59
C THR F 92 -12.68 10.65 -12.62
N ARG F 93 -13.04 10.64 -13.90
CA ARG F 93 -12.05 10.76 -14.97
C ARG F 93 -11.96 12.20 -15.50
N ILE F 94 -12.89 13.04 -15.10
CA ILE F 94 -12.88 14.43 -15.54
C ILE F 94 -11.67 15.12 -14.91
N LYS F 95 -10.85 15.78 -15.73
CA LYS F 95 -9.66 16.47 -15.25
C LYS F 95 -9.97 17.80 -14.55
N LYS F 96 -11.04 18.46 -14.98
CA LYS F 96 -11.43 19.74 -14.40
C LYS F 96 -12.15 19.57 -13.07
N PRO F 97 -12.05 20.55 -12.17
CA PRO F 97 -12.71 20.49 -10.87
C PRO F 97 -14.22 20.39 -10.98
N VAL F 98 -14.84 19.60 -10.11
CA VAL F 98 -16.28 19.45 -10.11
C VAL F 98 -16.81 19.71 -8.69
N ILE F 99 -17.71 20.69 -8.55
CA ILE F 99 -18.29 21.02 -7.25
C ILE F 99 -19.73 20.52 -7.21
N ALA F 100 -20.07 19.81 -6.14
CA ALA F 100 -21.44 19.33 -5.98
C ALA F 100 -22.17 20.28 -5.05
N ALA F 101 -23.31 20.80 -5.50
CA ALA F 101 -24.11 21.70 -4.71
C ALA F 101 -25.30 20.86 -4.28
N VAL F 102 -25.28 20.42 -3.04
CA VAL F 102 -26.32 19.55 -2.54
C VAL F 102 -27.43 20.16 -1.70
N ASN F 103 -28.64 20.15 -2.24
CA ASN F 103 -29.80 20.64 -1.51
C ASN F 103 -30.69 19.42 -1.30
N GLY F 104 -31.30 19.33 -0.13
CA GLY F 104 -32.18 18.21 0.14
C GLY F 104 -31.53 16.84 0.20
N TYR F 105 -32.27 15.83 -0.22
CA TYR F 105 -31.82 14.45 -0.22
C TYR F 105 -30.64 14.11 -1.12
N ALA F 106 -29.69 13.38 -0.54
CA ALA F 106 -28.50 12.90 -1.23
C ALA F 106 -28.32 11.52 -0.62
N LEU F 107 -29.04 10.55 -1.16
CA LEU F 107 -29.01 9.19 -0.64
C LEU F 107 -28.48 8.15 -1.62
N GLY F 108 -27.88 7.09 -1.06
CA GLY F 108 -27.33 6.01 -1.87
C GLY F 108 -26.47 6.56 -2.99
N GLY F 109 -26.77 6.15 -4.22
CA GLY F 109 -26.02 6.63 -5.36
C GLY F 109 -25.91 8.14 -5.41
N GLY F 110 -26.86 8.82 -4.79
CA GLY F 110 -26.87 10.27 -4.79
C GLY F 110 -25.74 10.79 -3.93
N CYS F 111 -25.62 10.21 -2.74
CA CYS F 111 -24.57 10.58 -1.81
C CYS F 111 -23.21 10.20 -2.43
N GLU F 112 -23.17 9.04 -3.07
CA GLU F 112 -21.95 8.57 -3.71
C GLU F 112 -21.51 9.43 -4.88
N LEU F 113 -22.49 10.00 -5.57
CA LEU F 113 -22.18 10.85 -6.71
C LEU F 113 -21.56 12.15 -6.18
N ALA F 114 -22.10 12.66 -5.08
CA ALA F 114 -21.59 13.88 -4.48
C ALA F 114 -20.16 13.66 -3.98
N MET F 115 -19.91 12.50 -3.38
CA MET F 115 -18.56 12.19 -2.87
C MET F 115 -17.53 12.01 -3.98
N MET F 116 -17.99 11.74 -5.19
CA MET F 116 -17.08 11.57 -6.32
C MET F 116 -16.60 12.93 -6.79
N CYS F 117 -17.37 13.97 -6.47
CA CYS F 117 -16.97 15.32 -6.86
C CYS F 117 -15.81 15.73 -5.98
N ASP F 118 -15.12 16.79 -6.38
CA ASP F 118 -13.97 17.26 -5.62
C ASP F 118 -14.35 18.06 -4.39
N ILE F 119 -15.41 18.86 -4.52
CA ILE F 119 -15.86 19.69 -3.42
C ILE F 119 -17.36 19.57 -3.25
N ILE F 120 -17.82 19.59 -2.00
CA ILE F 120 -19.24 19.52 -1.75
C ILE F 120 -19.73 20.70 -0.90
N TYR F 121 -20.75 21.38 -1.39
CA TYR F 121 -21.39 22.47 -0.67
C TYR F 121 -22.78 21.95 -0.38
N ALA F 122 -23.26 22.11 0.85
CA ALA F 122 -24.59 21.63 1.21
C ALA F 122 -25.52 22.74 1.64
N GLY F 123 -26.80 22.56 1.34
CA GLY F 123 -27.80 23.54 1.73
C GLY F 123 -28.15 23.24 3.17
N GLU F 124 -28.66 24.23 3.90
CA GLU F 124 -29.03 24.05 5.30
C GLU F 124 -29.93 22.84 5.57
N LYS F 125 -30.71 22.44 4.58
CA LYS F 125 -31.63 21.32 4.75
C LYS F 125 -31.17 20.02 4.11
N ALA F 126 -29.95 20.01 3.59
CA ALA F 126 -29.46 18.80 2.94
C ALA F 126 -29.37 17.64 3.91
N GLN F 127 -29.51 16.43 3.39
CA GLN F 127 -29.42 15.22 4.18
C GLN F 127 -28.66 14.16 3.41
N PHE F 128 -27.67 13.56 4.06
CA PHE F 128 -26.86 12.52 3.42
C PHE F 128 -27.11 11.18 4.07
N GLY F 129 -27.04 10.12 3.28
CA GLY F 129 -27.25 8.80 3.83
C GLY F 129 -26.97 7.69 2.85
N GLN F 130 -26.76 6.48 3.38
CA GLN F 130 -26.50 5.29 2.58
C GLN F 130 -27.51 4.26 3.08
N PRO F 131 -28.73 4.28 2.54
CA PRO F 131 -29.79 3.35 2.95
C PRO F 131 -29.82 2.01 2.23
N GLU F 132 -28.78 1.72 1.44
CA GLU F 132 -28.71 0.47 0.72
C GLU F 132 -29.03 -0.72 1.61
N ILE F 133 -28.53 -0.71 2.84
CA ILE F 133 -28.74 -1.81 3.78
C ILE F 133 -30.24 -2.12 3.98
N LEU F 134 -31.08 -1.09 3.88
CA LEU F 134 -32.51 -1.26 4.07
C LEU F 134 -33.15 -1.99 2.89
N LEU F 135 -32.45 -2.01 1.76
CA LEU F 135 -32.96 -2.68 0.56
C LEU F 135 -32.32 -4.06 0.40
N GLY F 136 -31.62 -4.51 1.44
CA GLY F 136 -30.97 -5.80 1.36
C GLY F 136 -29.73 -5.82 0.46
N THR F 137 -29.04 -4.68 0.37
CA THR F 137 -27.81 -4.61 -0.43
C THR F 137 -26.82 -3.66 0.27
N ILE F 138 -25.66 -3.42 -0.34
CA ILE F 138 -24.68 -2.53 0.25
C ILE F 138 -24.28 -1.46 -0.75
N PRO F 139 -23.65 -0.38 -0.27
CA PRO F 139 -23.21 0.70 -1.18
C PRO F 139 -22.32 0.08 -2.25
N GLY F 140 -22.52 0.47 -3.51
CA GLY F 140 -21.72 -0.10 -4.57
C GLY F 140 -21.01 0.91 -5.45
N ALA F 141 -20.98 2.17 -5.01
CA ALA F 141 -20.32 3.22 -5.77
C ALA F 141 -19.44 4.09 -4.89
N GLY F 142 -18.77 3.47 -3.93
CA GLY F 142 -17.87 4.21 -3.04
C GLY F 142 -18.41 4.57 -1.67
N GLY F 143 -19.65 4.19 -1.39
CA GLY F 143 -20.26 4.52 -0.12
C GLY F 143 -19.57 3.97 1.12
N THR F 144 -18.80 2.89 0.97
CA THR F 144 -18.11 2.33 2.13
C THR F 144 -16.66 2.73 2.14
N GLN F 145 -16.23 3.38 1.05
CA GLN F 145 -14.83 3.79 0.91
C GLN F 145 -14.61 5.28 1.07
N ARG F 146 -15.25 6.09 0.22
CA ARG F 146 -15.09 7.53 0.29
C ARG F 146 -15.66 8.08 1.58
N LEU F 147 -16.81 7.54 1.97
CA LEU F 147 -17.47 7.99 3.19
C LEU F 147 -16.59 7.77 4.42
N THR F 148 -16.13 6.53 4.58
CA THR F 148 -15.28 6.14 5.70
C THR F 148 -13.99 6.97 5.78
N ARG F 149 -13.38 7.26 4.64
CA ARG F 149 -12.15 8.04 4.62
C ARG F 149 -12.36 9.52 4.98
N ALA F 150 -13.59 10.00 4.88
CA ALA F 150 -13.86 11.39 5.20
C ALA F 150 -14.41 11.56 6.61
N VAL F 151 -15.35 10.69 6.94
CA VAL F 151 -16.07 10.73 8.20
C VAL F 151 -15.56 9.93 9.40
N GLY F 152 -14.71 8.94 9.17
CA GLY F 152 -14.22 8.14 10.29
C GLY F 152 -15.01 6.84 10.37
N LYS F 153 -14.42 5.80 10.97
CA LYS F 153 -15.06 4.50 11.06
C LYS F 153 -16.40 4.43 11.81
N SER F 154 -16.46 5.06 12.98
CA SER F 154 -17.69 4.99 13.76
C SER F 154 -18.91 5.54 13.04
N LEU F 155 -18.83 6.77 12.54
CA LEU F 155 -19.97 7.35 11.82
C LEU F 155 -20.26 6.63 10.50
N ALA F 156 -19.23 6.17 9.80
CA ALA F 156 -19.45 5.45 8.55
C ALA F 156 -20.17 4.12 8.84
N MET F 157 -19.69 3.39 9.85
CA MET F 157 -20.32 2.12 10.21
C MET F 157 -21.78 2.34 10.62
N GLU F 158 -22.01 3.36 11.42
CA GLU F 158 -23.36 3.66 11.86
C GLU F 158 -24.28 3.98 10.69
N MET F 159 -23.80 4.79 9.76
CA MET F 159 -24.59 5.16 8.59
C MET F 159 -24.87 3.98 7.67
N VAL F 160 -23.84 3.20 7.38
CA VAL F 160 -23.97 2.07 6.47
C VAL F 160 -24.76 0.88 7.03
N LEU F 161 -24.62 0.61 8.33
CA LEU F 161 -25.31 -0.52 8.93
C LEU F 161 -26.75 -0.24 9.39
N THR F 162 -27.07 1.03 9.67
CA THR F 162 -28.43 1.36 10.11
C THR F 162 -29.25 1.99 8.99
N GLY F 163 -28.60 2.74 8.13
CA GLY F 163 -29.29 3.40 7.03
C GLY F 163 -29.72 4.80 7.43
N ASP F 164 -29.43 5.19 8.66
CA ASP F 164 -29.81 6.52 9.14
C ASP F 164 -29.18 7.64 8.33
N ARG F 165 -29.89 8.76 8.25
CA ARG F 165 -29.41 9.93 7.52
C ARG F 165 -28.76 10.91 8.47
N ILE F 166 -27.87 11.76 7.96
CA ILE F 166 -27.24 12.76 8.79
C ILE F 166 -27.54 14.12 8.20
N SER F 167 -27.54 15.15 9.03
CA SER F 167 -27.83 16.50 8.58
C SER F 167 -26.62 17.16 7.93
N ALA F 168 -26.84 18.32 7.32
CA ALA F 168 -25.78 19.07 6.67
C ALA F 168 -24.76 19.50 7.71
N GLN F 169 -25.25 19.84 8.90
CA GLN F 169 -24.37 20.25 10.00
C GLN F 169 -23.45 19.12 10.40
N ASP F 170 -24.00 17.92 10.53
CA ASP F 170 -23.19 16.76 10.88
C ASP F 170 -22.16 16.46 9.79
N ALA F 171 -22.58 16.61 8.53
CA ALA F 171 -21.69 16.36 7.39
C ALA F 171 -20.51 17.32 7.38
N LYS F 172 -20.76 18.57 7.72
CA LYS F 172 -19.73 19.59 7.75
C LYS F 172 -18.75 19.33 8.89
N GLN F 173 -19.31 18.99 10.05
CA GLN F 173 -18.51 18.70 11.23
C GLN F 173 -17.61 17.50 11.02
N ALA F 174 -18.13 16.50 10.32
CA ALA F 174 -17.38 15.28 10.05
C ALA F 174 -16.39 15.41 8.88
N GLY F 175 -16.49 16.49 8.12
CA GLY F 175 -15.58 16.68 7.00
C GLY F 175 -16.09 16.16 5.65
N LEU F 176 -17.35 15.72 5.60
CA LEU F 176 -17.92 15.20 4.37
C LEU F 176 -18.13 16.35 3.38
N VAL F 177 -18.56 17.49 3.89
CA VAL F 177 -18.77 18.66 3.06
C VAL F 177 -17.95 19.78 3.67
N SER F 178 -17.53 20.77 2.87
CA SER F 178 -16.71 21.84 3.40
C SER F 178 -17.42 23.15 3.68
N LYS F 179 -18.66 23.30 3.22
CA LYS F 179 -19.41 24.53 3.46
C LYS F 179 -20.91 24.32 3.46
N ILE F 180 -21.60 25.09 4.31
CA ILE F 180 -23.04 25.03 4.36
C ILE F 180 -23.56 26.42 4.01
N PHE F 181 -24.60 26.47 3.19
CA PHE F 181 -25.20 27.74 2.79
C PHE F 181 -26.72 27.62 2.81
N PRO F 182 -27.42 28.77 2.86
CA PRO F 182 -28.88 28.78 2.88
C PRO F 182 -29.38 28.11 1.60
N VAL F 183 -30.51 27.42 1.70
CA VAL F 183 -31.08 26.74 0.54
C VAL F 183 -31.14 27.58 -0.74
N GLU F 184 -31.51 28.85 -0.62
CA GLU F 184 -31.64 29.68 -1.80
C GLU F 184 -30.39 30.31 -2.39
N THR F 185 -29.29 30.31 -1.65
CA THR F 185 -28.05 30.87 -2.16
C THR F 185 -26.99 29.79 -2.44
N LEU F 186 -27.31 28.54 -2.12
CA LEU F 186 -26.38 27.43 -2.33
C LEU F 186 -25.76 27.40 -3.72
N VAL F 187 -26.58 27.14 -4.73
CA VAL F 187 -26.08 27.05 -6.10
C VAL F 187 -25.23 28.25 -6.50
N GLU F 188 -25.60 29.43 -6.02
CA GLU F 188 -24.87 30.64 -6.35
C GLU F 188 -23.49 30.65 -5.69
N GLU F 189 -23.46 30.22 -4.44
CA GLU F 189 -22.20 30.18 -3.72
C GLU F 189 -21.29 29.17 -4.39
N ALA F 190 -21.88 28.08 -4.86
CA ALA F 190 -21.12 27.04 -5.53
C ALA F 190 -20.51 27.60 -6.80
N ILE F 191 -21.32 28.37 -7.54
CA ILE F 191 -20.86 28.98 -8.79
C ILE F 191 -19.74 29.98 -8.53
N GLN F 192 -19.83 30.71 -7.44
CA GLN F 192 -18.78 31.68 -7.11
C GLN F 192 -17.50 30.93 -6.82
N CYS F 193 -17.61 29.77 -6.19
CA CYS F 193 -16.44 28.97 -5.88
C CYS F 193 -15.83 28.48 -7.19
N ALA F 194 -16.68 27.95 -8.07
CA ALA F 194 -16.23 27.47 -9.36
C ALA F 194 -15.52 28.59 -10.11
N GLU F 195 -16.04 29.81 -9.95
CA GLU F 195 -15.45 30.97 -10.60
C GLU F 195 -14.02 31.23 -10.15
N LYS F 196 -13.78 31.19 -8.84
CA LYS F 196 -12.44 31.42 -8.31
C LYS F 196 -11.47 30.43 -8.96
N ILE F 197 -11.90 29.17 -9.03
CA ILE F 197 -11.08 28.12 -9.61
C ILE F 197 -10.84 28.33 -11.09
N ALA F 198 -11.89 28.68 -11.81
CA ALA F 198 -11.79 28.90 -13.24
C ALA F 198 -10.83 30.02 -13.60
N ASN F 199 -10.59 30.94 -12.65
CA ASN F 199 -9.68 32.05 -12.90
C ASN F 199 -8.22 31.65 -12.87
N ASN F 200 -7.92 30.50 -12.28
CA ASN F 200 -6.53 30.04 -12.21
C ASN F 200 -6.17 29.25 -13.47
N SER F 201 -4.88 29.02 -13.66
CA SER F 201 -4.40 28.27 -14.82
C SER F 201 -5.05 26.88 -14.87
N LYS F 202 -5.67 26.56 -15.99
CA LYS F 202 -6.34 25.26 -16.13
C LYS F 202 -5.35 24.10 -16.05
N ILE F 203 -4.15 24.30 -16.54
CA ILE F 203 -3.17 23.24 -16.51
C ILE F 203 -2.59 23.04 -15.09
N ILE F 204 -2.43 24.12 -14.36
CA ILE F 204 -1.91 24.01 -13.00
C ILE F 204 -3.01 23.43 -12.09
N VAL F 205 -4.25 23.86 -12.30
CA VAL F 205 -5.36 23.37 -11.52
C VAL F 205 -5.53 21.86 -11.67
N ALA F 206 -5.35 21.37 -12.89
CA ALA F 206 -5.49 19.93 -13.15
C ALA F 206 -4.41 19.13 -12.41
N MET F 207 -3.21 19.69 -12.31
CA MET F 207 -2.12 19.03 -11.61
C MET F 207 -2.36 19.01 -10.11
N ALA F 208 -2.86 20.11 -9.57
CA ALA F 208 -3.14 20.20 -8.14
C ALA F 208 -4.22 19.18 -7.76
N LYS F 209 -5.24 19.06 -8.60
CA LYS F 209 -6.32 18.12 -8.36
C LYS F 209 -5.81 16.67 -8.34
N GLU F 210 -4.88 16.36 -9.26
CA GLU F 210 -4.33 15.01 -9.31
C GLU F 210 -3.54 14.72 -8.03
N SER F 211 -2.79 15.71 -7.59
CA SER F 211 -1.96 15.55 -6.41
C SER F 211 -2.78 15.26 -5.16
N VAL F 212 -3.88 15.99 -5.00
CA VAL F 212 -4.75 15.79 -3.85
C VAL F 212 -5.39 14.41 -3.91
N ASN F 213 -5.86 14.02 -5.10
CA ASN F 213 -6.48 12.70 -5.26
C ASN F 213 -5.50 11.57 -4.95
N ALA F 214 -4.22 11.80 -5.20
CA ALA F 214 -3.21 10.78 -4.95
C ALA F 214 -3.06 10.46 -3.46
N ALA F 215 -3.56 11.36 -2.61
CA ALA F 215 -3.45 11.17 -1.16
C ALA F 215 -4.17 9.92 -0.68
N PHE F 216 -5.12 9.42 -1.47
CA PHE F 216 -5.85 8.22 -1.09
C PHE F 216 -5.37 6.99 -1.85
N GLU F 217 -4.29 7.12 -2.61
CA GLU F 217 -3.81 5.99 -3.41
C GLU F 217 -2.40 5.50 -3.10
N MET F 218 -1.75 6.11 -2.11
CA MET F 218 -0.39 5.71 -1.79
C MET F 218 0.01 6.18 -0.41
N THR F 219 1.15 5.68 0.07
CA THR F 219 1.66 6.07 1.38
C THR F 219 2.04 7.54 1.36
N LEU F 220 2.15 8.15 2.54
CA LEU F 220 2.52 9.56 2.62
C LEU F 220 3.90 9.81 2.01
N THR F 221 4.85 8.91 2.28
CA THR F 221 6.20 9.07 1.74
C THR F 221 6.19 9.19 0.21
N GLU F 222 5.47 8.28 -0.45
CA GLU F 222 5.42 8.30 -1.91
C GLU F 222 4.53 9.44 -2.40
N GLY F 223 3.50 9.74 -1.64
CA GLY F 223 2.61 10.81 -2.03
C GLY F 223 3.39 12.11 -2.13
N ASN F 224 4.28 12.34 -1.17
CA ASN F 224 5.09 13.55 -1.17
C ASN F 224 6.09 13.58 -2.32
N LYS F 225 6.59 12.41 -2.72
CA LYS F 225 7.54 12.38 -3.83
C LYS F 225 6.81 12.70 -5.12
N LEU F 226 5.62 12.15 -5.26
CA LEU F 226 4.82 12.41 -6.45
C LEU F 226 4.50 13.89 -6.53
N GLU F 227 4.04 14.46 -5.42
CA GLU F 227 3.69 15.87 -5.34
C GLU F 227 4.87 16.74 -5.76
N LYS F 228 6.06 16.36 -5.33
CA LYS F 228 7.27 17.11 -5.65
C LYS F 228 7.53 17.09 -7.16
N LYS F 229 7.32 15.92 -7.80
CA LYS F 229 7.53 15.82 -9.24
C LYS F 229 6.58 16.75 -9.97
N LEU F 230 5.33 16.79 -9.52
CA LEU F 230 4.31 17.63 -10.11
C LEU F 230 4.68 19.10 -9.93
N PHE F 231 5.19 19.42 -8.76
CA PHE F 231 5.59 20.79 -8.46
C PHE F 231 6.72 21.22 -9.41
N TYR F 232 7.69 20.34 -9.57
CA TYR F 232 8.83 20.61 -10.46
C TYR F 232 8.31 20.86 -11.87
N SER F 233 7.39 20.00 -12.32
CA SER F 233 6.86 20.11 -13.67
C SER F 233 6.11 21.42 -13.95
N THR F 234 5.61 22.08 -12.91
CA THR F 234 4.90 23.34 -13.13
C THR F 234 5.89 24.39 -13.59
N PHE F 235 7.17 24.17 -13.31
CA PHE F 235 8.21 25.12 -13.71
C PHE F 235 8.51 25.06 -15.20
N ALA F 236 7.75 24.23 -15.91
CA ALA F 236 7.91 24.09 -17.35
C ALA F 236 6.76 24.79 -18.05
N THR F 237 5.93 25.46 -17.27
CA THR F 237 4.78 26.16 -17.84
C THR F 237 5.02 27.67 -17.84
N ASP F 238 4.26 28.38 -18.66
CA ASP F 238 4.40 29.82 -18.73
C ASP F 238 3.63 30.47 -17.60
N ASP F 239 2.45 29.92 -17.29
CA ASP F 239 1.61 30.46 -16.23
C ASP F 239 2.30 30.50 -14.87
N ARG F 240 3.24 29.60 -14.63
CA ARG F 240 3.93 29.62 -13.36
C ARG F 240 4.78 30.87 -13.32
N ARG F 241 5.51 31.14 -14.40
CA ARG F 241 6.34 32.34 -14.48
C ARG F 241 5.47 33.59 -14.37
N GLU F 242 4.40 33.62 -15.14
CA GLU F 242 3.45 34.73 -15.12
C GLU F 242 2.89 34.94 -13.72
N GLY F 243 2.54 33.84 -13.06
CA GLY F 243 1.97 33.90 -11.72
C GLY F 243 2.87 34.48 -10.65
N MET F 244 4.15 34.10 -10.66
CA MET F 244 5.07 34.61 -9.67
C MET F 244 5.55 36.03 -9.98
N SER F 245 5.43 36.42 -11.25
CA SER F 245 5.83 37.77 -11.68
C SER F 245 4.76 38.73 -11.22
N ALA F 246 3.50 38.33 -11.40
CA ALA F 246 2.35 39.13 -11.00
C ALA F 246 2.41 39.47 -9.52
N PHE F 247 3.10 38.63 -8.75
CA PHE F 247 3.20 38.88 -7.31
C PHE F 247 4.21 39.96 -6.97
N VAL F 248 5.47 39.76 -7.37
CA VAL F 248 6.49 40.75 -7.06
C VAL F 248 6.14 42.06 -7.72
N GLU F 249 5.64 41.99 -8.95
CA GLU F 249 5.24 43.18 -9.69
C GLU F 249 3.94 43.74 -9.16
N LYS F 250 3.50 43.16 -8.04
CA LYS F 250 2.28 43.58 -7.35
C LYS F 250 1.12 43.98 -8.27
N ARG F 251 0.81 43.10 -9.20
CA ARG F 251 -0.28 43.32 -10.15
C ARG F 251 -1.09 42.03 -10.22
N LYS F 252 -2.21 42.08 -10.94
CA LYS F 252 -3.07 40.92 -11.12
C LYS F 252 -2.47 40.00 -12.18
N ALA F 253 -2.56 38.70 -11.95
CA ALA F 253 -2.02 37.72 -12.87
C ALA F 253 -3.05 37.33 -13.92
N ASN F 254 -2.59 37.15 -15.15
CA ASN F 254 -3.48 36.76 -16.24
C ASN F 254 -2.96 35.47 -16.85
N PHE F 255 -3.55 34.37 -16.40
CA PHE F 255 -3.13 33.06 -16.88
C PHE F 255 -3.68 32.72 -18.27
N LYS F 256 -2.85 32.07 -19.07
CA LYS F 256 -3.26 31.74 -20.42
C LYS F 256 -3.28 30.24 -20.69
N ASP F 257 -3.44 29.48 -19.62
CA ASP F 257 -3.51 28.02 -19.66
C ASP F 257 -2.37 27.27 -20.33
N HIS F 258 -1.14 27.53 -19.88
CA HIS F 258 0.02 26.83 -20.39
C HIS F 258 1.29 27.46 -19.87
#